data_8CXV
#
_entry.id   8CXV
#
_cell.length_a   81.460
_cell.length_b   161.341
_cell.length_c   229.787
_cell.angle_alpha   90.000
_cell.angle_beta   90.000
_cell.angle_gamma   90.000
#
_symmetry.space_group_name_H-M   'P 21 21 21'
#
loop_
_entity.id
_entity.type
_entity.pdbx_description
1 polymer 'Site-specific DNA-methyltransferase (adenine-specific)'
2 polymer 'DNA Strand 1'
3 polymer 'DNA Strand 2'
4 non-polymer 1,2-ETHANEDIOL
5 non-polymer 'POTASSIUM ION'
6 non-polymer N-[(4-hydroxyphenyl)methyl]adenosine
7 water water
#
loop_
_entity_poly.entity_id
_entity_poly.type
_entity_poly.pdbx_seq_one_letter_code
_entity_poly.pdbx_strand_id
1 'polypeptide(L)'
;HMDDISQDNFLLSKEYENSLDVDTKKASGIYYTPKIIVDYIVKKTLKNHDIIKNPYPRILDISCGCGNFLLEVYDILYDL
FEENIYELKKKYDENYWTVDNIHRHILNYCIYGADIDEKAISILKDSLTNKKVVNDLDESDIKINLFCCDSLKKKWRYKF
DYIVGNPPYIGHKKLEKKYKKFLLEKYSEVYKDKADLYFCFYKKIIDILKQGGIGSVITPRYFLESLSGKDLREYIKSNV
NVQEIVDFLGANIFKNIGVSSCILTFDKKKTKETYIDVFKIKNEDICINKFETLEELLKSSKFEHFNINQRLLSDEWILV
NKDDETFYNKIQEKCKYSLEDIAISFQGIITGCDKAFILSKDDVKLNLVDDKFLKCWIKSKNINKYIVDKSEYRLIYSND
IDNENTNKRILDEIIGLYKTKLENRRECKSGIRKWYELQWGREKLFFERKKIMYPYKSNENRFAIDYDNNFSSADVYSFF
IKEEYLDKFSYEYLVGILNSSVYDKYFKITAKKMSKNIYDYYPNKVMKIRIFRDNNYEEIENLSKQIISILLNKSIDKGK
VEKLQIKMDNLIMDSLGI
;
A,B,C
2 'polydeoxyribonucleotide' (DT)(DT)(DC)(DA)(DA)(DA)(DA)(DA)(DG)(DT)(DC)(DC)(DC)(DA) D,F,H
3 'polydeoxyribonucleotide' (DA)(DT)(DG)(DG)(DG)(DA)(DC)(DT)(DT)(DT)(DT)(DT)(DG)(DA) E,G,I
#
# COMPACT_ATOMS: atom_id res chain seq x y z
N GLY A 29 5.26 37.08 -32.69
CA GLY A 29 5.54 35.67 -32.87
C GLY A 29 6.11 35.32 -34.24
N ILE A 30 6.32 36.35 -35.07
CA ILE A 30 6.84 36.19 -36.41
C ILE A 30 8.18 36.92 -36.50
N TYR A 31 9.22 36.20 -36.95
CA TYR A 31 10.57 36.72 -37.02
C TYR A 31 11.04 36.76 -38.48
N TYR A 32 11.73 37.85 -38.84
CA TYR A 32 12.15 38.08 -40.22
C TYR A 32 13.61 37.68 -40.38
N THR A 33 13.85 36.66 -41.19
CA THR A 33 15.20 36.23 -41.51
C THR A 33 15.83 37.19 -42.51
N PRO A 34 17.09 37.62 -42.30
CA PRO A 34 17.72 38.52 -43.27
C PRO A 34 17.77 37.92 -44.67
N LYS A 35 17.53 38.78 -45.67
CA LYS A 35 17.40 38.32 -47.05
C LYS A 35 18.67 37.62 -47.52
N ILE A 36 19.84 38.10 -47.07
CA ILE A 36 21.10 37.51 -47.52
C ILE A 36 21.21 36.07 -47.05
N ILE A 37 20.59 35.73 -45.92
CA ILE A 37 20.61 34.36 -45.41
C ILE A 37 19.52 33.51 -46.05
N VAL A 38 18.35 34.10 -46.33
CA VAL A 38 17.31 33.38 -47.05
C VAL A 38 17.81 32.97 -48.43
N ASP A 39 18.40 33.91 -49.17
CA ASP A 39 18.92 33.59 -50.49
C ASP A 39 19.99 32.51 -50.43
N TYR A 40 20.84 32.55 -49.41
CA TYR A 40 21.87 31.52 -49.27
C TYR A 40 21.25 30.15 -49.03
N ILE A 41 20.24 30.07 -48.15
CA ILE A 41 19.65 28.78 -47.79
C ILE A 41 18.92 28.18 -48.99
N VAL A 42 18.16 29.00 -49.72
CA VAL A 42 17.45 28.49 -50.89
C VAL A 42 18.45 28.05 -51.97
N LYS A 43 19.50 28.84 -52.18
CA LYS A 43 20.53 28.45 -53.16
C LYS A 43 21.21 27.15 -52.73
N LYS A 44 21.46 26.98 -51.44
CA LYS A 44 22.15 25.78 -50.96
C LYS A 44 21.41 24.50 -51.33
N THR A 45 20.08 24.54 -51.35
CA THR A 45 19.31 23.32 -51.63
C THR A 45 18.97 23.14 -53.10
N LEU A 46 18.88 24.22 -53.88
CA LEU A 46 18.37 24.13 -55.24
C LEU A 46 19.39 24.39 -56.33
N LYS A 47 20.62 24.81 -55.99
CA LYS A 47 21.53 25.30 -57.01
C LYS A 47 21.94 24.21 -58.01
N ASN A 48 21.93 22.95 -57.59
CA ASN A 48 22.35 21.85 -58.46
C ASN A 48 21.22 20.89 -58.76
N HIS A 49 19.97 21.31 -58.57
CA HIS A 49 18.85 20.43 -58.88
C HIS A 49 18.75 20.22 -60.39
N ASP A 50 18.58 18.95 -60.78
CA ASP A 50 18.44 18.60 -62.19
C ASP A 50 16.96 18.64 -62.53
N ILE A 51 16.50 19.80 -63.02
CA ILE A 51 15.08 19.98 -63.32
C ILE A 51 14.64 19.15 -64.52
N ILE A 52 15.56 18.80 -65.42
CA ILE A 52 15.20 17.92 -66.53
C ILE A 52 14.88 16.52 -66.02
N LYS A 53 15.73 16.00 -65.12
CA LYS A 53 15.50 14.67 -64.56
C LYS A 53 14.25 14.64 -63.68
N ASN A 54 14.04 15.68 -62.88
CA ASN A 54 12.89 15.74 -61.97
C ASN A 54 12.28 17.13 -62.03
N PRO A 55 11.29 17.34 -62.90
CA PRO A 55 10.58 18.62 -62.94
C PRO A 55 9.48 18.77 -61.90
N TYR A 56 9.39 17.87 -60.92
CA TYR A 56 8.38 17.94 -59.86
C TYR A 56 9.04 17.92 -58.48
N PRO A 57 9.95 18.85 -58.18
CA PRO A 57 10.54 18.87 -56.85
C PRO A 57 9.55 19.43 -55.83
N ARG A 58 9.52 18.82 -54.66
CA ARG A 58 8.67 19.28 -53.55
C ARG A 58 9.54 20.05 -52.56
N ILE A 59 9.29 21.36 -52.45
CA ILE A 59 10.04 22.23 -51.55
C ILE A 59 9.10 22.69 -50.45
N LEU A 60 9.51 22.49 -49.20
CA LEU A 60 8.64 22.68 -48.05
C LEU A 60 9.29 23.60 -47.03
N ASP A 61 8.45 24.44 -46.40
CA ASP A 61 8.83 25.20 -45.21
C ASP A 61 7.71 24.99 -44.20
N ILE A 62 8.04 24.39 -43.04
CA ILE A 62 7.01 24.04 -42.07
C ILE A 62 6.80 25.13 -41.03
N SER A 63 7.50 26.25 -41.13
CA SER A 63 7.21 27.44 -40.34
C SER A 63 7.32 28.65 -41.25
N CYS A 64 6.65 28.58 -42.41
CA CYS A 64 6.88 29.51 -43.52
C CYS A 64 6.55 30.96 -43.17
N GLY A 65 5.68 31.19 -42.18
CA GLY A 65 5.33 32.55 -41.83
C GLY A 65 4.68 33.26 -43.00
N CYS A 66 5.16 34.47 -43.31
CA CYS A 66 4.65 35.22 -44.44
C CYS A 66 5.26 34.79 -45.77
N GLY A 67 6.23 33.89 -45.75
CA GLY A 67 6.81 33.37 -46.96
C GLY A 67 8.16 33.94 -47.33
N ASN A 68 8.99 34.29 -46.34
CA ASN A 68 10.33 34.79 -46.63
C ASN A 68 11.09 33.81 -47.51
N PHE A 69 11.03 32.52 -47.17
CA PHE A 69 11.75 31.51 -47.93
C PHE A 69 10.97 31.09 -49.17
N LEU A 70 9.66 30.85 -49.03
CA LEU A 70 8.89 30.28 -50.12
C LEU A 70 8.79 31.23 -51.31
N LEU A 71 8.65 32.54 -51.06
CA LEU A 71 8.59 33.49 -52.15
C LEU A 71 9.90 33.52 -52.94
N GLU A 72 11.03 33.35 -52.24
CA GLU A 72 12.31 33.24 -52.93
C GLU A 72 12.44 31.90 -53.65
N VAL A 73 11.87 30.83 -53.09
CA VAL A 73 11.86 29.54 -53.77
C VAL A 73 11.10 29.65 -55.09
N TYR A 74 10.01 30.41 -55.10
CA TYR A 74 9.26 30.61 -56.34
C TYR A 74 10.14 31.23 -57.42
N ASP A 75 10.88 32.29 -57.06
CA ASP A 75 11.70 32.98 -58.04
C ASP A 75 12.79 32.06 -58.60
N ILE A 76 13.46 31.30 -57.71
CA ILE A 76 14.49 30.38 -58.17
C ILE A 76 13.89 29.31 -59.08
N LEU A 77 12.73 28.76 -58.69
CA LEU A 77 12.09 27.73 -59.51
C LEU A 77 11.68 28.28 -60.87
N TYR A 78 11.12 29.49 -60.89
CA TYR A 78 10.62 30.05 -62.15
C TYR A 78 11.75 30.20 -63.17
N ASP A 79 12.90 30.73 -62.75
CA ASP A 79 14.05 30.81 -63.63
C ASP A 79 14.51 29.43 -64.07
N LEU A 80 14.47 28.46 -63.14
CA LEU A 80 14.91 27.11 -63.44
C LEU A 80 14.04 26.48 -64.53
N PHE A 81 12.71 26.63 -64.43
CA PHE A 81 11.83 26.08 -65.46
C PHE A 81 11.95 26.86 -66.75
N GLU A 82 11.98 28.20 -66.67
CA GLU A 82 12.02 29.01 -67.87
C GLU A 82 13.31 28.81 -68.65
N GLU A 83 14.41 28.56 -67.96
CA GLU A 83 15.69 28.36 -68.63
C GLU A 83 15.75 27.05 -69.41
N ASN A 84 14.90 26.08 -69.07
CA ASN A 84 14.94 24.75 -69.67
C ASN A 84 13.58 24.38 -70.26
N ILE A 85 12.78 25.37 -70.63
CA ILE A 85 11.39 25.10 -71.00
C ILE A 85 11.30 24.27 -72.27
N TYR A 86 12.19 24.53 -73.24
CA TYR A 86 12.13 23.78 -74.49
C TYR A 86 12.68 22.37 -74.32
N GLU A 87 13.65 22.18 -73.45
CA GLU A 87 14.12 20.82 -73.17
C GLU A 87 13.04 20.00 -72.49
N LEU A 88 12.31 20.60 -71.55
CA LEU A 88 11.19 19.90 -70.93
C LEU A 88 10.09 19.63 -71.95
N LYS A 89 9.81 20.61 -72.80
CA LYS A 89 8.77 20.43 -73.82
C LYS A 89 9.10 19.27 -74.75
N LYS A 90 10.38 19.11 -75.10
CA LYS A 90 10.76 18.03 -76.00
C LYS A 90 10.75 16.67 -75.30
N LYS A 91 11.21 16.62 -74.05
CA LYS A 91 11.32 15.35 -73.33
C LYS A 91 9.97 14.85 -72.82
N TYR A 92 9.06 15.75 -72.47
CA TYR A 92 7.79 15.39 -71.84
C TYR A 92 6.62 15.92 -72.66
N ASP A 93 5.43 15.96 -72.07
CA ASP A 93 4.25 16.49 -72.75
C ASP A 93 4.53 17.89 -73.27
N GLU A 94 4.59 18.05 -74.60
CA GLU A 94 4.95 19.33 -75.19
C GLU A 94 3.86 20.37 -75.00
N ASN A 95 2.61 19.97 -74.81
CA ASN A 95 1.55 20.93 -74.54
C ASN A 95 1.56 21.39 -73.08
N TYR A 96 2.05 20.55 -72.16
CA TYR A 96 2.07 20.93 -70.76
C TYR A 96 3.18 21.95 -70.47
N TRP A 97 4.35 21.77 -71.08
CA TRP A 97 5.53 22.54 -70.72
C TRP A 97 5.63 23.78 -71.62
N THR A 98 4.94 24.83 -71.22
CA THR A 98 5.05 26.15 -71.84
C THR A 98 5.39 27.16 -70.76
N VAL A 99 5.91 28.31 -71.18
CA VAL A 99 6.27 29.35 -70.22
C VAL A 99 5.02 29.83 -69.48
N ASP A 100 3.90 29.95 -70.19
CA ASP A 100 2.68 30.44 -69.56
C ASP A 100 2.13 29.49 -68.52
N ASN A 101 2.59 28.23 -68.50
CA ASN A 101 2.11 27.24 -67.56
C ASN A 101 3.05 27.06 -66.37
N ILE A 102 4.18 27.78 -66.33
CA ILE A 102 5.15 27.58 -65.25
C ILE A 102 4.55 27.99 -63.90
N HIS A 103 3.85 29.12 -63.86
CA HIS A 103 3.30 29.61 -62.60
C HIS A 103 2.34 28.60 -61.98
N ARG A 104 1.42 28.07 -62.78
CA ARG A 104 0.47 27.08 -62.27
C ARG A 104 1.19 25.82 -61.82
N HIS A 105 2.19 25.37 -62.58
CA HIS A 105 2.88 24.12 -62.23
C HIS A 105 3.62 24.25 -60.90
N ILE A 106 4.26 25.38 -60.65
CA ILE A 106 4.99 25.57 -59.41
C ILE A 106 4.06 25.47 -58.21
N LEU A 107 2.90 26.12 -58.29
CA LEU A 107 1.99 26.15 -57.16
C LEU A 107 1.30 24.81 -56.95
N ASN A 108 1.04 24.07 -58.02
CA ASN A 108 0.33 22.80 -57.87
C ASN A 108 1.24 21.72 -57.29
N TYR A 109 2.50 21.67 -57.72
CA TYR A 109 3.34 20.51 -57.44
C TYR A 109 4.63 20.80 -56.70
N CYS A 110 5.03 22.06 -56.55
CA CYS A 110 6.39 22.32 -56.08
C CYS A 110 6.47 23.00 -54.72
N ILE A 111 5.65 24.00 -54.46
CA ILE A 111 5.78 24.82 -53.25
C ILE A 111 4.79 24.34 -52.20
N TYR A 112 5.30 24.06 -51.01
CA TYR A 112 4.50 23.63 -49.86
C TYR A 112 4.90 24.44 -48.65
N GLY A 113 3.91 24.82 -47.84
CA GLY A 113 4.19 25.62 -46.65
C GLY A 113 3.21 25.29 -45.55
N ALA A 114 3.67 25.48 -44.31
CA ALA A 114 2.84 25.26 -43.13
C ALA A 114 3.19 26.28 -42.06
N ASP A 115 2.17 26.80 -41.38
CA ASP A 115 2.41 27.71 -40.26
C ASP A 115 1.16 27.74 -39.39
N ILE A 116 1.38 27.98 -38.09
CA ILE A 116 0.26 28.01 -37.15
C ILE A 116 -0.52 29.32 -37.24
N ASP A 117 0.09 30.38 -37.78
CA ASP A 117 -0.54 31.70 -37.84
C ASP A 117 -1.40 31.79 -39.11
N GLU A 118 -2.71 31.93 -38.91
CA GLU A 118 -3.64 31.96 -40.04
C GLU A 118 -3.42 33.20 -40.91
N LYS A 119 -3.19 34.35 -40.28
CA LYS A 119 -3.05 35.59 -41.04
C LYS A 119 -1.81 35.55 -41.94
N ALA A 120 -0.72 34.98 -41.45
CA ALA A 120 0.49 34.86 -42.26
C ALA A 120 0.24 33.98 -43.47
N ILE A 121 -0.48 32.86 -43.29
CA ILE A 121 -0.79 31.98 -44.41
C ILE A 121 -1.62 32.72 -45.45
N SER A 122 -2.62 33.49 -45.00
CA SER A 122 -3.45 34.24 -45.94
C SER A 122 -2.63 35.25 -46.73
N ILE A 123 -1.70 35.93 -46.07
CA ILE A 123 -0.83 36.88 -46.75
C ILE A 123 0.06 36.17 -47.77
N LEU A 124 0.65 35.05 -47.37
CA LEU A 124 1.51 34.31 -48.30
C LEU A 124 0.72 33.76 -49.48
N LYS A 125 -0.51 33.31 -49.24
CA LYS A 125 -1.35 32.83 -50.34
C LYS A 125 -1.60 33.93 -51.36
N ASP A 126 -1.87 35.15 -50.89
CA ASP A 126 -2.03 36.28 -51.80
C ASP A 126 -0.73 36.59 -52.53
N SER A 127 0.40 36.53 -51.82
CA SER A 127 1.69 36.84 -52.45
C SER A 127 2.02 35.86 -53.56
N LEU A 128 1.80 34.56 -53.32
CA LEU A 128 2.03 33.56 -54.36
C LEU A 128 1.06 33.75 -55.52
N THR A 129 -0.20 34.08 -55.23
CA THR A 129 -1.16 34.33 -56.30
C THR A 129 -0.75 35.51 -57.15
N ASN A 130 -0.26 36.58 -56.51
CA ASN A 130 0.11 37.81 -57.21
C ASN A 130 1.44 37.71 -57.94
N LYS A 131 2.07 36.53 -57.96
CA LYS A 131 3.28 36.36 -58.76
C LYS A 131 2.99 36.37 -60.26
N LYS A 132 1.75 36.13 -60.66
CA LYS A 132 1.39 36.09 -62.07
C LYS A 132 1.02 37.48 -62.58
N ASP A 138 -10.80 35.28 -62.99
CA ASP A 138 -10.02 34.08 -62.70
C ASP A 138 -9.98 33.16 -63.92
N GLU A 139 -8.95 32.32 -63.97
CA GLU A 139 -8.81 31.35 -65.07
C GLU A 139 -9.25 29.96 -64.65
N SER A 140 -8.58 29.36 -63.65
CA SER A 140 -8.98 28.06 -63.17
C SER A 140 -8.88 27.87 -61.66
N ASP A 141 -8.61 28.93 -60.88
CA ASP A 141 -8.55 28.85 -59.41
C ASP A 141 -7.51 27.82 -58.95
N ILE A 142 -6.24 28.17 -59.21
CA ILE A 142 -5.12 27.30 -58.87
C ILE A 142 -5.11 27.01 -57.37
N LYS A 143 -4.87 25.74 -57.03
CA LYS A 143 -4.76 25.32 -55.63
C LYS A 143 -3.32 25.52 -55.15
N ILE A 144 -3.18 26.00 -53.92
CA ILE A 144 -1.89 26.31 -53.32
C ILE A 144 -1.72 25.45 -52.07
N ASN A 145 -0.57 24.78 -51.96
CA ASN A 145 -0.33 23.82 -50.89
C ASN A 145 0.19 24.53 -49.63
N LEU A 146 -0.71 25.28 -49.00
CA LEU A 146 -0.42 25.96 -47.75
C LEU A 146 -1.36 25.44 -46.67
N PHE A 147 -0.79 25.04 -45.53
CA PHE A 147 -1.55 24.46 -44.44
C PHE A 147 -1.41 25.32 -43.20
N CYS A 148 -2.53 25.74 -42.63
CA CYS A 148 -2.53 26.43 -41.34
C CYS A 148 -2.76 25.37 -40.28
N CYS A 149 -1.70 24.98 -39.58
CA CYS A 149 -1.75 23.85 -38.68
C CYS A 149 -0.50 23.87 -37.80
N ASP A 150 -0.46 22.95 -36.85
CA ASP A 150 0.74 22.67 -36.06
C ASP A 150 1.57 21.65 -36.83
N SER A 151 2.74 22.07 -37.32
CA SER A 151 3.56 21.18 -38.14
C SER A 151 4.04 19.97 -37.38
N LEU A 152 4.08 20.03 -36.05
CA LEU A 152 4.50 18.89 -35.24
C LEU A 152 3.38 17.86 -35.03
N LYS A 153 2.14 18.21 -35.36
CA LYS A 153 1.02 17.29 -35.25
C LYS A 153 0.43 16.88 -36.60
N LYS A 154 0.77 17.60 -37.67
CA LYS A 154 0.18 17.29 -38.97
C LYS A 154 0.59 15.91 -39.45
N LYS A 155 -0.39 15.16 -39.95
CA LYS A 155 -0.11 13.88 -40.61
C LYS A 155 0.37 14.19 -42.03
N TRP A 156 1.68 14.15 -42.24
CA TRP A 156 2.26 14.45 -43.53
C TRP A 156 2.07 13.26 -44.46
N ARG A 157 1.38 13.49 -45.58
CA ARG A 157 0.99 12.40 -46.47
C ARG A 157 2.11 11.94 -47.39
N TYR A 158 3.23 12.67 -47.45
CA TYR A 158 4.36 12.28 -48.30
C TYR A 158 5.60 13.04 -47.84
N LYS A 159 6.75 12.58 -48.31
CA LYS A 159 8.03 13.19 -47.99
C LYS A 159 8.39 14.23 -49.05
N PHE A 160 9.47 14.97 -48.80
CA PHE A 160 9.80 16.15 -49.58
C PHE A 160 11.24 16.11 -50.04
N ASP A 161 11.47 16.69 -51.24
CA ASP A 161 12.82 16.74 -51.80
C ASP A 161 13.68 17.76 -51.07
N TYR A 162 13.14 18.93 -50.78
CA TYR A 162 13.90 20.03 -50.20
C TYR A 162 13.08 20.69 -49.10
N ILE A 163 13.72 20.94 -47.96
CA ILE A 163 13.08 21.59 -46.82
C ILE A 163 13.97 22.74 -46.36
N VAL A 164 13.39 23.93 -46.24
CA VAL A 164 14.12 25.12 -45.81
C VAL A 164 13.26 25.87 -44.80
N GLY A 165 13.90 26.74 -44.03
CA GLY A 165 13.16 27.71 -43.25
C GLY A 165 13.81 28.02 -41.91
N ASN A 166 13.08 28.79 -41.11
CA ASN A 166 13.51 29.23 -39.79
C ASN A 166 12.48 28.79 -38.76
N PRO A 167 12.74 27.73 -38.00
CA PRO A 167 11.73 27.21 -37.07
C PRO A 167 11.55 28.12 -35.87
N PRO A 168 10.48 27.94 -35.11
CA PRO A 168 10.35 28.69 -33.84
C PRO A 168 11.31 28.18 -32.79
N TYR A 169 11.85 29.10 -32.00
CA TYR A 169 12.71 28.77 -30.86
C TYR A 169 11.92 29.10 -29.60
N ILE A 170 11.56 28.07 -28.82
CA ILE A 170 10.87 28.29 -27.55
C ILE A 170 11.50 27.37 -26.51
N GLY A 171 12.03 27.97 -25.44
CA GLY A 171 12.69 27.22 -24.39
C GLY A 171 11.72 26.70 -23.34
N HIS A 172 12.30 26.10 -22.30
CA HIS A 172 11.50 25.37 -21.32
C HIS A 172 10.68 26.28 -20.42
N LYS A 173 11.02 27.57 -20.33
CA LYS A 173 10.25 28.48 -19.50
C LYS A 173 9.05 29.05 -20.26
N LYS A 174 9.21 29.32 -21.55
CA LYS A 174 8.20 30.00 -22.35
C LYS A 174 7.29 29.04 -23.11
N LEU A 175 7.44 27.74 -22.89
CA LEU A 175 6.60 26.74 -23.55
C LEU A 175 5.52 26.26 -22.58
N GLU A 176 4.30 26.13 -23.08
CA GLU A 176 3.19 25.70 -22.23
C GLU A 176 3.42 24.27 -21.74
N LYS A 177 3.08 24.04 -20.47
CA LYS A 177 3.27 22.71 -19.88
C LYS A 177 2.39 21.67 -20.56
N LYS A 178 1.18 22.06 -20.97
CA LYS A 178 0.31 21.14 -21.69
C LYS A 178 0.95 20.70 -23.00
N TYR A 179 1.55 21.63 -23.73
CA TYR A 179 2.24 21.28 -24.97
C TYR A 179 3.50 20.46 -24.71
N LYS A 180 4.21 20.75 -23.62
CA LYS A 180 5.43 20.02 -23.30
C LYS A 180 5.14 18.55 -23.01
N LYS A 181 3.96 18.25 -22.47
CA LYS A 181 3.60 16.85 -22.25
C LYS A 181 3.49 16.11 -23.57
N PHE A 182 2.95 16.77 -24.59
CA PHE A 182 2.89 16.17 -25.92
C PHE A 182 4.28 15.94 -26.48
N LEU A 183 5.19 16.92 -26.32
CA LEU A 183 6.53 16.79 -26.86
C LEU A 183 7.32 15.68 -26.15
N LEU A 184 7.22 15.62 -24.82
CA LEU A 184 7.93 14.58 -24.08
C LEU A 184 7.43 13.20 -24.45
N GLU A 185 6.17 13.08 -24.89
CA GLU A 185 5.62 11.79 -25.27
C GLU A 185 5.93 11.41 -26.72
N LYS A 186 5.84 12.35 -27.65
CA LYS A 186 5.96 12.03 -29.07
C LYS A 186 7.32 12.38 -29.66
N TYR A 187 8.11 13.23 -29.01
CA TYR A 187 9.42 13.64 -29.52
C TYR A 187 10.53 13.33 -28.52
N SER A 188 10.38 12.24 -27.77
CA SER A 188 11.32 11.92 -26.70
C SER A 188 12.72 11.60 -27.22
N GLU A 189 12.85 11.25 -28.50
CA GLU A 189 14.18 10.98 -29.05
C GLU A 189 15.06 12.22 -29.09
N VAL A 190 14.47 13.42 -29.14
CA VAL A 190 15.26 14.65 -29.13
C VAL A 190 14.83 15.61 -28.03
N TYR A 191 13.66 15.47 -27.42
CA TYR A 191 13.14 16.46 -26.48
C TYR A 191 13.00 15.81 -25.10
N LYS A 192 13.87 16.21 -24.18
CA LYS A 192 13.75 15.89 -22.76
C LYS A 192 14.23 17.08 -21.95
N ASP A 193 13.76 17.15 -20.71
CA ASP A 193 14.31 18.04 -19.68
C ASP A 193 14.24 19.48 -20.19
N LYS A 194 15.38 20.19 -20.31
CA LYS A 194 15.38 21.61 -20.69
C LYS A 194 15.61 21.79 -22.18
N ALA A 195 15.18 20.84 -23.00
CA ALA A 195 15.32 20.95 -24.44
C ALA A 195 14.45 22.09 -24.98
N ASP A 196 14.65 22.40 -26.26
CA ASP A 196 13.96 23.50 -26.92
C ASP A 196 13.02 22.97 -28.00
N LEU A 197 12.01 23.79 -28.32
CA LEU A 197 11.03 23.42 -29.32
C LEU A 197 11.67 23.17 -30.68
N TYR A 198 12.72 23.94 -31.04
CA TYR A 198 13.31 23.75 -32.36
C TYR A 198 14.05 22.42 -32.48
N PHE A 199 14.31 21.73 -31.37
CA PHE A 199 14.82 20.36 -31.47
C PHE A 199 13.83 19.47 -32.21
N CYS A 200 12.53 19.65 -31.92
CA CYS A 200 11.51 18.80 -32.53
C CYS A 200 11.36 19.12 -34.01
N PHE A 201 11.51 20.38 -34.40
CA PHE A 201 11.44 20.74 -35.81
C PHE A 201 12.59 20.10 -36.58
N TYR A 202 13.78 20.02 -35.97
CA TYR A 202 14.87 19.26 -36.58
C TYR A 202 14.45 17.81 -36.83
N LYS A 203 13.80 17.19 -35.83
CA LYS A 203 13.38 15.80 -36.00
C LYS A 203 12.30 15.68 -37.06
N LYS A 204 11.32 16.58 -37.05
CA LYS A 204 10.24 16.50 -38.04
C LYS A 204 10.78 16.71 -39.46
N ILE A 205 11.66 17.69 -39.64
CA ILE A 205 12.25 17.95 -40.95
C ILE A 205 13.02 16.73 -41.45
N ILE A 206 13.81 16.12 -40.57
CA ILE A 206 14.59 14.95 -40.97
C ILE A 206 13.68 13.81 -41.37
N ASP A 207 12.60 13.59 -40.61
CA ASP A 207 11.77 12.42 -40.82
C ASP A 207 10.99 12.49 -42.14
N ILE A 208 10.57 13.68 -42.57
CA ILE A 208 9.79 13.80 -43.79
C ILE A 208 10.62 14.25 -44.99
N LEU A 209 11.94 14.16 -44.87
CA LEU A 209 12.83 14.43 -46.00
C LEU A 209 13.00 13.17 -46.84
N LYS A 210 12.78 13.29 -48.15
CA LYS A 210 12.92 12.13 -49.02
C LYS A 210 14.36 11.62 -49.02
N GLN A 211 14.51 10.36 -49.38
CA GLN A 211 15.84 9.81 -49.61
C GLN A 211 16.50 10.61 -50.74
N GLY A 212 17.73 11.05 -50.50
CA GLY A 212 18.41 11.92 -51.44
C GLY A 212 18.02 13.38 -51.36
N GLY A 213 17.14 13.75 -50.42
CA GLY A 213 16.74 15.14 -50.29
C GLY A 213 17.74 15.96 -49.50
N ILE A 214 17.51 17.29 -49.51
CA ILE A 214 18.41 18.25 -48.89
C ILE A 214 17.61 19.19 -48.01
N GLY A 215 18.07 19.38 -46.77
CA GLY A 215 17.46 20.33 -45.86
C GLY A 215 18.47 21.40 -45.46
N SER A 216 17.98 22.62 -45.25
CA SER A 216 18.83 23.73 -44.84
C SER A 216 18.00 24.69 -44.00
N VAL A 217 18.41 24.90 -42.74
CA VAL A 217 17.66 25.72 -41.80
C VAL A 217 18.62 26.60 -41.02
N ILE A 218 18.08 27.71 -40.49
CA ILE A 218 18.78 28.55 -39.54
C ILE A 218 18.09 28.38 -38.20
N THR A 219 18.85 27.98 -37.18
CA THR A 219 18.34 27.73 -35.84
C THR A 219 19.30 28.37 -34.84
N PRO A 220 19.02 28.35 -33.55
CA PRO A 220 20.05 28.74 -32.58
C PRO A 220 21.23 27.78 -32.65
N ARG A 221 22.40 28.30 -32.28
CA ARG A 221 23.61 27.51 -32.32
C ARG A 221 23.82 26.64 -31.09
N TYR A 222 23.02 26.84 -30.04
CA TYR A 222 23.36 26.30 -28.72
C TYR A 222 23.33 24.78 -28.69
N PHE A 223 22.53 24.14 -29.55
CA PHE A 223 22.46 22.68 -29.53
C PHE A 223 23.77 22.03 -29.94
N LEU A 224 24.67 22.78 -30.59
CA LEU A 224 25.95 22.22 -30.99
C LEU A 224 26.79 21.79 -29.79
N GLU A 225 26.68 22.50 -28.67
CA GLU A 225 27.46 22.20 -27.48
C GLU A 225 26.63 21.87 -26.24
N SER A 226 25.36 22.23 -26.19
CA SER A 226 24.61 22.18 -24.95
C SER A 226 24.34 20.74 -24.52
N LEU A 227 24.18 20.57 -23.21
CA LEU A 227 23.81 19.26 -22.65
C LEU A 227 22.44 18.82 -23.14
N SER A 228 21.51 19.78 -23.31
CA SER A 228 20.17 19.43 -23.76
C SER A 228 20.17 18.87 -25.17
N GLY A 229 21.09 19.32 -26.02
CA GLY A 229 21.13 18.91 -27.40
C GLY A 229 21.83 17.60 -27.66
N LYS A 230 22.22 16.88 -26.62
CA LYS A 230 22.97 15.64 -26.81
C LYS A 230 22.17 14.63 -27.64
N ASP A 231 20.89 14.45 -27.31
CA ASP A 231 20.06 13.52 -28.08
C ASP A 231 19.79 14.05 -29.48
N LEU A 232 19.56 15.35 -29.61
CA LEU A 232 19.36 15.94 -30.94
C LEU A 232 20.58 15.74 -31.82
N ARG A 233 21.79 15.96 -31.27
CA ARG A 233 23.00 15.75 -32.06
C ARG A 233 23.13 14.29 -32.49
N GLU A 234 22.80 13.35 -31.60
CA GLU A 234 22.85 11.94 -31.95
C GLU A 234 21.84 11.61 -33.05
N TYR A 235 20.67 12.25 -33.02
CA TYR A 235 19.67 11.98 -34.04
C TYR A 235 20.10 12.51 -35.40
N ILE A 236 20.67 13.70 -35.44
CA ILE A 236 21.13 14.27 -36.71
C ILE A 236 22.27 13.44 -37.28
N LYS A 237 23.25 13.10 -36.45
CA LYS A 237 24.45 12.41 -36.91
C LYS A 237 24.13 11.05 -37.50
N SER A 238 23.16 10.34 -36.93
CA SER A 238 22.88 8.97 -37.32
C SER A 238 21.78 8.85 -38.37
N ASN A 239 21.17 9.95 -38.79
CA ASN A 239 20.08 9.89 -39.76
C ASN A 239 20.31 10.70 -41.02
N VAL A 240 21.18 11.71 -41.01
CA VAL A 240 21.48 12.50 -42.19
C VAL A 240 22.99 12.73 -42.28
N ASN A 241 23.44 13.06 -43.49
CA ASN A 241 24.79 13.54 -43.69
C ASN A 241 24.78 15.06 -43.59
N VAL A 242 25.55 15.60 -42.64
CA VAL A 242 25.63 17.04 -42.47
C VAL A 242 26.63 17.59 -43.48
N GLN A 243 26.13 18.35 -44.46
CA GLN A 243 27.03 18.92 -45.46
C GLN A 243 27.83 20.09 -44.91
N GLU A 244 27.18 20.97 -44.16
CA GLU A 244 27.81 22.24 -43.83
C GLU A 244 27.20 22.81 -42.56
N ILE A 245 28.05 23.44 -41.74
CA ILE A 245 27.63 24.19 -40.56
C ILE A 245 28.24 25.57 -40.65
N VAL A 246 27.40 26.60 -40.72
CA VAL A 246 27.83 27.99 -40.64
C VAL A 246 27.56 28.45 -39.22
N ASP A 247 28.62 28.76 -38.47
CA ASP A 247 28.51 29.13 -37.06
C ASP A 247 28.81 30.62 -36.93
N PHE A 248 27.77 31.41 -36.65
CA PHE A 248 27.95 32.85 -36.47
C PHE A 248 28.42 33.23 -35.08
N LEU A 249 28.53 32.26 -34.16
CA LEU A 249 28.97 32.49 -32.78
C LEU A 249 28.06 33.57 -32.18
N GLY A 250 28.60 34.58 -31.52
CA GLY A 250 27.81 35.60 -30.87
C GLY A 250 27.40 36.77 -31.74
N ALA A 251 27.58 36.67 -33.05
CA ALA A 251 27.18 37.75 -33.94
C ALA A 251 25.67 37.95 -33.89
N ASN A 252 25.24 39.19 -34.12
CA ASN A 252 23.82 39.53 -34.07
C ASN A 252 23.25 39.43 -35.47
N ILE A 253 22.57 38.31 -35.75
CA ILE A 253 21.96 38.08 -37.06
C ILE A 253 20.55 38.63 -37.12
N PHE A 254 19.77 38.45 -36.06
CA PHE A 254 18.42 38.98 -35.97
C PHE A 254 18.47 40.26 -35.15
N LYS A 255 18.21 41.39 -35.79
CA LYS A 255 18.28 42.69 -35.13
C LYS A 255 17.33 42.73 -33.95
N ASN A 256 17.82 43.25 -32.82
CA ASN A 256 17.04 43.41 -31.60
C ASN A 256 16.52 42.09 -31.05
N ILE A 257 17.22 41.00 -31.34
CA ILE A 257 16.88 39.68 -30.81
C ILE A 257 18.11 39.13 -30.09
N GLY A 258 17.91 38.68 -28.85
CA GLY A 258 18.99 38.10 -28.09
C GLY A 258 19.18 36.62 -28.36
N VAL A 259 19.69 36.27 -29.55
CA VAL A 259 19.92 34.87 -29.90
C VAL A 259 21.15 34.81 -30.78
N SER A 260 21.81 33.65 -30.76
CA SER A 260 22.99 33.38 -31.56
C SER A 260 22.68 32.24 -32.53
N SER A 261 23.07 32.41 -33.79
CA SER A 261 22.52 31.64 -34.89
C SER A 261 23.56 30.74 -35.53
N CYS A 262 23.06 29.69 -36.20
CA CYS A 262 23.86 28.87 -37.08
C CYS A 262 22.98 28.40 -38.23
N ILE A 263 23.62 28.02 -39.33
CA ILE A 263 22.94 27.47 -40.50
C ILE A 263 23.42 26.05 -40.70
N LEU A 264 22.49 25.10 -40.71
CA LEU A 264 22.81 23.69 -40.92
C LEU A 264 22.25 23.23 -42.26
N THR A 265 23.09 22.57 -43.05
CA THR A 265 22.68 21.95 -44.30
C THR A 265 22.99 20.47 -44.23
N PHE A 266 21.99 19.65 -44.57
CA PHE A 266 22.12 18.20 -44.46
C PHE A 266 21.37 17.54 -45.60
N ASP A 267 21.69 16.27 -45.84
CA ASP A 267 21.04 15.53 -46.91
C ASP A 267 20.88 14.07 -46.49
N LYS A 268 20.07 13.35 -47.27
CA LYS A 268 19.91 11.91 -47.15
C LYS A 268 20.42 11.20 -48.40
N LYS A 269 21.58 11.63 -48.90
CA LYS A 269 22.19 11.03 -50.08
C LYS A 269 23.10 9.88 -49.67
N LYS A 270 23.10 8.83 -50.50
CA LYS A 270 24.01 7.71 -50.31
C LYS A 270 25.42 8.15 -50.69
N THR A 271 26.24 8.46 -49.70
CA THR A 271 27.59 8.95 -49.93
C THR A 271 28.58 8.20 -49.04
N LYS A 272 29.69 7.79 -49.63
CA LYS A 272 30.78 7.21 -48.83
C LYS A 272 31.54 8.29 -48.08
N GLU A 273 31.71 9.46 -48.68
CA GLU A 273 32.36 10.58 -48.00
C GLU A 273 31.48 11.08 -46.87
N THR A 274 32.11 11.43 -45.75
CA THR A 274 31.39 11.79 -44.52
C THR A 274 32.02 13.01 -43.86
N TYR A 275 32.37 14.02 -44.64
CA TYR A 275 33.04 15.20 -44.13
C TYR A 275 32.13 16.42 -44.16
N ILE A 276 32.21 17.22 -43.10
CA ILE A 276 31.38 18.40 -42.91
C ILE A 276 32.22 19.64 -43.21
N ASP A 277 31.66 20.55 -44.02
CA ASP A 277 32.24 21.88 -44.17
C ASP A 277 31.81 22.75 -42.99
N VAL A 278 32.77 23.29 -42.25
CA VAL A 278 32.47 24.16 -41.12
C VAL A 278 33.01 25.54 -41.44
N PHE A 279 32.11 26.53 -41.42
CA PHE A 279 32.47 27.94 -41.56
C PHE A 279 32.20 28.61 -40.22
N LYS A 280 33.26 29.03 -39.54
CA LYS A 280 33.15 29.65 -38.23
C LYS A 280 33.62 31.09 -38.32
N ILE A 281 32.76 32.01 -37.87
CA ILE A 281 33.09 33.43 -37.99
C ILE A 281 34.27 33.75 -37.09
N LYS A 282 35.08 34.72 -37.52
CA LYS A 282 36.26 35.15 -36.76
C LYS A 282 36.04 36.44 -36.01
N ASN A 283 35.26 37.37 -36.56
CA ASN A 283 34.96 38.64 -35.92
C ASN A 283 33.45 38.74 -35.73
N GLU A 284 33.01 38.80 -34.48
CA GLU A 284 31.59 38.85 -34.18
C GLU A 284 30.98 40.23 -34.40
N ASP A 285 31.80 41.26 -34.65
CA ASP A 285 31.31 42.61 -34.80
C ASP A 285 30.90 42.97 -36.22
N ILE A 286 31.08 42.04 -37.17
CA ILE A 286 30.84 42.38 -38.58
C ILE A 286 29.35 42.55 -38.83
N CYS A 287 29.03 43.35 -39.84
CA CYS A 287 27.66 43.46 -40.33
C CYS A 287 27.42 42.42 -41.42
N ILE A 288 26.24 41.79 -41.37
CA ILE A 288 25.95 40.68 -42.26
C ILE A 288 25.84 41.11 -43.71
N ASN A 289 25.65 42.40 -43.98
CA ASN A 289 25.42 42.91 -45.32
C ASN A 289 26.69 43.45 -45.97
N LYS A 290 27.87 42.93 -45.59
CA LYS A 290 29.12 43.45 -46.13
C LYS A 290 29.21 43.23 -47.63
N PHE A 291 28.80 42.06 -48.10
CA PHE A 291 28.77 41.75 -49.53
C PHE A 291 27.34 41.52 -49.97
N GLU A 292 27.15 41.41 -51.29
CA GLU A 292 25.83 41.15 -51.83
C GLU A 292 25.34 39.74 -51.48
N THR A 293 26.27 38.81 -51.28
CA THR A 293 25.94 37.42 -51.03
C THR A 293 26.63 36.94 -49.75
N LEU A 294 26.02 35.94 -49.11
CA LEU A 294 26.62 35.36 -47.91
C LEU A 294 27.87 34.53 -48.26
N GLU A 295 27.87 33.87 -49.42
CA GLU A 295 29.02 33.04 -49.77
C GLU A 295 30.27 33.88 -49.97
N GLU A 296 30.13 35.15 -50.36
CA GLU A 296 31.28 36.03 -50.42
C GLU A 296 31.86 36.25 -49.02
N LEU A 297 30.99 36.41 -48.02
CA LEU A 297 31.46 36.56 -46.64
C LEU A 297 32.14 35.30 -46.14
N LEU A 298 31.58 34.13 -46.48
CA LEU A 298 32.14 32.87 -46.02
C LEU A 298 33.55 32.63 -46.58
N LYS A 299 33.76 32.97 -47.86
CA LYS A 299 35.08 32.78 -48.46
C LYS A 299 36.11 33.81 -48.01
N SER A 300 35.67 34.89 -47.36
CA SER A 300 36.56 35.98 -47.03
C SER A 300 37.35 35.70 -45.76
N SER A 301 38.18 36.67 -45.36
CA SER A 301 38.96 36.56 -44.14
C SER A 301 38.11 36.70 -42.89
N LYS A 302 36.84 37.11 -43.02
CA LYS A 302 35.97 37.23 -41.87
C LYS A 302 35.55 35.87 -41.31
N PHE A 303 35.69 34.81 -42.11
CA PHE A 303 35.37 33.46 -41.68
C PHE A 303 36.60 32.57 -41.81
N GLU A 304 36.61 31.48 -41.05
CA GLU A 304 37.57 30.42 -41.23
C GLU A 304 36.84 29.15 -41.64
N HIS A 305 37.50 28.33 -42.44
CA HIS A 305 36.92 27.08 -42.93
C HIS A 305 37.80 25.91 -42.55
N PHE A 306 37.15 24.81 -42.13
CA PHE A 306 37.84 23.55 -41.86
C PHE A 306 36.82 22.42 -41.98
N ASN A 307 37.34 21.21 -42.09
CA ASN A 307 36.52 20.02 -42.30
C ASN A 307 36.54 19.13 -41.07
N ILE A 308 35.39 18.51 -40.80
CA ILE A 308 35.23 17.60 -39.67
C ILE A 308 34.65 16.29 -40.18
N ASN A 309 35.26 15.17 -39.80
CA ASN A 309 34.78 13.85 -40.18
C ASN A 309 33.57 13.50 -39.31
N GLN A 310 32.40 13.37 -39.95
CA GLN A 310 31.18 13.08 -39.20
C GLN A 310 31.27 11.76 -38.46
N ARG A 311 32.01 10.79 -39.01
CA ARG A 311 32.18 9.51 -38.33
C ARG A 311 32.99 9.64 -37.05
N LEU A 312 33.79 10.68 -36.91
CA LEU A 312 34.60 10.87 -35.70
C LEU A 312 33.89 11.70 -34.64
N LEU A 313 32.64 12.07 -34.87
CA LEU A 313 31.89 12.80 -33.86
C LEU A 313 31.46 11.85 -32.74
N SER A 314 31.78 12.22 -31.51
CA SER A 314 31.28 11.54 -30.33
C SER A 314 29.94 12.16 -29.95
N ASP A 315 29.46 11.89 -28.73
CA ASP A 315 28.29 12.61 -28.24
C ASP A 315 28.52 14.11 -28.22
N GLU A 316 29.78 14.55 -28.13
CA GLU A 316 30.17 15.94 -28.28
C GLU A 316 30.63 16.20 -29.70
N TRP A 317 30.24 17.34 -30.26
CA TRP A 317 30.71 17.79 -31.57
C TRP A 317 31.80 18.84 -31.33
N ILE A 318 33.05 18.42 -31.47
CA ILE A 318 34.19 19.31 -31.26
C ILE A 318 34.59 19.84 -32.64
N LEU A 319 34.08 21.02 -32.98
CA LEU A 319 34.24 21.60 -34.32
C LEU A 319 35.30 22.69 -34.23
N VAL A 320 36.57 22.29 -34.38
CA VAL A 320 37.70 23.21 -34.34
C VAL A 320 38.67 22.84 -35.45
N ASN A 321 39.58 23.77 -35.74
CA ASN A 321 40.58 23.53 -36.77
C ASN A 321 41.67 22.59 -36.25
N LYS A 322 42.56 22.18 -37.15
CA LYS A 322 43.57 21.18 -36.82
C LYS A 322 44.53 21.67 -35.73
N ASP A 323 44.81 22.98 -35.69
CA ASP A 323 45.68 23.50 -34.63
C ASP A 323 45.01 23.37 -33.27
N ASP A 324 43.73 23.74 -33.18
CA ASP A 324 43.02 23.63 -31.90
C ASP A 324 42.81 22.18 -31.50
N GLU A 325 42.50 21.31 -32.46
CA GLU A 325 42.33 19.89 -32.15
C GLU A 325 43.62 19.30 -31.59
N THR A 326 44.76 19.62 -32.20
CA THR A 326 46.05 19.18 -31.67
C THR A 326 46.28 19.76 -30.28
N PHE A 327 45.97 21.04 -30.10
CA PHE A 327 46.09 21.69 -28.80
C PHE A 327 45.19 21.01 -27.77
N TYR A 328 43.92 20.81 -28.12
CA TYR A 328 42.97 20.20 -27.19
C TYR A 328 43.37 18.78 -26.83
N ASN A 329 43.77 17.97 -27.83
CA ASN A 329 44.12 16.58 -27.57
C ASN A 329 45.36 16.44 -26.71
N LYS A 330 46.34 17.34 -26.85
CA LYS A 330 47.52 17.28 -26.00
C LYS A 330 47.15 17.44 -24.53
N ILE A 331 46.30 18.41 -24.24
CA ILE A 331 45.90 18.67 -22.86
C ILE A 331 45.09 17.51 -22.30
N GLN A 332 44.18 16.97 -23.11
CA GLN A 332 43.37 15.83 -22.65
C GLN A 332 44.25 14.64 -22.31
N GLU A 333 45.23 14.32 -23.17
CA GLU A 333 46.06 13.15 -22.95
C GLU A 333 47.01 13.34 -21.77
N LYS A 334 47.51 14.56 -21.57
CA LYS A 334 48.50 14.80 -20.52
C LYS A 334 47.87 14.84 -19.14
N CYS A 335 46.62 15.29 -19.03
CA CYS A 335 45.98 15.50 -17.73
C CYS A 335 45.28 14.23 -17.28
N LYS A 336 45.65 13.74 -16.09
CA LYS A 336 45.10 12.50 -15.56
C LYS A 336 43.89 12.70 -14.67
N TYR A 337 43.60 13.94 -14.27
CA TYR A 337 42.46 14.22 -13.41
C TYR A 337 41.54 15.23 -14.09
N SER A 338 40.27 15.18 -13.70
CA SER A 338 39.32 16.23 -14.02
C SER A 338 38.87 16.89 -12.72
N LEU A 339 38.29 18.08 -12.84
CA LEU A 339 37.76 18.75 -11.66
C LEU A 339 36.69 17.90 -10.99
N GLU A 340 35.89 17.19 -11.78
CA GLU A 340 34.86 16.31 -11.22
C GLU A 340 35.48 15.23 -10.34
N ASP A 341 36.66 14.74 -10.70
CA ASP A 341 37.32 13.71 -9.89
C ASP A 341 37.69 14.24 -8.51
N ILE A 342 38.11 15.51 -8.43
CA ILE A 342 38.77 16.02 -7.24
C ILE A 342 37.93 17.03 -6.47
N ALA A 343 36.77 17.43 -6.98
CA ALA A 343 36.04 18.56 -6.41
C ALA A 343 34.55 18.23 -6.29
N ILE A 344 33.89 18.95 -5.39
CA ILE A 344 32.44 18.88 -5.22
C ILE A 344 31.85 20.19 -5.73
N SER A 345 31.01 20.10 -6.75
CA SER A 345 30.39 21.26 -7.37
C SER A 345 28.98 21.46 -6.82
N PHE A 346 28.52 22.72 -6.82
CA PHE A 346 27.14 23.02 -6.48
C PHE A 346 26.75 24.40 -7.00
N GLN A 347 25.47 24.53 -7.33
CA GLN A 347 24.89 25.80 -7.76
C GLN A 347 24.53 26.66 -6.54
N GLY A 348 24.49 27.96 -6.75
CA GLY A 348 24.22 28.89 -5.67
C GLY A 348 22.78 28.87 -5.22
N ILE A 349 22.50 29.72 -4.22
CA ILE A 349 21.16 29.85 -3.67
C ILE A 349 20.20 30.30 -4.76
N ILE A 350 18.98 29.78 -4.71
CA ILE A 350 17.88 30.29 -5.53
C ILE A 350 16.77 30.67 -4.56
N THR A 351 16.65 31.97 -4.27
CA THR A 351 15.62 32.41 -3.33
C THR A 351 14.23 32.26 -3.91
N GLY A 352 14.08 32.45 -5.21
CA GLY A 352 12.79 32.52 -5.86
C GLY A 352 12.20 33.91 -5.92
N CYS A 353 12.69 34.83 -5.08
CA CYS A 353 12.33 36.24 -5.18
C CYS A 353 13.46 37.03 -4.50
N ASP A 354 14.41 37.51 -5.30
CA ASP A 354 15.60 38.12 -4.72
C ASP A 354 15.28 39.40 -3.95
N LYS A 355 14.31 40.18 -4.44
CA LYS A 355 13.99 41.45 -3.81
C LYS A 355 13.46 41.29 -2.39
N ALA A 356 12.91 40.12 -2.06
CA ALA A 356 12.40 39.88 -0.71
C ALA A 356 13.48 39.51 0.28
N PHE A 357 14.62 38.98 -0.18
CA PHE A 357 15.64 38.43 0.71
C PHE A 357 16.99 39.10 0.62
N ILE A 358 17.27 39.86 -0.44
CA ILE A 358 18.58 40.46 -0.65
C ILE A 358 18.47 41.95 -0.33
N LEU A 359 19.32 42.42 0.57
CA LEU A 359 19.33 43.81 0.98
C LEU A 359 20.75 44.37 0.88
N SER A 360 20.83 45.67 0.63
CA SER A 360 22.12 46.35 0.73
C SER A 360 22.63 46.27 2.16
N LYS A 361 23.94 46.08 2.30
CA LYS A 361 24.51 45.95 3.65
C LYS A 361 24.33 47.21 4.47
N ASP A 362 24.04 48.35 3.83
CA ASP A 362 23.77 49.60 4.53
C ASP A 362 22.28 49.88 4.72
N ASP A 363 21.41 48.96 4.33
CA ASP A 363 19.97 49.18 4.48
C ASP A 363 19.61 49.19 5.96
N VAL A 364 18.84 50.20 6.36
CA VAL A 364 18.46 50.34 7.76
C VAL A 364 17.58 49.18 8.24
N LYS A 365 16.87 48.52 7.33
CA LYS A 365 16.03 47.39 7.69
C LYS A 365 16.81 46.19 8.19
N LEU A 366 18.14 46.16 7.97
CA LEU A 366 18.96 45.09 8.52
C LEU A 366 19.12 45.20 10.04
N ASN A 367 18.79 46.34 10.63
CA ASN A 367 18.79 46.44 12.08
C ASN A 367 17.70 45.57 12.71
N LEU A 368 16.66 45.23 11.95
CA LEU A 368 15.61 44.33 12.41
C LEU A 368 16.01 42.87 12.36
N VAL A 369 17.11 42.53 11.68
CA VAL A 369 17.48 41.16 11.43
C VAL A 369 18.68 40.81 12.29
N ASP A 370 18.53 39.78 13.12
CA ASP A 370 19.65 39.27 13.90
C ASP A 370 20.75 38.79 12.96
N ASP A 371 22.00 39.10 13.34
CA ASP A 371 23.13 38.80 12.46
C ASP A 371 23.30 37.32 12.19
N LYS A 372 22.72 36.45 13.02
CA LYS A 372 22.79 35.02 12.76
C LYS A 372 22.02 34.65 11.49
N PHE A 373 21.09 35.49 11.05
CA PHE A 373 20.31 35.24 9.84
C PHE A 373 20.95 35.84 8.58
N LEU A 374 22.00 36.63 8.72
CA LEU A 374 22.55 37.40 7.61
C LEU A 374 23.79 36.71 7.05
N LYS A 375 23.85 36.62 5.71
CA LYS A 375 24.99 36.08 5.00
C LYS A 375 25.49 37.10 3.99
N CYS A 376 26.79 37.08 3.73
CA CYS A 376 27.36 37.89 2.67
C CYS A 376 26.90 37.38 1.31
N TRP A 377 26.60 38.31 0.40
CA TRP A 377 25.97 38.01 -0.87
C TRP A 377 26.72 38.72 -1.99
N ILE A 378 27.09 37.98 -3.04
CA ILE A 378 27.85 38.53 -4.15
C ILE A 378 27.16 38.19 -5.47
N LYS A 379 27.46 38.97 -6.48
CA LYS A 379 26.99 38.76 -7.84
C LYS A 379 28.14 38.30 -8.72
N SER A 380 27.80 37.86 -9.94
CA SER A 380 28.82 37.36 -10.85
C SER A 380 29.88 38.41 -11.14
N LYS A 381 29.48 39.68 -11.21
CA LYS A 381 30.43 40.75 -11.50
C LYS A 381 31.45 40.94 -10.40
N ASN A 382 31.18 40.46 -9.17
CA ASN A 382 32.12 40.56 -8.08
C ASN A 382 33.26 39.56 -8.17
N ILE A 383 33.16 38.57 -9.04
CA ILE A 383 34.20 37.55 -9.19
C ILE A 383 35.23 38.06 -10.19
N ASN A 384 36.47 38.22 -9.73
CA ASN A 384 37.61 38.46 -10.60
C ASN A 384 38.48 37.21 -10.63
N LYS A 385 39.55 37.27 -11.41
CA LYS A 385 40.57 36.23 -11.31
C LYS A 385 41.19 36.27 -9.92
N TYR A 386 41.27 35.10 -9.28
CA TYR A 386 41.93 34.80 -8.02
C TYR A 386 41.26 35.31 -6.75
N ILE A 387 40.37 36.30 -6.83
CA ILE A 387 39.78 36.88 -5.61
C ILE A 387 38.44 37.49 -5.95
N VAL A 388 37.59 37.59 -4.92
CA VAL A 388 36.25 38.16 -5.02
C VAL A 388 36.27 39.57 -4.43
N ASP A 389 35.49 40.47 -5.03
CA ASP A 389 35.31 41.78 -4.44
C ASP A 389 34.61 41.67 -3.09
N LYS A 390 34.78 42.71 -2.26
CA LYS A 390 34.03 42.76 -1.02
C LYS A 390 32.55 42.85 -1.31
N SER A 391 31.77 42.06 -0.57
CA SER A 391 30.33 42.02 -0.83
C SER A 391 29.66 43.32 -0.39
N GLU A 392 28.63 43.70 -1.14
CA GLU A 392 27.82 44.87 -0.83
C GLU A 392 26.39 44.54 -0.43
N TYR A 393 25.99 43.27 -0.52
CA TYR A 393 24.63 42.86 -0.25
C TYR A 393 24.62 41.76 0.80
N ARG A 394 23.47 41.63 1.47
CA ARG A 394 23.28 40.63 2.51
C ARG A 394 22.07 39.77 2.17
N LEU A 395 22.20 38.48 2.40
CA LEU A 395 21.10 37.53 2.24
C LEU A 395 20.48 37.25 3.61
N ILE A 396 19.15 37.33 3.69
CA ILE A 396 18.42 36.89 4.86
C ILE A 396 18.15 35.41 4.67
N TYR A 397 18.89 34.57 5.39
CA TYR A 397 18.67 33.12 5.32
C TYR A 397 17.42 32.81 6.14
N SER A 398 16.27 33.07 5.51
CA SER A 398 14.98 33.00 6.21
C SER A 398 14.59 31.59 6.61
N ASN A 399 15.27 30.57 6.08
CA ASN A 399 14.96 29.20 6.47
C ASN A 399 15.19 28.97 7.96
N ASP A 400 16.05 29.77 8.59
CA ASP A 400 16.34 29.61 10.01
C ASP A 400 15.35 30.35 10.90
N ILE A 401 14.39 31.06 10.33
CA ILE A 401 13.31 31.67 11.10
C ILE A 401 12.32 30.58 11.49
N ASP A 402 12.20 30.32 12.79
CA ASP A 402 11.45 29.16 13.26
C ASP A 402 9.97 29.26 12.90
N ASN A 403 9.28 30.27 13.43
CA ASN A 403 7.86 30.45 13.16
C ASN A 403 7.56 31.92 12.97
N GLU A 404 6.33 32.22 12.57
CA GLU A 404 5.94 33.58 12.22
C GLU A 404 5.78 34.49 13.42
N ASN A 405 5.66 33.93 14.63
CA ASN A 405 5.42 34.76 15.81
C ASN A 405 6.70 35.34 16.41
N THR A 406 7.79 34.57 16.40
CA THR A 406 9.01 35.01 17.07
C THR A 406 9.68 36.17 16.34
N ASN A 407 9.66 36.15 15.00
CA ASN A 407 10.33 37.20 14.22
C ASN A 407 9.35 37.91 13.32
N LYS A 408 8.20 38.32 13.88
CA LYS A 408 7.14 38.94 13.09
C LYS A 408 7.63 40.21 12.40
N ARG A 409 8.55 40.95 13.02
CA ARG A 409 9.01 42.21 12.44
C ARG A 409 9.72 41.97 11.11
N ILE A 410 10.56 40.94 11.03
CA ILE A 410 11.24 40.63 9.77
C ILE A 410 10.23 40.24 8.70
N LEU A 411 9.25 39.41 9.07
CA LEU A 411 8.27 38.95 8.09
C LEU A 411 7.35 40.09 7.64
N ASP A 412 6.92 40.95 8.57
CA ASP A 412 5.95 41.97 8.22
C ASP A 412 6.57 43.12 7.44
N GLU A 413 7.80 43.51 7.78
CA GLU A 413 8.36 44.74 7.24
C GLU A 413 9.38 44.52 6.12
N ILE A 414 9.88 43.30 5.94
CA ILE A 414 10.88 43.06 4.91
C ILE A 414 10.40 42.03 3.91
N ILE A 415 10.19 40.79 4.38
CA ILE A 415 9.90 39.69 3.47
C ILE A 415 8.45 39.75 3.00
N GLY A 416 7.53 40.13 3.90
CA GLY A 416 6.11 40.16 3.57
C GLY A 416 5.72 41.19 2.53
N LEU A 417 6.60 42.13 2.21
CA LEU A 417 6.31 43.09 1.15
C LEU A 417 6.18 42.40 -0.21
N TYR A 418 6.63 41.16 -0.33
CA TYR A 418 6.52 40.39 -1.57
C TYR A 418 5.80 39.06 -1.32
N LYS A 419 4.90 39.03 -0.34
CA LYS A 419 4.27 37.78 0.04
C LYS A 419 3.45 37.18 -1.09
N THR A 420 2.74 38.02 -1.84
CA THR A 420 1.95 37.52 -2.96
C THR A 420 2.83 36.83 -4.00
N LYS A 421 3.94 37.48 -4.38
CA LYS A 421 4.85 36.88 -5.35
C LYS A 421 5.51 35.63 -4.77
N LEU A 422 5.85 35.65 -3.48
CA LEU A 422 6.45 34.49 -2.84
C LEU A 422 5.50 33.30 -2.83
N GLU A 423 4.21 33.55 -2.58
CA GLU A 423 3.23 32.48 -2.52
C GLU A 423 3.00 31.81 -3.86
N ASN A 424 3.40 32.45 -4.96
CA ASN A 424 3.20 31.88 -6.29
C ASN A 424 4.33 30.95 -6.71
N ARG A 425 5.39 30.84 -5.91
CA ARG A 425 6.45 29.89 -6.21
C ARG A 425 5.92 28.46 -6.11
N ARG A 426 6.49 27.57 -6.92
CA ARG A 426 5.93 26.23 -7.07
C ARG A 426 5.89 25.49 -5.73
N GLU A 427 6.98 25.55 -4.98
CA GLU A 427 7.05 24.81 -3.72
C GLU A 427 6.20 25.43 -2.62
N CYS A 428 5.81 26.70 -2.77
CA CYS A 428 4.84 27.29 -1.84
C CYS A 428 3.42 26.82 -2.16
N LYS A 429 3.06 26.77 -3.45
CA LYS A 429 1.73 26.34 -3.84
C LYS A 429 1.46 24.89 -3.44
N SER A 430 2.50 24.05 -3.45
CA SER A 430 2.38 22.66 -3.05
C SER A 430 2.56 22.45 -1.56
N GLY A 431 2.84 23.51 -0.80
CA GLY A 431 3.01 23.40 0.64
C GLY A 431 4.37 22.92 1.09
N ILE A 432 5.32 22.70 0.18
CA ILE A 432 6.64 22.22 0.57
C ILE A 432 7.41 23.32 1.31
N ARG A 433 7.26 24.57 0.89
CA ARG A 433 7.92 25.70 1.52
C ARG A 433 6.90 26.63 2.14
N LYS A 434 7.25 27.18 3.31
CA LYS A 434 6.48 28.29 3.82
C LYS A 434 6.69 29.51 2.92
N TRP A 435 5.72 30.44 2.97
CA TRP A 435 5.76 31.58 2.05
C TRP A 435 7.01 32.44 2.22
N TYR A 436 7.63 32.42 3.41
CA TYR A 436 8.78 33.26 3.68
C TYR A 436 10.11 32.52 3.58
N GLU A 437 10.10 31.26 3.18
CA GLU A 437 11.34 30.49 3.08
C GLU A 437 11.98 30.68 1.71
N LEU A 438 13.30 30.47 1.67
CA LEU A 438 14.01 30.43 0.40
C LEU A 438 13.58 29.20 -0.39
N GLN A 439 13.40 29.36 -1.70
CA GLN A 439 12.91 28.25 -2.51
C GLN A 439 13.92 27.11 -2.54
N TRP A 440 15.18 27.42 -2.83
CA TRP A 440 16.27 26.44 -2.83
C TRP A 440 17.41 27.03 -2.01
N GLY A 441 17.35 26.84 -0.69
CA GLY A 441 18.34 27.36 0.22
C GLY A 441 19.61 26.56 0.33
N ARG A 442 19.68 25.41 -0.33
CA ARG A 442 20.88 24.57 -0.40
C ARG A 442 21.31 24.22 1.02
N GLU A 443 22.59 23.94 1.21
CA GLU A 443 23.17 23.65 2.52
C GLU A 443 24.12 24.79 2.89
N LYS A 444 23.89 25.39 4.05
CA LYS A 444 24.74 26.50 4.49
C LYS A 444 26.20 26.09 4.59
N LEU A 445 26.45 24.88 5.10
CA LEU A 445 27.83 24.43 5.34
C LEU A 445 28.64 24.33 4.05
N PHE A 446 27.99 24.20 2.89
CA PHE A 446 28.73 24.17 1.64
C PHE A 446 29.31 25.54 1.31
N PHE A 447 28.59 26.61 1.66
CA PHE A 447 29.06 27.96 1.35
C PHE A 447 30.02 28.48 2.40
N GLU A 448 29.83 28.10 3.66
CA GLU A 448 30.61 28.65 4.77
C GLU A 448 31.91 27.86 4.95
N ARG A 449 32.76 27.93 3.93
CA ARG A 449 34.04 27.25 3.93
C ARG A 449 34.88 27.84 2.82
N LYS A 450 36.18 27.54 2.87
CA LYS A 450 37.06 27.93 1.77
C LYS A 450 36.62 27.20 0.50
N LYS A 451 36.48 27.94 -0.59
CA LYS A 451 35.99 27.37 -1.84
C LYS A 451 36.41 28.25 -3.00
N ILE A 452 36.20 27.74 -4.21
CA ILE A 452 36.45 28.48 -5.43
C ILE A 452 35.11 28.84 -6.07
N MET A 453 35.01 30.08 -6.56
CA MET A 453 33.78 30.57 -7.17
C MET A 453 34.08 31.14 -8.55
N TYR A 454 33.13 31.01 -9.46
CA TYR A 454 33.27 31.54 -10.80
C TYR A 454 31.91 31.99 -11.31
N PRO A 455 31.86 33.02 -12.17
CA PRO A 455 30.58 33.47 -12.71
C PRO A 455 30.01 32.49 -13.71
N TYR A 456 28.68 32.46 -13.81
CA TYR A 456 28.03 31.49 -14.67
C TYR A 456 28.10 31.86 -16.15
N LYS A 457 28.32 33.14 -16.46
CA LYS A 457 28.47 33.61 -17.83
C LYS A 457 29.57 34.66 -17.83
N SER A 458 30.56 34.49 -18.70
CA SER A 458 31.71 35.39 -18.68
C SER A 458 32.40 35.37 -20.04
N ASN A 459 33.21 36.41 -20.26
CA ASN A 459 34.04 36.49 -21.45
C ASN A 459 35.36 35.72 -21.30
N GLU A 460 35.71 35.33 -20.09
CA GLU A 460 37.01 34.70 -19.84
C GLU A 460 36.94 33.91 -18.55
N ASN A 461 37.94 33.07 -18.33
CA ASN A 461 38.06 32.33 -17.09
C ASN A 461 38.27 33.28 -15.93
N ARG A 462 37.38 33.22 -14.94
CA ARG A 462 37.50 34.00 -13.70
CA ARG A 462 37.51 33.99 -13.71
C ARG A 462 37.20 33.05 -12.54
N PHE A 463 38.23 32.36 -12.06
CA PHE A 463 38.10 31.48 -10.91
C PHE A 463 38.78 32.15 -9.73
N ALA A 464 38.04 32.32 -8.64
CA ALA A 464 38.52 33.03 -7.46
C ALA A 464 38.41 32.15 -6.23
N ILE A 465 39.38 32.27 -5.33
CA ILE A 465 39.27 31.67 -4.01
C ILE A 465 38.43 32.58 -3.13
N ASP A 466 37.39 32.03 -2.52
CA ASP A 466 36.55 32.76 -1.60
C ASP A 466 37.01 32.49 -0.17
N TYR A 467 37.47 33.53 0.51
CA TYR A 467 37.88 33.43 1.91
C TYR A 467 36.82 33.90 2.88
N ASP A 468 35.71 34.45 2.41
CA ASP A 468 34.80 35.22 3.26
C ASP A 468 33.42 34.59 3.40
N ASN A 469 33.30 33.28 3.14
CA ASN A 469 32.03 32.57 3.31
C ASN A 469 30.90 33.24 2.52
N ASN A 470 31.21 33.65 1.29
CA ASN A 470 30.23 34.35 0.48
C ASN A 470 29.14 33.40 -0.02
N PHE A 471 27.89 33.85 0.09
CA PHE A 471 26.76 33.22 -0.57
C PHE A 471 26.49 33.95 -1.88
N SER A 472 25.76 33.29 -2.76
CA SER A 472 25.46 33.87 -4.07
C SER A 472 24.25 33.17 -4.66
N SER A 473 23.68 33.79 -5.69
CA SER A 473 22.60 33.19 -6.45
C SER A 473 23.19 32.23 -7.49
N ALA A 474 22.35 31.79 -8.44
CA ALA A 474 22.78 30.85 -9.46
C ALA A 474 23.59 31.50 -10.58
N ASP A 475 23.89 32.79 -10.49
CA ASP A 475 24.82 33.40 -11.42
C ASP A 475 26.27 33.20 -11.02
N VAL A 476 26.50 32.53 -9.89
CA VAL A 476 27.85 32.17 -9.44
C VAL A 476 27.83 30.71 -9.02
N TYR A 477 28.79 29.93 -9.54
CA TYR A 477 28.96 28.54 -9.15
C TYR A 477 30.17 28.41 -8.23
N SER A 478 30.13 27.40 -7.37
CA SER A 478 31.19 27.16 -6.41
C SER A 478 31.61 25.71 -6.46
N PHE A 479 32.86 25.44 -6.04
CA PHE A 479 33.27 24.09 -5.73
C PHE A 479 34.35 24.12 -4.66
N PHE A 480 34.49 23.00 -3.96
CA PHE A 480 35.57 22.80 -3.02
C PHE A 480 36.24 21.46 -3.31
N ILE A 481 37.48 21.35 -2.89
CA ILE A 481 38.29 20.16 -3.17
C ILE A 481 37.92 19.05 -2.20
N LYS A 482 37.80 17.83 -2.72
CA LYS A 482 37.56 16.68 -1.86
C LYS A 482 38.71 16.50 -0.88
N GLU A 483 38.40 15.96 0.30
CA GLU A 483 39.41 15.80 1.33
C GLU A 483 40.56 14.91 0.86
N GLU A 484 40.24 13.85 0.12
CA GLU A 484 41.26 12.90 -0.30
C GLU A 484 42.20 13.45 -1.37
N TYR A 485 41.88 14.60 -1.97
CA TYR A 485 42.73 15.20 -2.99
C TYR A 485 43.42 16.48 -2.51
N LEU A 486 43.27 16.84 -1.24
CA LEU A 486 43.86 18.08 -0.74
C LEU A 486 45.39 18.03 -0.75
N ASP A 487 45.98 16.85 -0.52
CA ASP A 487 47.43 16.73 -0.53
C ASP A 487 48.01 16.66 -1.94
N LYS A 488 47.17 16.57 -2.96
CA LYS A 488 47.62 16.62 -4.36
C LYS A 488 47.34 17.96 -5.01
N PHE A 489 46.24 18.62 -4.66
CA PHE A 489 45.85 19.88 -5.27
C PHE A 489 45.44 20.87 -4.19
N SER A 490 45.94 22.10 -4.30
CA SER A 490 45.57 23.19 -3.43
C SER A 490 44.73 24.20 -4.20
N TYR A 491 43.95 24.98 -3.46
CA TYR A 491 43.14 26.02 -4.09
C TYR A 491 44.00 27.02 -4.83
N GLU A 492 45.17 27.36 -4.26
CA GLU A 492 46.06 28.32 -4.88
C GLU A 492 46.60 27.81 -6.21
N TYR A 493 46.95 26.53 -6.27
CA TYR A 493 47.41 25.95 -7.53
C TYR A 493 46.29 25.94 -8.57
N LEU A 494 45.08 25.58 -8.16
CA LEU A 494 43.97 25.43 -9.10
C LEU A 494 43.62 26.74 -9.76
N VAL A 495 43.49 27.83 -8.99
CA VAL A 495 43.17 29.10 -9.60
C VAL A 495 44.32 29.60 -10.48
N GLY A 496 45.55 29.16 -10.21
CA GLY A 496 46.67 29.49 -11.07
C GLY A 496 46.49 28.96 -12.48
N ILE A 497 46.30 27.65 -12.62
CA ILE A 497 46.16 27.09 -13.97
C ILE A 497 44.81 27.48 -14.58
N LEU A 498 43.75 27.48 -13.77
CA LEU A 498 42.41 27.73 -14.32
C LEU A 498 42.26 29.14 -14.88
N ASN A 499 43.01 30.10 -14.35
CA ASN A 499 42.95 31.47 -14.84
C ASN A 499 44.00 31.74 -15.92
N SER A 500 44.82 30.75 -16.26
CA SER A 500 45.88 30.97 -17.23
C SER A 500 45.32 31.12 -18.64
N SER A 501 46.13 31.71 -19.52
CA SER A 501 45.72 31.85 -20.92
C SER A 501 45.56 30.50 -21.59
N VAL A 502 46.34 29.51 -21.16
CA VAL A 502 46.20 28.16 -21.72
C VAL A 502 44.81 27.60 -21.45
N TYR A 503 44.37 27.67 -20.19
CA TYR A 503 43.07 27.09 -19.84
C TYR A 503 41.91 27.96 -20.29
N ASP A 504 42.12 29.27 -20.45
CA ASP A 504 41.09 30.10 -21.07
C ASP A 504 40.81 29.63 -22.50
N LYS A 505 41.87 29.44 -23.29
CA LYS A 505 41.71 28.88 -24.63
C LYS A 505 41.20 27.44 -24.58
N TYR A 506 41.73 26.64 -23.66
CA TYR A 506 41.36 25.23 -23.58
C TYR A 506 39.88 25.06 -23.25
N PHE A 507 39.36 25.85 -22.31
CA PHE A 507 37.95 25.70 -21.94
C PHE A 507 37.04 26.13 -23.09
N LYS A 508 37.40 27.21 -23.79
CA LYS A 508 36.53 27.76 -24.82
C LYS A 508 36.44 26.89 -26.07
N ILE A 509 37.32 25.89 -26.20
CA ILE A 509 37.26 25.02 -27.36
C ILE A 509 35.93 24.26 -27.40
N THR A 510 35.47 23.77 -26.25
CA THR A 510 34.23 23.03 -26.14
C THR A 510 33.14 23.79 -25.40
N ALA A 511 33.40 25.01 -24.96
CA ALA A 511 32.44 25.75 -24.16
C ALA A 511 31.22 26.15 -24.99
N LYS A 512 30.14 26.44 -24.29
CA LYS A 512 28.88 26.83 -24.90
C LYS A 512 28.89 28.34 -25.12
N LYS A 513 28.92 28.76 -26.38
CA LYS A 513 28.95 30.18 -26.73
C LYS A 513 27.53 30.73 -26.74
N MET A 514 27.28 31.72 -25.88
CA MET A 514 25.92 32.20 -25.63
C MET A 514 25.57 33.46 -26.41
N SER A 515 26.35 34.52 -26.23
CA SER A 515 26.18 35.77 -26.96
C SER A 515 27.55 36.39 -27.14
N LYS A 516 27.59 37.60 -27.70
CA LYS A 516 28.86 38.22 -28.02
C LYS A 516 29.71 38.37 -26.77
N ASN A 517 30.91 37.78 -26.78
CA ASN A 517 31.84 37.81 -25.67
C ASN A 517 31.26 37.19 -24.40
N ILE A 518 30.41 36.17 -24.52
CA ILE A 518 29.86 35.48 -23.35
C ILE A 518 29.87 33.98 -23.61
N TYR A 519 30.48 33.23 -22.69
CA TYR A 519 30.38 31.79 -22.66
C TYR A 519 29.68 31.38 -21.37
N ASP A 520 28.93 30.28 -21.45
CA ASP A 520 28.44 29.65 -20.23
C ASP A 520 29.62 29.02 -19.49
N TYR A 521 29.72 29.32 -18.19
CA TYR A 521 30.60 28.60 -17.29
C TYR A 521 29.70 27.86 -16.30
N TYR A 522 29.21 26.70 -16.73
CA TYR A 522 28.34 25.85 -15.93
C TYR A 522 29.06 24.55 -15.60
N PRO A 523 28.69 23.91 -14.48
CA PRO A 523 29.39 22.67 -14.10
C PRO A 523 29.34 21.58 -15.16
N ASN A 524 28.30 21.53 -16.00
CA ASN A 524 28.23 20.45 -16.99
C ASN A 524 29.38 20.50 -17.97
N LYS A 525 30.08 21.63 -18.06
CA LYS A 525 31.34 21.69 -18.79
C LYS A 525 32.53 22.04 -17.92
N VAL A 526 32.35 22.91 -16.93
CA VAL A 526 33.47 23.32 -16.08
C VAL A 526 34.06 22.13 -15.35
N MET A 527 33.21 21.22 -14.88
CA MET A 527 33.71 20.06 -14.15
C MET A 527 34.38 19.02 -15.05
N LYS A 528 34.27 19.16 -16.37
CA LYS A 528 35.00 18.29 -17.28
C LYS A 528 36.41 18.81 -17.58
N ILE A 529 36.75 20.01 -17.12
CA ILE A 529 38.10 20.52 -17.31
C ILE A 529 39.10 19.57 -16.68
N ARG A 530 40.10 19.17 -17.45
CA ARG A 530 41.12 18.26 -16.95
C ARG A 530 42.33 19.06 -16.46
N ILE A 531 42.97 18.54 -15.41
CA ILE A 531 44.07 19.22 -14.74
C ILE A 531 45.22 18.23 -14.58
N PHE A 532 46.41 18.78 -14.36
CA PHE A 532 47.64 17.99 -14.32
C PHE A 532 48.41 18.32 -13.05
N ARG A 533 49.51 17.60 -12.86
CA ARG A 533 50.33 17.75 -11.65
C ARG A 533 51.71 17.21 -11.98
N ASP A 534 52.72 18.08 -11.99
CA ASP A 534 54.07 17.66 -12.39
C ASP A 534 55.10 18.54 -11.67
N ASN A 535 56.33 18.56 -12.21
CA ASN A 535 57.45 19.24 -11.57
C ASN A 535 57.25 20.74 -11.44
N ASN A 536 56.36 21.35 -12.22
CA ASN A 536 56.12 22.78 -12.14
C ASN A 536 55.10 23.15 -11.08
N TYR A 537 54.58 22.17 -10.33
CA TYR A 537 53.52 22.44 -9.37
C TYR A 537 53.91 23.51 -8.36
N GLU A 538 55.11 23.38 -7.79
CA GLU A 538 55.53 24.28 -6.72
C GLU A 538 55.64 25.72 -7.22
N GLU A 539 56.26 25.92 -8.39
CA GLU A 539 56.47 27.28 -8.89
C GLU A 539 55.16 27.89 -9.38
N ILE A 540 54.29 27.09 -9.99
CA ILE A 540 52.98 27.58 -10.39
C ILE A 540 52.20 28.02 -9.16
N GLU A 541 52.19 27.20 -8.11
CA GLU A 541 51.49 27.55 -6.89
C GLU A 541 52.07 28.80 -6.26
N ASN A 542 53.41 28.90 -6.24
CA ASN A 542 54.05 30.08 -5.65
C ASN A 542 53.71 31.35 -6.42
N LEU A 543 53.71 31.28 -7.76
CA LEU A 543 53.32 32.44 -8.56
C LEU A 543 51.88 32.85 -8.28
N SER A 544 50.99 31.86 -8.13
CA SER A 544 49.60 32.17 -7.81
C SER A 544 49.48 32.84 -6.45
N LYS A 545 50.24 32.37 -5.46
CA LYS A 545 50.20 33.00 -4.14
C LYS A 545 50.72 34.44 -4.20
N GLN A 546 51.74 34.69 -5.02
CA GLN A 546 52.24 36.05 -5.19
C GLN A 546 51.17 36.95 -5.81
N ILE A 547 50.46 36.44 -6.81
CA ILE A 547 49.39 37.22 -7.44
C ILE A 547 48.30 37.54 -6.42
N ILE A 548 47.90 36.55 -5.63
CA ILE A 548 46.85 36.75 -4.64
C ILE A 548 47.29 37.77 -3.60
N SER A 549 48.55 37.70 -3.16
CA SER A 549 49.04 38.65 -2.17
C SER A 549 49.03 40.07 -2.71
N ILE A 550 49.41 40.25 -3.98
CA ILE A 550 49.37 41.57 -4.59
C ILE A 550 47.93 42.06 -4.73
N LEU A 551 47.04 41.18 -5.20
CA LEU A 551 45.66 41.60 -5.47
C LEU A 551 44.93 42.00 -4.19
N LEU A 552 45.31 41.42 -3.06
CA LEU A 552 44.67 41.74 -1.79
C LEU A 552 45.30 42.93 -1.09
N ASN A 553 46.32 43.55 -1.68
CA ASN A 553 46.94 44.73 -1.09
C ASN A 553 46.07 45.96 -1.29
N LYS A 554 46.18 46.90 -0.34
CA LYS A 554 45.48 48.17 -0.47
C LYS A 554 46.09 49.02 -1.59
N SER A 555 47.41 49.16 -1.59
CA SER A 555 48.13 49.83 -2.67
C SER A 555 48.51 48.80 -3.73
N ILE A 556 47.48 48.30 -4.40
CA ILE A 556 47.63 47.14 -5.27
C ILE A 556 48.48 47.52 -6.48
N ASP A 557 49.49 46.69 -6.76
CA ASP A 557 50.40 46.88 -7.90
C ASP A 557 49.92 45.96 -9.02
N LYS A 558 48.97 46.47 -9.81
CA LYS A 558 48.35 45.64 -10.85
C LYS A 558 49.36 45.19 -11.89
N GLY A 559 50.36 46.02 -12.19
CA GLY A 559 51.25 45.72 -13.30
C GLY A 559 52.03 44.44 -13.12
N LYS A 560 52.61 44.25 -11.93
CA LYS A 560 53.44 43.07 -11.70
C LYS A 560 52.63 41.78 -11.80
N VAL A 561 51.32 41.85 -11.52
CA VAL A 561 50.46 40.68 -11.63
C VAL A 561 50.49 40.13 -13.05
N GLU A 562 50.44 41.02 -14.04
CA GLU A 562 50.46 40.58 -15.43
C GLU A 562 51.76 39.87 -15.76
N LYS A 563 52.89 40.39 -15.27
CA LYS A 563 54.17 39.75 -15.51
C LYS A 563 54.22 38.36 -14.87
N LEU A 564 53.72 38.24 -13.64
CA LEU A 564 53.68 36.94 -12.98
C LEU A 564 52.77 35.98 -13.74
N GLN A 565 51.67 36.48 -14.28
CA GLN A 565 50.77 35.64 -15.07
C GLN A 565 51.45 35.15 -16.34
N ILE A 566 52.24 36.01 -16.99
CA ILE A 566 52.97 35.60 -18.19
C ILE A 566 53.95 34.49 -17.85
N LYS A 567 54.65 34.63 -16.72
CA LYS A 567 55.59 33.59 -16.31
C LYS A 567 54.87 32.28 -16.00
N MET A 568 53.71 32.36 -15.34
CA MET A 568 52.96 31.14 -15.05
C MET A 568 52.47 30.48 -16.34
N ASP A 569 52.02 31.28 -17.31
CA ASP A 569 51.58 30.71 -18.58
C ASP A 569 52.69 29.94 -19.27
N ASN A 570 53.93 30.44 -19.18
CA ASN A 570 55.07 29.73 -19.77
C ASN A 570 55.28 28.38 -19.10
N LEU A 571 55.18 28.34 -17.76
CA LEU A 571 55.33 27.06 -17.06
C LEU A 571 54.25 26.08 -17.48
N ILE A 572 53.00 26.56 -17.59
CA ILE A 572 51.89 25.70 -17.98
C ILE A 572 52.06 25.22 -19.41
N MET A 573 52.45 26.12 -20.32
CA MET A 573 52.72 25.70 -21.69
C MET A 573 53.86 24.70 -21.74
N ASP A 574 54.90 24.92 -20.92
CA ASP A 574 55.99 23.94 -20.84
C ASP A 574 55.49 22.61 -20.29
N SER A 575 54.65 22.63 -19.26
CA SER A 575 54.17 21.40 -18.65
C SER A 575 53.35 20.57 -19.63
N LEU A 576 52.52 21.22 -20.43
CA LEU A 576 51.64 20.52 -21.36
C LEU A 576 52.26 20.33 -22.74
N GLY A 577 53.49 20.81 -22.95
CA GLY A 577 54.17 20.61 -24.21
C GLY A 577 53.47 21.25 -25.40
N ILE A 578 53.05 22.49 -25.25
CA ILE A 578 52.37 23.20 -26.33
C ILE A 578 53.15 24.45 -26.75
N GLY B 29 -12.41 -1.81 11.06
CA GLY B 29 -13.71 -1.15 11.10
C GLY B 29 -14.20 -0.81 12.50
N ILE B 30 -14.70 -1.81 13.21
CA ILE B 30 -15.33 -1.62 14.52
C ILE B 30 -14.42 -2.24 15.58
N TYR B 31 -14.04 -1.45 16.58
CA TYR B 31 -13.16 -1.89 17.64
C TYR B 31 -13.86 -1.74 18.99
N TYR B 32 -13.62 -2.70 19.88
CA TYR B 32 -14.33 -2.79 21.15
C TYR B 32 -13.43 -2.30 22.28
N THR B 33 -13.81 -1.18 22.88
CA THR B 33 -13.10 -0.64 24.03
C THR B 33 -13.45 -1.45 25.29
N PRO B 34 -12.46 -1.82 26.11
CA PRO B 34 -12.77 -2.55 27.34
C PRO B 34 -13.71 -1.75 28.23
N LYS B 35 -14.64 -2.47 28.87
CA LYS B 35 -15.66 -1.80 29.67
C LYS B 35 -15.06 -1.01 30.82
N ILE B 36 -13.94 -1.48 31.39
CA ILE B 36 -13.29 -0.75 32.46
C ILE B 36 -12.81 0.61 31.98
N ILE B 37 -12.37 0.68 30.71
CA ILE B 37 -11.97 1.96 30.13
C ILE B 37 -13.20 2.83 29.87
N VAL B 38 -14.26 2.25 29.31
CA VAL B 38 -15.46 3.02 28.98
C VAL B 38 -16.08 3.62 30.25
N ASP B 39 -16.23 2.80 31.29
CA ASP B 39 -16.82 3.29 32.53
C ASP B 39 -16.00 4.42 33.13
N TYR B 40 -14.66 4.28 33.09
CA TYR B 40 -13.80 5.33 33.60
C TYR B 40 -13.96 6.63 32.81
N ILE B 41 -13.98 6.53 31.48
CA ILE B 41 -14.03 7.72 30.65
C ILE B 41 -15.36 8.45 30.85
N VAL B 42 -16.46 7.71 30.86
CA VAL B 42 -17.77 8.31 31.07
C VAL B 42 -17.86 8.93 32.46
N LYS B 43 -17.35 8.24 33.47
CA LYS B 43 -17.35 8.79 34.83
C LYS B 43 -16.52 10.06 34.90
N LYS B 44 -15.36 10.07 34.23
CA LYS B 44 -14.47 11.24 34.29
C LYS B 44 -15.18 12.50 33.81
N THR B 45 -16.06 12.39 32.82
CA THR B 45 -16.72 13.56 32.28
C THR B 45 -17.99 13.93 33.04
N LEU B 46 -18.72 12.96 33.58
CA LEU B 46 -20.05 13.20 34.11
C LEU B 46 -20.15 13.14 35.63
N LYS B 47 -19.09 12.77 36.34
CA LYS B 47 -19.22 12.47 37.77
C LYS B 47 -19.65 13.70 38.57
N ASN B 48 -19.26 14.90 38.15
CA ASN B 48 -19.52 16.11 38.92
C ASN B 48 -20.53 17.03 38.24
N HIS B 49 -21.29 16.51 37.27
CA HIS B 49 -22.26 17.36 36.59
C HIS B 49 -23.42 17.72 37.52
N ASP B 50 -23.81 18.99 37.47
CA ASP B 50 -24.91 19.51 38.30
C ASP B 50 -26.19 19.42 37.48
N ILE B 51 -26.95 18.34 37.69
CA ILE B 51 -28.14 18.13 36.87
C ILE B 51 -29.23 19.12 37.23
N ILE B 52 -29.27 19.60 38.48
CA ILE B 52 -30.27 20.59 38.86
C ILE B 52 -30.03 21.90 38.12
N LYS B 53 -28.77 22.34 38.10
CA LYS B 53 -28.43 23.60 37.45
C LYS B 53 -28.59 23.53 35.94
N ASN B 54 -28.20 22.40 35.34
CA ASN B 54 -28.32 22.20 33.89
C ASN B 54 -28.86 20.81 33.61
N PRO B 55 -30.18 20.66 33.52
CA PRO B 55 -30.77 19.36 33.18
C PRO B 55 -30.77 19.03 31.70
N TYR B 56 -30.09 19.80 30.86
CA TYR B 56 -29.99 19.53 29.42
C TYR B 56 -28.53 19.43 28.98
N PRO B 57 -27.77 18.48 29.52
CA PRO B 57 -26.38 18.33 29.08
C PRO B 57 -26.31 17.53 27.78
N ARG B 58 -25.51 18.02 26.83
CA ARG B 58 -25.33 17.35 25.56
C ARG B 58 -24.05 16.51 25.61
N ILE B 59 -24.19 15.20 25.49
CA ILE B 59 -23.06 14.28 25.48
C ILE B 59 -22.97 13.68 24.08
N LEU B 60 -21.81 13.81 23.46
CA LEU B 60 -21.60 13.42 22.07
C LEU B 60 -20.47 12.42 21.96
N ASP B 61 -20.65 11.45 21.05
CA ASP B 61 -19.60 10.55 20.60
C ASP B 61 -19.61 10.58 19.08
N ILE B 62 -18.52 11.07 18.47
CA ILE B 62 -18.48 11.24 17.03
C ILE B 62 -17.91 10.03 16.29
N SER B 63 -17.59 8.96 17.01
CA SER B 63 -17.26 7.67 16.42
C SER B 63 -17.92 6.57 17.24
N CYS B 64 -19.22 6.73 17.51
CA CYS B 64 -19.90 5.96 18.54
C CYS B 64 -20.01 4.46 18.22
N GLY B 65 -19.92 4.08 16.95
CA GLY B 65 -20.06 2.68 16.60
C GLY B 65 -21.39 2.11 17.07
N CYS B 66 -21.35 0.93 17.69
CA CYS B 66 -22.55 0.30 18.22
C CYS B 66 -23.02 0.91 19.53
N GLY B 67 -22.25 1.84 20.10
CA GLY B 67 -22.65 2.54 21.29
C GLY B 67 -22.00 2.10 22.58
N ASN B 68 -20.74 1.65 22.53
CA ASN B 68 -20.06 1.21 23.76
C ASN B 68 -20.04 2.32 24.80
N PHE B 69 -19.83 3.57 24.37
CA PHE B 69 -19.78 4.71 25.27
C PHE B 69 -21.17 5.28 25.54
N LEU B 70 -21.97 5.49 24.49
CA LEU B 70 -23.25 6.15 24.65
C LEU B 70 -24.24 5.32 25.45
N LEU B 71 -24.20 3.99 25.32
CA LEU B 71 -25.06 3.14 26.14
C LEU B 71 -24.71 3.30 27.61
N GLU B 72 -23.42 3.36 27.94
CA GLU B 72 -23.01 3.63 29.31
C GLU B 72 -23.39 5.04 29.72
N VAL B 73 -23.32 6.00 28.78
CA VAL B 73 -23.74 7.36 29.07
C VAL B 73 -25.20 7.39 29.47
N TYR B 74 -26.04 6.64 28.76
CA TYR B 74 -27.47 6.59 29.07
C TYR B 74 -27.70 6.13 30.51
N ASP B 75 -27.01 5.06 30.92
CA ASP B 75 -27.20 4.54 32.27
C ASP B 75 -26.79 5.55 33.32
N ILE B 76 -25.67 6.24 33.11
CA ILE B 76 -25.22 7.25 34.06
C ILE B 76 -26.22 8.38 34.14
N LEU B 77 -26.68 8.87 32.98
CA LEU B 77 -27.65 9.96 32.95
C LEU B 77 -28.96 9.57 33.61
N TYR B 78 -29.45 8.36 33.33
CA TYR B 78 -30.74 7.94 33.87
C TYR B 78 -30.73 7.95 35.38
N ASP B 79 -29.66 7.41 35.98
CA ASP B 79 -29.55 7.44 37.43
C ASP B 79 -29.43 8.86 37.94
N LEU B 80 -28.69 9.71 37.21
CA LEU B 80 -28.55 11.10 37.60
C LEU B 80 -29.91 11.80 37.61
N PHE B 81 -30.72 11.60 36.57
CA PHE B 81 -32.05 12.19 36.54
C PHE B 81 -32.95 11.58 37.60
N GLU B 82 -32.90 10.26 37.76
CA GLU B 82 -33.79 9.59 38.69
C GLU B 82 -33.53 10.01 40.13
N GLU B 83 -32.25 10.19 40.49
CA GLU B 83 -31.91 10.54 41.86
C GLU B 83 -32.36 11.95 42.23
N ASN B 84 -32.56 12.83 41.25
CA ASN B 84 -32.91 14.22 41.50
C ASN B 84 -34.24 14.60 40.89
N ILE B 85 -35.11 13.63 40.60
CA ILE B 85 -36.30 13.89 39.81
C ILE B 85 -37.23 14.86 40.53
N TYR B 86 -37.35 14.74 41.85
CA TYR B 86 -38.27 15.62 42.57
C TYR B 86 -37.72 17.04 42.68
N GLU B 87 -36.40 17.21 42.79
CA GLU B 87 -35.82 18.55 42.79
C GLU B 87 -36.04 19.23 41.44
N LEU B 88 -35.86 18.49 40.34
CA LEU B 88 -36.15 19.04 39.02
C LEU B 88 -37.64 19.35 38.88
N LYS B 89 -38.49 18.46 39.39
CA LYS B 89 -39.93 18.65 39.31
C LYS B 89 -40.36 19.94 40.02
N LYS B 90 -39.74 20.23 41.17
CA LYS B 90 -40.07 21.43 41.92
C LYS B 90 -39.53 22.69 41.24
N LYS B 91 -38.28 22.64 40.77
CA LYS B 91 -37.62 23.80 40.19
C LYS B 91 -38.14 24.14 38.79
N TYR B 92 -38.50 23.13 38.02
CA TYR B 92 -38.95 23.29 36.64
C TYR B 92 -40.40 22.82 36.52
N ASP B 93 -40.87 22.68 35.28
CA ASP B 93 -42.23 22.23 35.02
C ASP B 93 -42.51 20.89 35.69
N GLU B 94 -43.42 20.87 36.67
CA GLU B 94 -43.67 19.66 37.44
C GLU B 94 -44.40 18.58 36.65
N ASN B 95 -45.09 18.95 35.57
CA ASN B 95 -45.73 17.94 34.72
C ASN B 95 -44.72 17.22 33.85
N TYR B 96 -43.66 17.92 33.42
CA TYR B 96 -42.67 17.32 32.51
C TYR B 96 -41.77 16.34 33.24
N TRP B 97 -41.37 16.66 34.47
CA TRP B 97 -40.33 15.90 35.16
C TRP B 97 -40.96 14.78 35.98
N THR B 98 -41.14 13.63 35.33
CA THR B 98 -41.54 12.39 35.98
C THR B 98 -40.50 11.33 35.65
N VAL B 99 -40.47 10.27 36.46
CA VAL B 99 -39.56 9.17 36.18
C VAL B 99 -39.87 8.55 34.83
N ASP B 100 -41.16 8.46 34.49
CA ASP B 100 -41.57 7.88 33.21
C ASP B 100 -41.11 8.70 32.02
N ASN B 101 -40.76 9.97 32.21
CA ASN B 101 -40.36 10.84 31.12
C ASN B 101 -38.85 10.96 30.95
N ILE B 102 -38.06 10.33 31.83
CA ILE B 102 -36.60 10.45 31.75
C ILE B 102 -36.09 9.87 30.44
N HIS B 103 -36.64 8.74 30.01
CA HIS B 103 -36.17 8.07 28.81
C HIS B 103 -36.29 8.97 27.58
N ARG B 104 -37.46 9.57 27.37
CA ARG B 104 -37.63 10.44 26.21
C ARG B 104 -36.77 11.69 26.32
N HIS B 105 -36.61 12.23 27.53
CA HIS B 105 -35.79 13.42 27.70
C HIS B 105 -34.34 13.15 27.34
N ILE B 106 -33.80 12.02 27.78
CA ILE B 106 -32.40 11.68 27.48
C ILE B 106 -32.18 11.58 25.98
N LEU B 107 -33.09 10.89 25.29
CA LEU B 107 -32.93 10.67 23.85
C LEU B 107 -33.17 11.94 23.05
N ASN B 108 -34.09 12.80 23.51
CA ASN B 108 -34.40 14.01 22.75
C ASN B 108 -33.28 15.04 22.84
N TYR B 109 -32.72 15.24 24.03
CA TYR B 109 -31.89 16.42 24.28
C TYR B 109 -30.47 16.13 24.72
N CYS B 110 -30.15 14.93 25.19
CA CYS B 110 -28.90 14.70 25.89
C CYS B 110 -27.89 13.85 25.13
N ILE B 111 -28.32 12.79 24.45
CA ILE B 111 -27.41 11.85 23.81
C ILE B 111 -27.32 12.16 22.32
N TYR B 112 -26.11 12.34 21.82
CA TYR B 112 -25.83 12.57 20.41
C TYR B 112 -24.76 11.60 19.95
N GLY B 113 -24.93 11.04 18.77
CA GLY B 113 -23.97 10.11 18.22
C GLY B 113 -23.82 10.28 16.72
N ALA B 114 -22.60 10.01 16.24
CA ALA B 114 -22.31 10.02 14.82
C ALA B 114 -21.32 8.93 14.49
N ASP B 115 -21.53 8.26 13.35
CA ASP B 115 -20.61 7.24 12.88
C ASP B 115 -20.84 7.04 11.38
N ILE B 116 -19.78 6.63 10.69
CA ILE B 116 -19.87 6.43 9.25
C ILE B 116 -20.55 5.11 8.88
N ASP B 117 -20.62 4.16 9.81
CA ASP B 117 -21.18 2.84 9.55
C ASP B 117 -22.67 2.84 9.86
N GLU B 118 -23.50 2.70 8.81
CA GLU B 118 -24.94 2.76 9.00
C GLU B 118 -25.47 1.55 9.77
N LYS B 119 -24.85 0.38 9.59
CA LYS B 119 -25.29 -0.80 10.33
C LYS B 119 -25.10 -0.60 11.83
N ALA B 120 -23.96 -0.05 12.24
CA ALA B 120 -23.72 0.22 13.65
C ALA B 120 -24.70 1.24 14.20
N ILE B 121 -25.01 2.27 13.41
CA ILE B 121 -25.94 3.31 13.85
C ILE B 121 -27.33 2.72 14.09
N SER B 122 -27.79 1.88 13.17
CA SER B 122 -29.12 1.27 13.34
C SER B 122 -29.16 0.37 14.57
N ILE B 123 -28.08 -0.37 14.82
CA ILE B 123 -28.01 -1.23 16.00
C ILE B 123 -28.07 -0.39 17.27
N LEU B 124 -27.29 0.71 17.29
CA LEU B 124 -27.33 1.60 18.44
C LEU B 124 -28.71 2.22 18.62
N LYS B 125 -29.38 2.54 17.51
CA LYS B 125 -30.74 3.08 17.60
C LYS B 125 -31.67 2.07 18.25
N ASP B 126 -31.55 0.79 17.90
CA ASP B 126 -32.36 -0.23 18.56
C ASP B 126 -32.00 -0.37 20.03
N SER B 127 -30.70 -0.32 20.35
CA SER B 127 -30.28 -0.48 21.74
C SER B 127 -30.81 0.65 22.62
N LEU B 128 -30.71 1.89 22.12
CA LEU B 128 -31.25 3.02 22.86
C LEU B 128 -32.77 2.94 22.98
N THR B 129 -33.44 2.46 21.92
CA THR B 129 -34.89 2.30 21.98
C THR B 129 -35.28 1.27 23.03
N ASN B 130 -34.53 0.17 23.13
CA ASN B 130 -34.86 -0.91 24.04
C ASN B 130 -34.50 -0.61 25.49
N LYS B 131 -34.02 0.59 25.80
CA LYS B 131 -33.76 0.96 27.18
C LYS B 131 -35.04 1.14 27.98
N LYS B 132 -36.16 1.43 27.31
CA LYS B 132 -37.44 1.59 27.98
C LYS B 132 -38.18 0.25 27.99
N VAL B 133 -38.58 -0.21 29.18
CA VAL B 133 -39.19 -1.53 29.31
C VAL B 133 -40.52 -1.57 28.56
N VAL B 134 -41.35 -0.55 28.73
CA VAL B 134 -42.68 -0.53 28.13
C VAL B 134 -42.56 -0.23 26.64
N ASN B 135 -43.25 -1.01 25.82
CA ASN B 135 -43.30 -0.80 24.38
C ASN B 135 -44.58 -0.06 24.01
N ASP B 136 -44.45 0.90 23.09
CA ASP B 136 -45.54 1.78 22.70
C ASP B 136 -46.12 2.51 23.91
N LEU B 137 -45.23 3.19 24.64
CA LEU B 137 -45.66 3.93 25.83
C LEU B 137 -46.50 5.14 25.45
N ASP B 138 -46.04 5.92 24.48
CA ASP B 138 -46.76 7.11 24.01
C ASP B 138 -47.03 7.07 22.51
N GLU B 139 -46.97 5.88 21.91
CA GLU B 139 -47.09 5.73 20.46
C GLU B 139 -46.10 6.66 19.76
N SER B 140 -46.52 7.23 18.63
CA SER B 140 -45.72 8.18 17.88
C SER B 140 -44.31 7.66 17.63
N ASP B 141 -43.31 8.40 18.08
CA ASP B 141 -41.91 8.00 17.97
C ASP B 141 -41.09 8.92 18.86
N ILE B 142 -39.88 8.47 19.18
CA ILE B 142 -38.94 9.23 20.01
C ILE B 142 -37.83 9.74 19.12
N LYS B 143 -37.57 11.04 19.18
CA LYS B 143 -36.44 11.61 18.44
C LYS B 143 -35.14 11.16 19.08
N ILE B 144 -34.24 10.63 18.25
CA ILE B 144 -32.91 10.21 18.66
C ILE B 144 -31.90 10.95 17.80
N ASN B 145 -30.85 11.47 18.44
CA ASN B 145 -29.87 12.30 17.75
C ASN B 145 -28.68 11.44 17.30
N LEU B 146 -28.96 10.54 16.38
CA LEU B 146 -27.93 9.70 15.78
C LEU B 146 -27.78 10.08 14.31
N PHE B 147 -26.55 10.24 13.87
CA PHE B 147 -26.26 10.66 12.50
C PHE B 147 -25.30 9.66 11.87
N CYS B 148 -25.64 9.20 10.68
CA CYS B 148 -24.74 8.38 9.87
C CYS B 148 -24.06 9.31 8.87
N CYS B 149 -22.81 9.68 9.17
CA CYS B 149 -22.13 10.71 8.40
C CYS B 149 -20.64 10.66 8.69
N ASP B 150 -19.89 11.44 7.93
CA ASP B 150 -18.48 11.67 8.22
C ASP B 150 -18.40 12.77 9.28
N SER B 151 -17.98 12.38 10.50
CA SER B 151 -17.95 13.34 11.60
C SER B 151 -16.99 14.49 11.33
N LEU B 152 -15.96 14.25 10.53
CA LEU B 152 -15.00 15.30 10.22
C LEU B 152 -15.56 16.30 9.21
N LYS B 153 -16.64 15.96 8.51
CA LYS B 153 -17.26 16.86 7.56
C LYS B 153 -18.57 17.47 8.03
N LYS B 154 -19.20 16.90 9.06
CA LYS B 154 -20.51 17.37 9.47
C LYS B 154 -20.41 18.75 10.09
N LYS B 155 -21.31 19.65 9.69
CA LYS B 155 -21.39 20.99 10.24
C LYS B 155 -22.39 20.96 11.41
N TRP B 156 -21.89 21.20 12.61
CA TRP B 156 -22.73 21.19 13.80
C TRP B 156 -23.29 22.58 14.07
N ARG B 157 -24.58 22.65 14.38
CA ARG B 157 -25.25 23.91 14.67
C ARG B 157 -24.92 24.46 16.05
N TYR B 158 -24.35 23.65 16.95
CA TYR B 158 -24.08 24.08 18.31
C TYR B 158 -23.00 23.20 18.91
N LYS B 159 -22.44 23.65 20.03
CA LYS B 159 -21.37 22.93 20.69
C LYS B 159 -21.94 21.99 21.75
N PHE B 160 -21.06 21.22 22.39
CA PHE B 160 -21.47 20.11 23.23
C PHE B 160 -20.81 20.20 24.60
N ASP B 161 -21.59 19.86 25.64
CA ASP B 161 -21.09 19.92 27.01
C ASP B 161 -20.04 18.86 27.27
N TYR B 162 -20.25 17.64 26.77
CA TYR B 162 -19.33 16.54 27.01
C TYR B 162 -19.14 15.74 25.73
N ILE B 163 -17.90 15.30 25.49
CA ILE B 163 -17.56 14.49 24.33
C ILE B 163 -16.67 13.34 24.79
N VAL B 164 -17.07 12.12 24.46
CA VAL B 164 -16.35 10.91 24.84
C VAL B 164 -16.25 9.99 23.63
N GLY B 165 -15.31 9.05 23.70
CA GLY B 165 -15.32 7.95 22.75
C GLY B 165 -13.93 7.50 22.39
N ASN B 166 -13.88 6.66 21.34
CA ASN B 166 -12.66 6.04 20.83
C ASN B 166 -12.61 6.26 19.33
N PRO B 167 -11.84 7.23 18.85
CA PRO B 167 -11.86 7.58 17.43
C PRO B 167 -11.16 6.52 16.59
N PRO B 168 -11.33 6.56 15.27
CA PRO B 168 -10.56 5.64 14.41
C PRO B 168 -9.09 6.04 14.34
N TYR B 169 -8.23 5.04 14.34
CA TYR B 169 -6.79 5.24 14.14
C TYR B 169 -6.46 4.73 12.74
N ILE B 170 -6.07 5.61 11.84
CA ILE B 170 -5.69 5.23 10.48
C ILE B 170 -4.50 6.07 10.06
N GLY B 171 -3.40 5.41 9.73
CA GLY B 171 -2.17 6.08 9.34
C GLY B 171 -2.12 6.39 7.86
N HIS B 172 -0.94 6.87 7.44
CA HIS B 172 -0.80 7.37 6.07
C HIS B 172 -0.82 6.26 5.02
N LYS B 173 -0.56 5.01 5.41
CA LYS B 173 -0.59 3.92 4.42
C LYS B 173 -1.99 3.38 4.20
N LYS B 174 -2.85 3.41 5.21
CA LYS B 174 -4.15 2.75 5.13
C LYS B 174 -5.29 3.72 4.85
N LEU B 175 -5.02 5.02 4.80
CA LEU B 175 -6.01 6.01 4.43
C LEU B 175 -5.95 6.25 2.93
N GLU B 176 -7.12 6.46 2.32
CA GLU B 176 -7.18 6.68 0.88
C GLU B 176 -6.63 8.05 0.52
N LYS B 177 -5.97 8.11 -0.65
CA LYS B 177 -5.31 9.36 -1.05
C LYS B 177 -6.30 10.49 -1.26
N LYS B 178 -7.46 10.18 -1.85
CA LYS B 178 -8.47 11.21 -2.07
C LYS B 178 -8.94 11.82 -0.76
N TYR B 179 -9.11 10.99 0.27
CA TYR B 179 -9.54 11.51 1.56
C TYR B 179 -8.45 12.36 2.21
N LYS B 180 -7.19 11.95 2.05
CA LYS B 180 -6.08 12.70 2.65
C LYS B 180 -5.98 14.11 2.06
N LYS B 181 -6.40 14.29 0.81
CA LYS B 181 -6.40 15.64 0.25
C LYS B 181 -7.37 16.55 0.98
N PHE B 182 -8.54 16.02 1.35
CA PHE B 182 -9.48 16.78 2.17
C PHE B 182 -8.88 17.08 3.54
N LEU B 183 -8.22 16.10 4.16
CA LEU B 183 -7.61 16.34 5.46
C LEU B 183 -6.49 17.37 5.38
N LEU B 184 -5.64 17.28 4.35
CA LEU B 184 -4.56 18.25 4.21
C LEU B 184 -5.08 19.65 3.96
N GLU B 185 -6.28 19.77 3.39
CA GLU B 185 -6.84 21.09 3.10
C GLU B 185 -7.54 21.68 4.32
N LYS B 186 -8.37 20.89 5.00
CA LYS B 186 -9.25 21.40 6.03
C LYS B 186 -8.73 21.22 7.45
N TYR B 187 -7.80 20.29 7.67
CA TYR B 187 -7.27 20.01 9.00
C TYR B 187 -5.76 20.22 9.07
N SER B 188 -5.26 21.20 8.31
CA SER B 188 -3.82 21.41 8.21
C SER B 188 -3.19 21.84 9.54
N GLU B 189 -3.98 22.38 10.47
CA GLU B 189 -3.40 22.78 11.76
C GLU B 189 -2.86 21.59 12.53
N VAL B 190 -3.36 20.38 12.26
CA VAL B 190 -2.91 19.20 13.01
C VAL B 190 -2.51 18.06 12.09
N TYR B 191 -2.91 18.10 10.81
CA TYR B 191 -2.69 16.97 9.91
C TYR B 191 -1.78 17.38 8.77
N LYS B 192 -0.57 16.83 8.74
CA LYS B 192 0.38 17.00 7.65
C LYS B 192 1.24 15.76 7.57
N ASP B 193 1.84 15.55 6.40
CA ASP B 193 2.84 14.51 6.21
C ASP B 193 2.34 13.15 6.67
N LYS B 194 3.02 12.54 7.65
CA LYS B 194 2.69 11.20 8.10
C LYS B 194 1.77 11.20 9.33
N ALA B 195 0.93 12.22 9.46
CA ALA B 195 0.01 12.31 10.58
C ALA B 195 -1.03 11.20 10.50
N ASP B 196 -1.86 11.10 11.54
CA ASP B 196 -2.87 10.05 11.63
C ASP B 196 -4.27 10.65 11.65
N LEU B 197 -5.24 9.83 11.24
CA LEU B 197 -6.63 10.27 11.20
C LEU B 197 -7.12 10.74 12.56
N TYR B 198 -6.70 10.06 13.63
CA TYR B 198 -7.21 10.45 14.95
C TYR B 198 -6.71 11.81 15.38
N PHE B 199 -5.65 12.33 14.75
CA PHE B 199 -5.26 13.73 14.97
C PHE B 199 -6.43 14.66 14.67
N CYS B 200 -7.11 14.41 13.55
CA CYS B 200 -8.20 15.28 13.12
C CYS B 200 -9.42 15.15 14.04
N PHE B 201 -9.64 13.96 14.61
CA PHE B 201 -10.73 13.81 15.58
C PHE B 201 -10.45 14.61 16.85
N TYR B 202 -9.20 14.66 17.28
CA TYR B 202 -8.84 15.55 18.39
C TYR B 202 -9.24 16.98 18.08
N LYS B 203 -8.86 17.48 16.89
CA LYS B 203 -9.19 18.86 16.54
C LYS B 203 -10.69 19.06 16.49
N LYS B 204 -11.43 18.13 15.88
CA LYS B 204 -12.87 18.29 15.76
C LYS B 204 -13.53 18.28 17.13
N ILE B 205 -13.11 17.38 18.01
CA ILE B 205 -13.68 17.32 19.35
C ILE B 205 -13.44 18.63 20.09
N ILE B 206 -12.22 19.15 20.01
CA ILE B 206 -11.86 20.40 20.67
C ILE B 206 -12.69 21.55 20.11
N ASP B 207 -12.85 21.59 18.78
CA ASP B 207 -13.51 22.73 18.16
C ASP B 207 -14.98 22.82 18.51
N ILE B 208 -15.66 21.69 18.70
CA ILE B 208 -17.09 21.70 19.01
C ILE B 208 -17.35 21.50 20.49
N LEU B 209 -16.32 21.55 21.32
CA LEU B 209 -16.51 21.45 22.76
C LEU B 209 -16.98 22.78 23.33
N LYS B 210 -18.08 22.75 24.06
CA LYS B 210 -18.66 23.95 24.65
C LYS B 210 -17.70 24.56 25.68
N GLN B 211 -17.82 25.87 25.87
CA GLN B 211 -17.07 26.52 26.94
C GLN B 211 -17.48 25.92 28.29
N GLY B 212 -16.48 25.53 29.07
CA GLY B 212 -16.73 24.82 30.30
C GLY B 212 -17.00 23.34 30.15
N GLY B 213 -16.95 22.80 28.93
CA GLY B 213 -17.20 21.39 28.71
C GLY B 213 -15.98 20.53 29.01
N ILE B 214 -16.19 19.22 28.98
CA ILE B 214 -15.16 18.24 29.29
C ILE B 214 -15.13 17.18 28.19
N GLY B 215 -13.94 16.87 27.70
CA GLY B 215 -13.76 15.79 26.75
C GLY B 215 -12.82 14.74 27.31
N SER B 216 -13.09 13.48 26.97
CA SER B 216 -12.24 12.38 27.42
C SER B 216 -12.27 11.28 26.37
N VAL B 217 -11.12 10.96 25.79
CA VAL B 217 -11.00 9.97 24.72
C VAL B 217 -9.82 9.05 25.00
N ILE B 218 -9.87 7.87 24.39
CA ILE B 218 -8.74 6.94 24.36
C ILE B 218 -8.24 6.87 22.93
N THR B 219 -6.95 7.17 22.73
CA THR B 219 -6.34 7.20 21.42
C THR B 219 -5.00 6.48 21.50
N PRO B 220 -4.27 6.32 20.39
CA PRO B 220 -2.88 5.88 20.51
C PRO B 220 -2.06 6.88 21.31
N ARG B 221 -0.99 6.39 21.94
CA ARG B 221 -0.11 7.24 22.73
C ARG B 221 0.95 7.93 21.90
N TYR B 222 1.13 7.56 20.63
CA TYR B 222 2.33 7.95 19.90
C TYR B 222 2.42 9.45 19.68
N PHE B 223 1.29 10.15 19.60
CA PHE B 223 1.33 11.59 19.38
C PHE B 223 1.99 12.34 20.53
N LEU B 224 2.09 11.71 21.71
CA LEU B 224 2.75 12.35 22.83
C LEU B 224 4.24 12.55 22.59
N GLU B 225 4.86 11.74 21.73
CA GLU B 225 6.29 11.83 21.47
C GLU B 225 6.65 11.98 19.99
N SER B 226 5.78 11.60 19.06
CA SER B 226 6.19 11.47 17.67
C SER B 226 6.43 12.83 17.03
N LEU B 227 7.25 12.81 15.97
CA LEU B 227 7.47 14.01 15.16
C LEU B 227 6.19 14.45 14.47
N SER B 228 5.37 13.50 14.01
CA SER B 228 4.14 13.86 13.32
C SER B 228 3.15 14.58 14.22
N GLY B 229 3.20 14.33 15.53
CA GLY B 229 2.25 14.90 16.45
C GLY B 229 2.59 16.28 16.97
N LYS B 230 3.64 16.91 16.45
CA LYS B 230 4.09 18.20 16.97
C LYS B 230 2.99 19.26 16.88
N ASP B 231 2.31 19.35 15.73
CA ASP B 231 1.27 20.35 15.58
C ASP B 231 0.06 20.04 16.45
N LEU B 232 -0.29 18.76 16.59
CA LEU B 232 -1.42 18.38 17.43
C LEU B 232 -1.18 18.73 18.88
N ARG B 233 0.03 18.47 19.38
CA ARG B 233 0.37 18.84 20.76
C ARG B 233 0.21 20.34 20.97
N GLU B 234 0.69 21.14 20.01
CA GLU B 234 0.51 22.59 20.11
C GLU B 234 -0.98 22.96 20.10
N TYR B 235 -1.77 22.30 19.25
CA TYR B 235 -3.19 22.61 19.18
C TYR B 235 -3.91 22.25 20.48
N ILE B 236 -3.60 21.09 21.05
CA ILE B 236 -4.21 20.68 22.32
C ILE B 236 -3.79 21.64 23.42
N LYS B 237 -2.51 21.94 23.50
CA LYS B 237 -1.98 22.77 24.58
C LYS B 237 -2.53 24.19 24.53
N SER B 238 -2.80 24.71 23.33
CA SER B 238 -3.21 26.10 23.16
C SER B 238 -4.71 26.32 23.27
N ASN B 239 -5.52 25.26 23.23
CA ASN B 239 -6.97 25.43 23.15
C ASN B 239 -7.76 24.80 24.29
N VAL B 240 -7.21 23.84 25.01
CA VAL B 240 -7.89 23.21 26.14
C VAL B 240 -6.93 23.08 27.31
N ASN B 241 -7.48 22.87 28.49
CA ASN B 241 -6.71 22.52 29.68
C ASN B 241 -6.72 21.01 29.83
N VAL B 242 -5.55 20.39 29.77
CA VAL B 242 -5.45 18.95 29.92
C VAL B 242 -5.53 18.63 31.41
N GLN B 243 -6.62 17.98 31.82
CA GLN B 243 -6.78 17.60 33.22
C GLN B 243 -5.87 16.42 33.57
N GLU B 244 -5.78 15.44 32.68
CA GLU B 244 -5.18 14.17 33.04
C GLU B 244 -4.73 13.43 31.79
N ILE B 245 -3.60 12.73 31.90
CA ILE B 245 -3.11 11.83 30.88
C ILE B 245 -2.80 10.50 31.56
N VAL B 246 -3.42 9.43 31.07
CA VAL B 246 -3.12 8.08 31.52
C VAL B 246 -2.35 7.40 30.40
N ASP B 247 -1.06 7.16 30.64
CA ASP B 247 -0.19 6.55 29.64
C ASP B 247 0.01 5.09 30.01
N PHE B 248 -0.48 4.19 29.17
CA PHE B 248 -0.31 2.76 29.37
C PHE B 248 0.98 2.23 28.78
N LEU B 249 1.81 3.12 28.20
CA LEU B 249 3.10 2.74 27.60
C LEU B 249 2.84 1.62 26.60
N GLY B 250 3.64 0.56 26.60
CA GLY B 250 3.49 -0.52 25.64
C GLY B 250 2.50 -1.60 26.03
N ALA B 251 1.68 -1.37 27.06
CA ALA B 251 0.72 -2.37 27.48
C ALA B 251 -0.33 -2.62 26.40
N ASN B 252 -0.89 -3.83 26.40
CA ASN B 252 -1.86 -4.26 25.39
C ASN B 252 -3.27 -4.07 25.96
N ILE B 253 -3.88 -2.92 25.64
CA ILE B 253 -5.21 -2.61 26.15
C ILE B 253 -6.30 -3.23 25.27
N PHE B 254 -6.07 -3.32 23.96
CA PHE B 254 -7.03 -3.91 23.03
C PHE B 254 -6.54 -5.31 22.64
N LYS B 255 -7.35 -6.32 22.92
CA LYS B 255 -6.96 -7.69 22.66
C LYS B 255 -6.72 -7.91 21.17
N ASN B 256 -5.59 -8.54 20.85
CA ASN B 256 -5.20 -8.88 19.47
C ASN B 256 -5.07 -7.65 18.58
N ILE B 257 -4.77 -6.50 19.17
CA ILE B 257 -4.56 -5.27 18.41
C ILE B 257 -3.16 -4.75 18.73
N GLY B 258 -2.37 -4.50 17.69
CA GLY B 258 -1.02 -4.01 17.87
C GLY B 258 -0.94 -2.50 17.98
N VAL B 259 -1.43 -1.94 19.09
CA VAL B 259 -1.42 -0.51 19.32
C VAL B 259 -1.19 -0.25 20.81
N SER B 260 -0.59 0.89 21.11
CA SER B 260 -0.36 1.33 22.48
C SER B 260 -1.20 2.58 22.77
N SER B 261 -1.81 2.61 23.95
CA SER B 261 -2.95 3.49 24.21
C SER B 261 -2.65 4.50 25.30
N CYS B 262 -3.40 5.60 25.26
CA CYS B 262 -3.44 6.59 26.34
C CYS B 262 -4.86 7.14 26.44
N ILE B 263 -5.17 7.72 27.59
CA ILE B 263 -6.46 8.36 27.84
C ILE B 263 -6.18 9.82 28.19
N LEU B 264 -6.79 10.73 27.43
CA LEU B 264 -6.66 12.16 27.67
C LEU B 264 -8.00 12.72 28.12
N THR B 265 -7.98 13.49 29.20
CA THR B 265 -9.15 14.22 29.66
C THR B 265 -8.80 15.71 29.69
N PHE B 266 -9.68 16.52 29.10
CA PHE B 266 -9.41 17.94 28.93
C PHE B 266 -10.71 18.71 29.04
N ASP B 267 -10.58 20.03 29.25
CA ASP B 267 -11.75 20.86 29.45
C ASP B 267 -11.50 22.25 28.87
N LYS B 268 -12.57 23.05 28.81
CA LYS B 268 -12.50 24.46 28.48
C LYS B 268 -13.02 25.31 29.65
N LYS B 269 -12.63 24.94 30.86
CA LYS B 269 -13.00 25.70 32.04
C LYS B 269 -12.01 26.84 32.27
N LYS B 270 -12.42 27.78 33.12
CA LYS B 270 -11.55 28.88 33.55
C LYS B 270 -10.73 28.38 34.72
N THR B 271 -9.47 28.03 34.47
CA THR B 271 -8.55 27.57 35.49
C THR B 271 -7.39 28.56 35.60
N LYS B 272 -7.07 28.97 36.84
CA LYS B 272 -5.98 29.92 37.03
C LYS B 272 -4.65 29.35 36.55
N GLU B 273 -4.31 28.14 37.02
CA GLU B 273 -3.15 27.42 36.53
C GLU B 273 -3.55 25.97 36.32
N THR B 274 -3.23 25.43 35.15
CA THR B 274 -3.57 24.04 34.84
C THR B 274 -2.32 23.18 35.03
N TYR B 275 -2.37 22.31 36.02
CA TYR B 275 -1.42 21.22 36.17
C TYR B 275 -2.06 19.95 35.64
N ILE B 276 -1.27 19.13 34.97
CA ILE B 276 -1.74 17.88 34.41
C ILE B 276 -1.49 16.76 35.40
N ASP B 277 -2.52 15.96 35.69
CA ASP B 277 -2.33 14.70 36.39
C ASP B 277 -1.83 13.66 35.39
N VAL B 278 -0.62 13.14 35.60
CA VAL B 278 -0.02 12.16 34.72
C VAL B 278 0.08 10.84 35.48
N PHE B 279 -0.52 9.80 34.91
CA PHE B 279 -0.44 8.44 35.41
C PHE B 279 0.27 7.60 34.38
N LYS B 280 1.48 7.15 34.70
CA LYS B 280 2.19 6.22 33.84
C LYS B 280 2.25 4.85 34.50
N ILE B 281 2.04 3.82 33.69
CA ILE B 281 2.12 2.43 34.18
C ILE B 281 3.58 2.11 34.47
N LYS B 282 3.80 1.34 35.53
CA LYS B 282 5.16 0.95 35.91
C LYS B 282 5.57 -0.35 35.23
N ASN B 283 4.63 -1.25 35.02
CA ASN B 283 4.91 -2.55 34.42
C ASN B 283 3.93 -2.76 33.26
N GLU B 284 4.48 -2.97 32.07
CA GLU B 284 3.66 -3.15 30.88
C GLU B 284 2.99 -4.52 30.82
N ASP B 285 3.34 -5.43 31.72
CA ASP B 285 2.81 -6.79 31.68
C ASP B 285 1.49 -6.95 32.44
N ILE B 286 1.02 -5.91 33.15
CA ILE B 286 -0.13 -6.10 34.02
C ILE B 286 -1.40 -6.22 33.18
N CYS B 287 -2.42 -6.84 33.78
CA CYS B 287 -3.73 -6.99 33.18
C CYS B 287 -4.65 -5.86 33.64
N ILE B 288 -5.43 -5.33 32.71
CA ILE B 288 -6.26 -4.16 32.99
C ILE B 288 -7.36 -4.46 34.00
N ASN B 289 -7.70 -5.73 34.21
CA ASN B 289 -8.80 -6.11 35.09
C ASN B 289 -8.32 -6.48 36.49
N LYS B 290 -7.25 -5.85 36.97
CA LYS B 290 -6.73 -6.16 38.30
C LYS B 290 -7.76 -5.87 39.39
N PHE B 291 -8.43 -4.74 39.28
CA PHE B 291 -9.53 -4.36 40.17
C PHE B 291 -10.81 -4.25 39.35
N GLU B 292 -11.91 -3.95 40.04
CA GLU B 292 -13.19 -3.77 39.36
C GLU B 292 -13.23 -2.47 38.55
N THR B 293 -12.41 -1.48 38.92
CA THR B 293 -12.42 -0.18 38.29
C THR B 293 -11.00 0.22 37.91
N LEU B 294 -10.91 1.13 36.94
CA LEU B 294 -9.61 1.67 36.54
C LEU B 294 -9.04 2.59 37.62
N GLU B 295 -9.91 3.28 38.37
CA GLU B 295 -9.43 4.22 39.38
C GLU B 295 -8.59 3.52 40.43
N GLU B 296 -9.02 2.33 40.87
CA GLU B 296 -8.23 1.56 41.83
C GLU B 296 -6.87 1.21 41.26
N LEU B 297 -6.83 0.84 39.98
CA LEU B 297 -5.55 0.55 39.32
C LEU B 297 -4.66 1.78 39.28
N LEU B 298 -5.23 2.95 38.96
CA LEU B 298 -4.45 4.17 38.87
C LEU B 298 -3.86 4.56 40.22
N LYS B 299 -4.64 4.40 41.29
CA LYS B 299 -4.18 4.77 42.61
C LYS B 299 -3.26 3.73 43.24
N SER B 300 -3.16 2.55 42.65
CA SER B 300 -2.36 1.47 43.21
C SER B 300 -0.88 1.72 42.95
N SER B 301 -0.06 0.77 43.40
CA SER B 301 1.38 0.84 43.17
C SER B 301 1.78 0.50 41.74
N LYS B 302 0.83 0.04 40.92
CA LYS B 302 1.11 -0.32 39.55
C LYS B 302 1.21 0.88 38.61
N PHE B 303 0.85 2.07 39.10
CA PHE B 303 0.95 3.30 38.32
C PHE B 303 1.73 4.34 39.13
N GLU B 304 2.48 5.17 38.41
CA GLU B 304 3.16 6.31 38.99
C GLU B 304 2.39 7.59 38.66
N HIS B 305 2.29 8.48 39.63
CA HIS B 305 1.60 9.74 39.45
C HIS B 305 2.56 10.90 39.68
N PHE B 306 2.48 11.90 38.79
CA PHE B 306 3.18 13.16 38.98
C PHE B 306 2.43 14.24 38.21
N ASN B 307 2.75 15.49 38.51
CA ASN B 307 2.09 16.63 37.89
C ASN B 307 3.03 17.33 36.93
N ILE B 308 2.46 17.87 35.86
CA ILE B 308 3.17 18.65 34.86
C ILE B 308 2.43 19.97 34.66
N ASN B 309 3.17 21.08 34.75
CA ASN B 309 2.60 22.41 34.51
C ASN B 309 2.43 22.59 33.00
N GLN B 310 1.19 22.71 32.55
CA GLN B 310 0.93 22.80 31.11
C GLN B 310 1.51 24.07 30.52
N ARG B 311 1.53 25.16 31.29
CA ARG B 311 2.08 26.42 30.79
C ARG B 311 3.57 26.30 30.47
N LEU B 312 4.26 25.37 31.12
CA LEU B 312 5.71 25.22 30.93
C LEU B 312 6.06 24.25 29.81
N LEU B 313 5.08 23.67 29.13
CA LEU B 313 5.37 22.74 28.05
C LEU B 313 5.94 23.48 26.84
N SER B 314 6.88 22.84 26.17
CA SER B 314 7.43 23.32 24.91
C SER B 314 6.70 22.62 23.77
N ASP B 315 7.24 22.73 22.54
CA ASP B 315 6.72 21.95 21.44
C ASP B 315 6.84 20.45 21.70
N GLU B 316 7.74 20.06 22.60
CA GLU B 316 7.93 18.68 23.02
C GLU B 316 7.34 18.49 24.41
N TRP B 317 6.50 17.46 24.58
CA TRP B 317 5.92 17.12 25.88
C TRP B 317 6.79 16.07 26.54
N ILE B 318 7.64 16.50 27.46
CA ILE B 318 8.49 15.58 28.22
C ILE B 318 7.77 15.36 29.54
N LEU B 319 6.95 14.32 29.59
CA LEU B 319 6.13 14.03 30.77
C LEU B 319 6.90 13.03 31.62
N VAL B 320 7.78 13.55 32.49
CA VAL B 320 8.59 12.72 33.38
C VAL B 320 8.60 13.36 34.77
N ASN B 321 8.99 12.55 35.75
CA ASN B 321 9.06 13.04 37.12
C ASN B 321 10.24 14.00 37.29
N LYS B 322 10.33 14.59 38.48
CA LYS B 322 11.36 15.59 38.74
C LYS B 322 12.76 14.99 38.62
N ASP B 323 12.93 13.74 39.07
CA ASP B 323 14.24 13.10 38.97
C ASP B 323 14.70 12.98 37.53
N ASP B 324 13.82 12.49 36.65
CA ASP B 324 14.19 12.32 35.25
C ASP B 324 14.46 13.66 34.58
N GLU B 325 13.67 14.68 34.91
CA GLU B 325 13.89 16.00 34.33
C GLU B 325 15.28 16.54 34.69
N THR B 326 15.67 16.42 35.96
CA THR B 326 16.99 16.88 36.37
C THR B 326 18.10 16.04 35.72
N PHE B 327 17.89 14.72 35.66
CA PHE B 327 18.83 13.85 34.97
C PHE B 327 18.96 14.25 33.50
N TYR B 328 17.82 14.47 32.84
CA TYR B 328 17.83 14.87 31.43
C TYR B 328 18.52 16.21 31.22
N ASN B 329 18.23 17.19 32.09
CA ASN B 329 18.78 18.53 31.92
C ASN B 329 20.29 18.55 32.11
N LYS B 330 20.79 17.76 33.07
CA LYS B 330 22.23 17.73 33.31
C LYS B 330 22.97 17.24 32.07
N ILE B 331 22.48 16.18 31.43
CA ILE B 331 23.13 15.66 30.23
C ILE B 331 23.05 16.66 29.09
N GLN B 332 21.87 17.27 28.89
CA GLN B 332 21.69 18.22 27.79
C GLN B 332 22.65 19.40 27.94
N GLU B 333 22.78 19.94 29.15
CA GLU B 333 23.62 21.12 29.35
C GLU B 333 25.10 20.77 29.22
N LYS B 334 25.51 19.61 29.73
CA LYS B 334 26.92 19.26 29.72
C LYS B 334 27.43 18.96 28.30
N CYS B 335 26.58 18.39 27.45
CA CYS B 335 26.98 17.98 26.11
C CYS B 335 26.85 19.16 25.15
N LYS B 336 27.93 19.48 24.46
CA LYS B 336 27.96 20.61 23.55
C LYS B 336 27.81 20.21 22.09
N TYR B 337 27.60 18.92 21.81
CA TYR B 337 27.42 18.43 20.45
C TYR B 337 26.21 17.52 20.41
N SER B 338 25.59 17.44 19.22
CA SER B 338 24.59 16.43 18.92
C SER B 338 25.12 15.53 17.82
N LEU B 339 24.55 14.34 17.72
CA LEU B 339 24.93 13.45 16.63
C LEU B 339 24.68 14.09 15.27
N GLU B 340 23.63 14.90 15.16
CA GLU B 340 23.35 15.59 13.90
C GLU B 340 24.50 16.52 13.52
N ASP B 341 25.17 17.12 14.50
CA ASP B 341 26.28 18.02 14.21
C ASP B 341 27.45 17.27 13.58
N ILE B 342 27.76 16.07 14.07
CA ILE B 342 29.01 15.41 13.72
C ILE B 342 28.85 14.28 12.72
N ALA B 343 27.62 13.87 12.41
CA ALA B 343 27.39 12.65 11.64
C ALA B 343 26.52 12.94 10.42
N ILE B 344 26.63 12.04 9.44
CA ILE B 344 25.74 11.99 8.29
C ILE B 344 24.88 10.75 8.46
N SER B 345 23.56 10.95 8.51
CA SER B 345 22.60 9.88 8.79
C SER B 345 21.84 9.51 7.52
N PHE B 346 21.47 8.24 7.41
CA PHE B 346 20.66 7.81 6.27
C PHE B 346 19.92 6.52 6.58
N GLN B 347 18.76 6.37 5.93
CA GLN B 347 17.94 5.17 6.04
C GLN B 347 18.46 4.09 5.08
N GLY B 348 18.14 2.84 5.40
CA GLY B 348 18.59 1.72 4.61
C GLY B 348 17.92 1.67 3.25
N ILE B 349 18.30 0.64 2.48
CA ILE B 349 17.74 0.42 1.16
C ILE B 349 16.24 0.13 1.28
N ILE B 350 15.46 0.61 0.31
CA ILE B 350 14.07 0.22 0.18
C ILE B 350 13.90 -0.34 -1.23
N THR B 351 13.91 -1.66 -1.34
CA THR B 351 13.78 -2.30 -2.65
C THR B 351 12.38 -2.11 -3.21
N GLY B 352 11.37 -2.13 -2.36
CA GLY B 352 9.99 -2.13 -2.77
C GLY B 352 9.38 -3.51 -2.93
N CYS B 353 10.21 -4.54 -3.09
CA CYS B 353 9.74 -5.93 -3.02
C CYS B 353 10.96 -6.79 -2.66
N ASP B 354 11.11 -7.08 -1.36
CA ASP B 354 12.32 -7.73 -0.89
C ASP B 354 12.47 -9.13 -1.48
N LYS B 355 11.36 -9.84 -1.67
CA LYS B 355 11.42 -11.20 -2.18
C LYS B 355 12.06 -11.28 -3.57
N ALA B 356 12.03 -10.17 -4.32
CA ALA B 356 12.60 -10.16 -5.66
C ALA B 356 14.11 -9.92 -5.67
N PHE B 357 14.66 -9.32 -4.62
CA PHE B 357 16.06 -8.91 -4.61
C PHE B 357 16.91 -9.54 -3.51
N ILE B 358 16.29 -10.09 -2.47
CA ILE B 358 17.01 -10.62 -1.32
C ILE B 358 17.02 -12.13 -1.40
N LEU B 359 18.20 -12.73 -1.32
CA LEU B 359 18.36 -14.18 -1.37
C LEU B 359 19.12 -14.64 -0.13
N SER B 360 18.75 -15.81 0.37
CA SER B 360 19.59 -16.48 1.36
C SER B 360 20.95 -16.78 0.74
N LYS B 361 22.01 -16.63 1.54
CA LYS B 361 23.35 -16.82 0.98
C LYS B 361 23.59 -18.25 0.53
N ASP B 362 22.77 -19.19 0.98
CA ASP B 362 22.84 -20.59 0.55
C ASP B 362 21.91 -20.89 -0.63
N ASP B 363 21.20 -19.89 -1.14
CA ASP B 363 20.28 -20.11 -2.26
C ASP B 363 21.07 -20.42 -3.53
N VAL B 364 20.57 -21.39 -4.29
CA VAL B 364 21.26 -21.82 -5.51
C VAL B 364 21.11 -20.80 -6.63
N LYS B 365 20.08 -19.95 -6.59
CA LYS B 365 19.89 -18.95 -7.63
C LYS B 365 20.99 -17.89 -7.61
N LEU B 366 21.77 -17.80 -6.54
CA LEU B 366 22.88 -16.84 -6.49
C LEU B 366 23.99 -17.20 -7.48
N ASN B 367 24.04 -18.44 -7.95
CA ASN B 367 25.03 -18.82 -8.96
C ASN B 367 24.79 -18.11 -10.29
N LEU B 368 23.57 -17.61 -10.51
CA LEU B 368 23.25 -16.88 -11.73
C LEU B 368 23.65 -15.41 -11.66
N VAL B 369 24.00 -14.90 -10.48
CA VAL B 369 24.26 -13.49 -10.27
C VAL B 369 25.76 -13.28 -10.13
N ASP B 370 26.32 -12.42 -10.99
CA ASP B 370 27.72 -12.07 -10.89
C ASP B 370 28.00 -11.44 -9.53
N ASP B 371 29.18 -11.74 -8.97
CA ASP B 371 29.50 -11.28 -7.63
C ASP B 371 29.57 -9.76 -7.54
N LYS B 372 29.77 -9.06 -8.65
CA LYS B 372 29.81 -7.61 -8.61
C LYS B 372 28.44 -7.00 -8.30
N PHE B 373 27.36 -7.76 -8.45
CA PHE B 373 26.03 -7.27 -8.12
C PHE B 373 25.62 -7.54 -6.68
N LEU B 374 26.34 -8.41 -5.98
CA LEU B 374 25.89 -8.91 -4.69
C LEU B 374 26.43 -8.09 -3.53
N LYS B 375 25.56 -7.77 -2.58
CA LYS B 375 25.93 -7.04 -1.37
C LYS B 375 25.49 -7.85 -0.15
N CYS B 376 26.22 -7.69 0.95
CA CYS B 376 25.81 -8.30 2.20
C CYS B 376 24.61 -7.58 2.77
N TRP B 377 23.68 -8.35 3.35
CA TRP B 377 22.37 -7.85 3.75
C TRP B 377 22.07 -8.33 5.15
N ILE B 378 21.86 -7.38 6.08
CA ILE B 378 21.57 -7.70 7.46
C ILE B 378 20.20 -7.18 7.83
N LYS B 379 19.61 -7.78 8.86
CA LYS B 379 18.34 -7.38 9.41
C LYS B 379 18.54 -6.76 10.79
N SER B 380 17.45 -6.26 11.36
CA SER B 380 17.53 -5.57 12.65
C SER B 380 18.09 -6.48 13.74
N LYS B 381 17.79 -7.77 13.69
CA LYS B 381 18.25 -8.68 14.74
C LYS B 381 19.74 -8.97 14.66
N ASN B 382 20.40 -8.61 13.56
CA ASN B 382 21.85 -8.84 13.45
C ASN B 382 22.66 -7.83 14.25
N ILE B 383 22.06 -6.71 14.66
CA ILE B 383 22.79 -5.66 15.36
C ILE B 383 22.84 -6.00 16.84
N ASN B 384 24.05 -6.09 17.38
CA ASN B 384 24.29 -6.12 18.82
C ASN B 384 24.99 -4.84 19.22
N LYS B 385 25.24 -4.70 20.52
CA LYS B 385 26.16 -3.66 20.96
C LYS B 385 27.53 -3.93 20.35
N TYR B 386 28.10 -2.88 19.76
CA TYR B 386 29.49 -2.76 19.29
C TYR B 386 29.84 -3.51 18.01
N ILE B 387 29.07 -4.52 17.60
CA ILE B 387 29.41 -5.32 16.42
C ILE B 387 28.16 -5.93 15.83
N VAL B 388 28.27 -6.32 14.56
CA VAL B 388 27.15 -6.87 13.78
C VAL B 388 27.38 -8.35 13.57
N ASP B 389 26.30 -9.13 13.68
CA ASP B 389 26.35 -10.55 13.36
C ASP B 389 26.65 -10.75 11.87
N LYS B 390 27.22 -11.90 11.55
CA LYS B 390 27.48 -12.26 10.15
C LYS B 390 26.18 -12.28 9.36
N SER B 391 26.23 -11.75 8.14
CA SER B 391 25.04 -11.66 7.30
C SER B 391 24.67 -13.02 6.74
N GLU B 392 23.37 -13.31 6.73
CA GLU B 392 22.84 -14.54 6.17
C GLU B 392 22.16 -14.34 4.82
N TYR B 393 22.09 -13.11 4.34
CA TYR B 393 21.37 -12.78 3.12
C TYR B 393 22.26 -11.97 2.19
N ARG B 394 21.89 -11.96 0.92
CA ARG B 394 22.60 -11.20 -0.10
C ARG B 394 21.60 -10.33 -0.86
N LEU B 395 22.00 -9.11 -1.17
CA LEU B 395 21.18 -8.19 -1.95
C LEU B 395 21.69 -8.13 -3.38
N ILE B 396 20.78 -8.27 -4.34
CA ILE B 396 21.09 -8.03 -5.75
C ILE B 396 20.88 -6.54 -6.01
N TYR B 397 21.98 -5.81 -6.17
CA TYR B 397 21.88 -4.36 -6.42
C TYR B 397 21.58 -4.17 -7.91
N SER B 398 20.30 -4.33 -8.25
CA SER B 398 19.87 -4.36 -9.64
C SER B 398 19.99 -3.00 -10.34
N ASN B 399 20.24 -1.92 -9.60
CA ASN B 399 20.46 -0.63 -10.26
C ASN B 399 21.69 -0.64 -11.15
N ASP B 400 22.64 -1.55 -10.90
CA ASP B 400 23.86 -1.64 -11.69
C ASP B 400 23.72 -2.56 -12.90
N ILE B 401 22.53 -3.13 -13.12
CA ILE B 401 22.27 -3.91 -14.32
C ILE B 401 21.96 -2.92 -15.45
N ASP B 402 22.82 -2.87 -16.46
CA ASP B 402 22.72 -1.84 -17.48
C ASP B 402 21.53 -2.07 -18.40
N ASN B 403 21.53 -3.19 -19.12
CA ASN B 403 20.49 -3.48 -20.11
C ASN B 403 19.74 -4.76 -19.74
N GLU B 404 18.53 -4.88 -20.29
CA GLU B 404 17.73 -6.06 -20.04
C GLU B 404 18.22 -7.28 -20.82
N ASN B 405 19.06 -7.09 -21.83
CA ASN B 405 19.56 -8.20 -22.63
C ASN B 405 20.88 -8.77 -22.10
N THR B 406 21.71 -7.93 -21.49
CA THR B 406 23.02 -8.39 -21.02
C THR B 406 22.88 -9.42 -19.91
N ASN B 407 21.94 -9.20 -18.98
CA ASN B 407 21.78 -10.09 -17.84
C ASN B 407 20.39 -10.69 -17.80
N LYS B 408 19.92 -11.20 -18.94
CA LYS B 408 18.55 -11.68 -19.05
C LYS B 408 18.24 -12.80 -18.06
N ARG B 409 19.24 -13.64 -17.76
CA ARG B 409 19.01 -14.77 -16.86
C ARG B 409 18.59 -14.29 -15.47
N ILE B 410 19.24 -13.24 -14.96
CA ILE B 410 18.88 -12.70 -13.65
C ILE B 410 17.46 -12.14 -13.68
N LEU B 411 17.12 -11.41 -14.74
CA LEU B 411 15.80 -10.79 -14.82
C LEU B 411 14.71 -11.83 -14.98
N ASP B 412 14.97 -12.87 -15.79
CA ASP B 412 13.92 -13.84 -16.09
C ASP B 412 13.66 -14.79 -14.94
N GLU B 413 14.71 -15.19 -14.21
CA GLU B 413 14.59 -16.28 -13.25
C GLU B 413 14.58 -15.84 -11.79
N ILE B 414 14.96 -14.60 -11.49
CA ILE B 414 15.02 -14.17 -10.10
C ILE B 414 14.11 -12.97 -9.87
N ILE B 415 14.43 -11.85 -10.53
CA ILE B 415 13.70 -10.61 -10.28
C ILE B 415 12.34 -10.63 -10.96
N GLY B 416 12.27 -11.14 -12.19
CA GLY B 416 11.03 -11.13 -12.96
C GLY B 416 9.91 -11.98 -12.38
N LEU B 417 10.22 -12.84 -11.41
CA LEU B 417 9.17 -13.60 -10.74
C LEU B 417 8.17 -12.69 -10.04
N TYR B 418 8.55 -11.45 -9.77
CA TYR B 418 7.69 -10.47 -9.11
C TYR B 418 7.50 -9.23 -9.97
N LYS B 419 7.54 -9.41 -11.29
CA LYS B 419 7.49 -8.26 -12.20
C LYS B 419 6.20 -7.47 -12.03
N THR B 420 5.07 -8.16 -11.87
CA THR B 420 3.79 -7.46 -11.71
C THR B 420 3.80 -6.59 -10.46
N LYS B 421 4.28 -7.13 -9.34
CA LYS B 421 4.38 -6.33 -8.13
C LYS B 421 5.36 -5.18 -8.30
N LEU B 422 6.48 -5.43 -8.98
CA LEU B 422 7.49 -4.40 -9.18
C LEU B 422 6.94 -3.26 -10.04
N GLU B 423 6.12 -3.58 -11.02
CA GLU B 423 5.57 -2.57 -11.91
C GLU B 423 4.48 -1.73 -11.25
N ASN B 424 3.98 -2.15 -10.09
CA ASN B 424 2.98 -1.39 -9.36
C ASN B 424 3.59 -0.34 -8.44
N ARG B 425 4.90 -0.36 -8.26
CA ARG B 425 5.57 0.66 -7.46
C ARG B 425 5.42 2.03 -8.12
N ARG B 426 5.33 3.07 -7.28
CA ARG B 426 4.95 4.40 -7.76
C ARG B 426 5.92 4.91 -8.81
N GLU B 427 7.22 4.75 -8.59
CA GLU B 427 8.21 5.30 -9.51
C GLU B 427 8.32 4.51 -10.80
N CYS B 428 7.88 3.24 -10.82
CA CYS B 428 7.79 2.51 -12.08
C CYS B 428 6.62 3.01 -12.91
N LYS B 429 5.46 3.22 -12.27
CA LYS B 429 4.29 3.71 -13.00
C LYS B 429 4.52 5.11 -13.55
N SER B 430 5.36 5.92 -12.91
CA SER B 430 5.68 7.24 -13.42
C SER B 430 6.78 7.21 -14.48
N GLY B 431 7.45 6.07 -14.67
CA GLY B 431 8.42 5.91 -15.73
C GLY B 431 9.85 6.26 -15.39
N ILE B 432 10.11 6.80 -14.20
CA ILE B 432 11.48 7.18 -13.86
C ILE B 432 12.31 6.03 -13.30
N ARG B 433 11.67 4.91 -12.97
CA ARG B 433 12.37 3.75 -12.44
C ARG B 433 12.05 2.54 -13.29
N LYS B 434 13.09 1.81 -13.70
CA LYS B 434 12.88 0.58 -14.44
C LYS B 434 12.25 -0.48 -13.54
N TRP B 435 11.51 -1.40 -14.17
CA TRP B 435 10.74 -2.36 -13.38
C TRP B 435 11.63 -3.25 -12.54
N TYR B 436 12.85 -3.52 -12.99
CA TYR B 436 13.76 -4.40 -12.26
C TYR B 436 14.68 -3.66 -11.30
N GLU B 437 14.61 -2.33 -11.24
CA GLU B 437 15.50 -1.56 -10.39
C GLU B 437 14.96 -1.47 -8.96
N LEU B 438 15.86 -1.23 -8.02
CA LEU B 438 15.47 -0.96 -6.64
C LEU B 438 14.71 0.36 -6.57
N GLN B 439 13.66 0.40 -5.74
CA GLN B 439 12.84 1.60 -5.67
C GLN B 439 13.63 2.77 -5.12
N TRP B 440 14.32 2.57 -3.99
CA TRP B 440 15.21 3.58 -3.41
C TRP B 440 16.53 2.89 -3.13
N GLY B 441 17.41 2.85 -4.13
CA GLY B 441 18.69 2.19 -4.00
C GLY B 441 19.72 2.97 -3.22
N ARG B 442 19.42 4.20 -2.85
CA ARG B 442 20.30 5.04 -2.02
C ARG B 442 21.64 5.19 -2.74
N GLU B 443 22.70 5.42 -1.97
CA GLU B 443 24.04 5.62 -2.52
C GLU B 443 24.95 4.52 -1.97
N LYS B 444 25.54 3.73 -2.88
CA LYS B 444 26.43 2.66 -2.46
C LYS B 444 27.64 3.17 -1.69
N LEU B 445 28.14 4.35 -2.04
CA LEU B 445 29.30 4.92 -1.34
C LEU B 445 29.03 5.18 0.13
N PHE B 446 27.76 5.30 0.52
CA PHE B 446 27.43 5.49 1.93
C PHE B 446 27.46 4.18 2.72
N PHE B 447 27.06 3.07 2.11
CA PHE B 447 27.07 1.78 2.79
C PHE B 447 28.43 1.09 2.76
N GLU B 448 29.21 1.30 1.71
CA GLU B 448 30.49 0.59 1.53
C GLU B 448 31.62 1.39 2.15
N ARG B 449 31.54 1.52 3.47
CA ARG B 449 32.52 2.25 4.27
C ARG B 449 32.32 1.86 5.72
N LYS B 450 33.29 2.22 6.55
CA LYS B 450 33.12 2.06 7.99
C LYS B 450 32.01 2.98 8.48
N LYS B 451 31.10 2.44 9.29
CA LYS B 451 29.94 3.21 9.73
C LYS B 451 29.34 2.55 10.95
N ILE B 452 28.40 3.25 11.58
CA ILE B 452 27.66 2.75 12.73
C ILE B 452 26.25 2.41 12.28
N MET B 453 25.75 1.26 12.73
CA MET B 453 24.41 0.81 12.40
C MET B 453 23.64 0.46 13.68
N TYR B 454 22.33 0.73 13.66
CA TYR B 454 21.48 0.41 14.80
C TYR B 454 20.11 -0.02 14.31
N PRO B 455 19.42 -0.89 15.06
CA PRO B 455 18.09 -1.32 14.64
C PRO B 455 17.07 -0.21 14.80
N TYR B 456 16.07 -0.22 13.90
CA TYR B 456 15.08 0.85 13.90
C TYR B 456 14.08 0.71 15.04
N LYS B 457 13.96 -0.47 15.63
CA LYS B 457 13.07 -0.73 16.75
C LYS B 457 13.77 -1.72 17.66
N SER B 458 13.83 -1.42 18.96
CA SER B 458 14.62 -2.24 19.87
C SER B 458 14.20 -1.94 21.30
N ASN B 459 14.58 -2.85 22.20
CA ASN B 459 14.36 -2.65 23.62
C ASN B 459 15.44 -1.82 24.29
N GLU B 460 16.59 -1.63 23.63
CA GLU B 460 17.72 -0.98 24.27
C GLU B 460 18.66 -0.43 23.20
N ASN B 461 19.61 0.39 23.65
CA ASN B 461 20.61 0.95 22.75
C ASN B 461 21.49 -0.15 22.19
N ARG B 462 21.51 -0.29 20.86
CA ARG B 462 22.36 -1.25 20.16
C ARG B 462 23.00 -0.53 18.98
N PHE B 463 24.15 0.06 19.21
CA PHE B 463 24.92 0.73 18.17
C PHE B 463 26.18 -0.07 17.91
N ALA B 464 26.39 -0.43 16.64
CA ALA B 464 27.47 -1.33 16.26
C ALA B 464 28.32 -0.69 15.17
N ILE B 465 29.62 -0.93 15.23
CA ILE B 465 30.51 -0.56 14.14
C ILE B 465 30.44 -1.65 13.07
N ASP B 466 30.15 -1.25 11.84
CA ASP B 466 30.13 -2.16 10.71
C ASP B 466 31.46 -2.05 9.96
N TYR B 467 32.16 -3.17 9.84
CA TYR B 467 33.41 -3.24 9.09
C TYR B 467 33.27 -3.93 7.75
N ASP B 468 32.08 -4.46 7.43
CA ASP B 468 31.93 -5.40 6.33
C ASP B 468 31.05 -4.87 5.20
N ASN B 469 30.87 -3.56 5.11
CA ASN B 469 30.07 -2.93 4.05
C ASN B 469 28.67 -3.55 3.97
N ASN B 470 28.05 -3.73 5.13
CA ASN B 470 26.71 -4.31 5.17
C ASN B 470 25.68 -3.33 4.62
N PHE B 471 24.80 -3.84 3.77
CA PHE B 471 23.58 -3.14 3.37
C PHE B 471 22.42 -3.64 4.22
N SER B 472 21.35 -2.85 4.26
CA SER B 472 20.17 -3.23 5.01
C SER B 472 18.96 -2.52 4.46
N SER B 473 17.79 -3.00 4.86
CA SER B 473 16.54 -2.34 4.55
C SER B 473 16.32 -1.21 5.56
N ALA B 474 15.10 -0.66 5.58
CA ALA B 474 14.80 0.46 6.47
C ALA B 474 14.58 0.02 7.92
N ASP B 475 14.79 -1.25 8.23
CA ASP B 475 14.77 -1.69 9.62
C ASP B 475 16.11 -1.49 10.31
N VAL B 476 17.12 -1.00 9.59
CA VAL B 476 18.42 -0.67 10.17
C VAL B 476 18.85 0.69 9.64
N TYR B 477 19.19 1.61 10.54
CA TYR B 477 19.71 2.91 10.16
C TYR B 477 21.22 2.93 10.31
N SER B 478 21.86 3.86 9.61
CA SER B 478 23.32 3.97 9.62
C SER B 478 23.70 5.43 9.72
N PHE B 479 24.91 5.66 10.24
CA PHE B 479 25.54 6.97 10.09
C PHE B 479 27.05 6.81 10.10
N PHE B 480 27.72 7.78 9.51
CA PHE B 480 29.17 7.88 9.59
C PHE B 480 29.53 9.29 10.03
N ILE B 481 30.75 9.44 10.53
CA ILE B 481 31.19 10.71 11.10
C ILE B 481 31.67 11.63 9.99
N LYS B 482 31.26 12.90 10.06
CA LYS B 482 31.69 13.88 9.08
C LYS B 482 33.21 14.06 9.12
N GLU B 483 33.77 14.45 7.97
CA GLU B 483 35.21 14.61 7.86
C GLU B 483 35.74 15.63 8.86
N GLU B 484 35.03 16.74 9.03
CA GLU B 484 35.51 17.80 9.89
C GLU B 484 35.44 17.46 11.37
N TYR B 485 34.82 16.34 11.75
CA TYR B 485 34.75 15.94 13.15
C TYR B 485 35.54 14.68 13.46
N LEU B 486 36.21 14.08 12.47
CA LEU B 486 36.95 12.85 12.71
C LEU B 486 38.09 13.05 13.69
N ASP B 487 38.65 14.26 13.77
CA ASP B 487 39.70 14.52 14.73
C ASP B 487 39.18 14.78 16.13
N LYS B 488 37.87 14.92 16.32
CA LYS B 488 37.28 15.09 17.63
C LYS B 488 36.58 13.84 18.14
N PHE B 489 35.91 13.10 17.27
CA PHE B 489 35.16 11.91 17.67
C PHE B 489 35.53 10.72 16.78
N SER B 490 35.67 9.56 17.40
CA SER B 490 35.93 8.32 16.69
C SER B 490 34.74 7.38 16.84
N TYR B 491 34.66 6.39 15.93
CA TYR B 491 33.57 5.43 15.99
C TYR B 491 33.62 4.63 17.29
N GLU B 492 34.82 4.32 17.76
CA GLU B 492 34.98 3.52 18.97
C GLU B 492 34.51 4.29 20.21
N TYR B 493 34.81 5.59 20.26
CA TYR B 493 34.30 6.41 21.35
C TYR B 493 32.78 6.53 21.29
N LEU B 494 32.23 6.70 20.09
CA LEU B 494 30.79 6.93 19.95
C LEU B 494 29.99 5.71 20.42
N VAL B 495 30.36 4.52 19.94
CA VAL B 495 29.63 3.32 20.38
C VAL B 495 29.89 3.05 21.85
N GLY B 496 31.00 3.54 22.39
CA GLY B 496 31.25 3.39 23.82
C GLY B 496 30.23 4.14 24.66
N ILE B 497 29.98 5.40 24.32
CA ILE B 497 29.03 6.15 25.11
C ILE B 497 27.59 5.82 24.73
N LEU B 498 27.33 5.48 23.45
CA LEU B 498 25.96 5.25 23.02
C LEU B 498 25.40 3.93 23.54
N ASN B 499 26.26 2.97 23.85
CA ASN B 499 25.83 1.68 24.38
C ASN B 499 25.88 1.61 25.90
N SER B 500 26.14 2.73 26.56
CA SER B 500 26.26 2.72 28.01
C SER B 500 24.89 2.73 28.67
N SER B 501 24.85 2.29 29.93
CA SER B 501 23.63 2.36 30.70
C SER B 501 23.13 3.79 30.83
N VAL B 502 24.05 4.76 30.84
CA VAL B 502 23.66 6.16 30.95
C VAL B 502 22.87 6.59 29.73
N TYR B 503 23.40 6.32 28.53
CA TYR B 503 22.75 6.77 27.31
C TYR B 503 21.52 5.94 26.96
N ASP B 504 21.41 4.72 27.47
CA ASP B 504 20.17 3.97 27.30
C ASP B 504 19.03 4.65 28.07
N LYS B 505 19.28 4.98 29.33
CA LYS B 505 18.29 5.71 30.12
C LYS B 505 18.02 7.09 29.52
N TYR B 506 19.08 7.77 29.08
CA TYR B 506 18.95 9.12 28.56
C TYR B 506 18.09 9.15 27.30
N PHE B 507 18.34 8.22 26.37
CA PHE B 507 17.54 8.19 25.14
C PHE B 507 16.08 7.90 25.44
N LYS B 508 15.81 6.95 26.33
CA LYS B 508 14.44 6.55 26.62
C LYS B 508 13.64 7.61 27.38
N ILE B 509 14.29 8.66 27.87
CA ILE B 509 13.55 9.76 28.52
C ILE B 509 12.54 10.33 27.54
N THR B 510 12.93 10.49 26.28
CA THR B 510 12.11 11.13 25.26
C THR B 510 11.81 10.22 24.08
N ALA B 511 12.25 8.97 24.10
CA ALA B 511 12.08 8.09 22.95
C ALA B 511 10.61 7.73 22.75
N LYS B 512 10.29 7.33 21.53
CA LYS B 512 8.92 6.98 21.14
C LYS B 512 8.66 5.52 21.51
N LYS B 513 7.78 5.31 22.49
CA LYS B 513 7.45 3.96 22.94
C LYS B 513 6.41 3.36 22.01
N MET B 514 6.79 2.30 21.30
CA MET B 514 5.96 1.75 20.24
C MET B 514 5.06 0.61 20.72
N SER B 515 5.66 -0.42 21.31
CA SER B 515 4.93 -1.56 21.84
C SER B 515 5.72 -2.10 23.02
N LYS B 516 5.27 -3.24 23.56
CA LYS B 516 5.93 -3.82 24.72
C LYS B 516 7.40 -4.08 24.44
N ASN B 517 8.27 -3.46 25.24
CA ASN B 517 9.72 -3.62 25.12
C ASN B 517 10.27 -3.14 23.79
N ILE B 518 9.59 -2.20 23.13
CA ILE B 518 10.04 -1.69 21.84
C ILE B 518 9.97 -0.16 21.84
N TYR B 519 11.11 0.48 21.58
CA TYR B 519 11.19 1.90 21.27
C TYR B 519 11.59 2.06 19.82
N ASP B 520 11.10 3.13 19.19
CA ASP B 520 11.65 3.54 17.90
C ASP B 520 13.05 4.09 18.08
N TYR B 521 13.98 3.64 17.26
CA TYR B 521 15.31 4.24 17.13
C TYR B 521 15.39 4.78 15.71
N TYR B 522 14.84 5.97 15.50
CA TYR B 522 14.81 6.64 14.22
C TYR B 522 15.64 7.92 14.28
N PRO B 523 16.18 8.37 13.15
CA PRO B 523 17.02 9.58 13.18
C PRO B 523 16.34 10.81 13.75
N ASN B 524 15.01 10.92 13.63
CA ASN B 524 14.35 12.13 14.11
C ASN B 524 14.49 12.28 15.63
N LYS B 525 14.88 11.23 16.34
CA LYS B 525 15.28 11.35 17.73
C LYS B 525 16.70 10.91 18.01
N VAL B 526 17.22 9.90 17.29
CA VAL B 526 18.58 9.44 17.53
C VAL B 526 19.58 10.53 17.19
N MET B 527 19.37 11.24 16.08
CA MET B 527 20.30 12.29 15.71
C MET B 527 20.23 13.49 16.66
N LYS B 528 19.22 13.54 17.53
CA LYS B 528 19.14 14.58 18.56
C LYS B 528 19.85 14.19 19.84
N ILE B 529 20.37 12.96 19.94
CA ILE B 529 21.17 12.56 21.09
C ILE B 529 22.38 13.47 21.19
N ARG B 530 22.64 13.98 22.39
CA ARG B 530 23.74 14.90 22.62
C ARG B 530 24.94 14.16 23.19
N ILE B 531 26.14 14.52 22.70
CA ILE B 531 27.37 13.84 23.06
C ILE B 531 28.37 14.87 23.56
N PHE B 532 29.35 14.38 24.30
CA PHE B 532 30.34 15.22 24.97
C PHE B 532 31.74 14.72 24.65
N ARG B 533 32.74 15.55 24.95
CA ARG B 533 34.12 15.10 24.97
C ARG B 533 34.86 15.89 26.04
N ASP B 534 35.58 15.18 26.90
CA ASP B 534 36.28 15.82 28.02
C ASP B 534 37.52 14.98 28.33
N ASN B 535 38.07 15.16 29.54
CA ASN B 535 39.29 14.48 29.93
C ASN B 535 39.16 12.97 29.95
N ASN B 536 37.94 12.44 30.00
CA ASN B 536 37.72 11.00 30.04
C ASN B 536 37.70 10.36 28.66
N TYR B 537 37.88 11.15 27.59
CA TYR B 537 37.72 10.65 26.24
C TYR B 537 38.62 9.45 25.97
N GLU B 538 39.90 9.56 26.33
CA GLU B 538 40.86 8.53 25.96
C GLU B 538 40.58 7.21 26.67
N GLU B 539 40.23 7.26 27.96
CA GLU B 539 39.98 6.02 28.69
C GLU B 539 38.67 5.38 28.24
N ILE B 540 37.65 6.19 27.97
CA ILE B 540 36.40 5.66 27.45
C ILE B 540 36.63 4.97 26.12
N GLU B 541 37.37 5.63 25.22
CA GLU B 541 37.66 5.05 23.91
C GLU B 541 38.47 3.77 24.05
N ASN B 542 39.43 3.76 24.97
CA ASN B 542 40.26 2.57 25.17
C ASN B 542 39.42 1.40 25.67
N LEU B 543 38.48 1.65 26.59
CA LEU B 543 37.62 0.59 27.08
C LEU B 543 36.74 0.03 25.98
N SER B 544 36.22 0.90 25.11
CA SER B 544 35.40 0.44 24.00
C SER B 544 36.21 -0.44 23.05
N LYS B 545 37.46 -0.05 22.76
CA LYS B 545 38.31 -0.85 21.88
C LYS B 545 38.59 -2.22 22.50
N GLN B 546 38.81 -2.28 23.81
CA GLN B 546 39.02 -3.57 24.46
C GLN B 546 37.80 -4.46 24.33
N ILE B 547 36.60 -3.89 24.51
CA ILE B 547 35.38 -4.66 24.38
C ILE B 547 35.24 -5.22 22.97
N ILE B 548 35.49 -4.38 21.96
CA ILE B 548 35.39 -4.82 20.57
C ILE B 548 36.37 -5.96 20.31
N SER B 549 37.58 -5.87 20.85
CA SER B 549 38.57 -6.92 20.66
C SER B 549 38.10 -8.24 21.27
N ILE B 550 37.50 -8.18 22.46
CA ILE B 550 37.01 -9.40 23.10
C ILE B 550 35.85 -9.98 22.31
N LEU B 551 34.92 -9.13 21.86
CA LEU B 551 33.76 -9.61 21.12
C LEU B 551 34.16 -10.25 19.79
N LEU B 552 35.27 -9.81 19.19
CA LEU B 552 35.74 -10.38 17.94
C LEU B 552 36.67 -11.57 18.14
N ASN B 553 37.00 -11.90 19.39
CA ASN B 553 37.93 -12.98 19.67
C ASN B 553 37.24 -14.34 19.47
N LYS B 554 38.06 -15.40 19.44
CA LYS B 554 37.52 -16.74 19.29
C LYS B 554 36.77 -17.18 20.53
N SER B 555 37.37 -17.01 21.71
CA SER B 555 36.71 -17.26 22.98
C SER B 555 36.27 -15.93 23.57
N ILE B 556 34.97 -15.75 23.71
CA ILE B 556 34.41 -14.50 24.23
C ILE B 556 34.22 -14.64 25.73
N ASP B 557 34.90 -13.78 26.49
CA ASP B 557 34.75 -13.72 27.94
C ASP B 557 33.67 -12.69 28.25
N LYS B 558 32.43 -13.17 28.37
CA LYS B 558 31.33 -12.26 28.66
C LYS B 558 31.49 -11.60 30.02
N GLY B 559 32.15 -12.28 30.97
CA GLY B 559 32.39 -11.67 32.27
C GLY B 559 33.32 -10.48 32.19
N LYS B 560 34.37 -10.57 31.36
CA LYS B 560 35.31 -9.47 31.23
C LYS B 560 34.68 -8.27 30.53
N VAL B 561 33.81 -8.51 29.55
CA VAL B 561 33.13 -7.42 28.86
C VAL B 561 32.26 -6.65 29.83
N GLU B 562 31.54 -7.37 30.70
CA GLU B 562 30.69 -6.70 31.68
C GLU B 562 31.51 -5.84 32.63
N LYS B 563 32.67 -6.35 33.07
CA LYS B 563 33.53 -5.55 33.92
C LYS B 563 34.01 -4.29 33.22
N LEU B 564 34.41 -4.41 31.95
CA LEU B 564 34.82 -3.23 31.19
C LEU B 564 33.64 -2.29 30.97
N GLN B 565 32.46 -2.85 30.68
CA GLN B 565 31.29 -2.02 30.43
C GLN B 565 30.89 -1.24 31.69
N ILE B 566 30.92 -1.90 32.86
CA ILE B 566 30.62 -1.21 34.11
C ILE B 566 31.62 -0.09 34.36
N LYS B 567 32.90 -0.37 34.11
CA LYS B 567 33.94 0.65 34.28
C LYS B 567 33.68 1.84 33.38
N MET B 568 33.25 1.58 32.13
CA MET B 568 32.94 2.68 31.22
C MET B 568 31.70 3.44 31.66
N ASP B 569 30.71 2.75 32.21
CA ASP B 569 29.49 3.42 32.68
C ASP B 569 29.82 4.45 33.77
N ASN B 570 30.68 4.06 34.71
CA ASN B 570 31.03 4.97 35.80
C ASN B 570 31.79 6.19 35.27
N LEU B 571 32.66 5.99 34.28
CA LEU B 571 33.39 7.13 33.70
C LEU B 571 32.43 8.12 33.05
N ILE B 572 31.42 7.62 32.35
CA ILE B 572 30.44 8.50 31.73
C ILE B 572 29.57 9.18 32.78
N MET B 573 29.21 8.45 33.84
CA MET B 573 28.46 9.05 34.93
C MET B 573 29.27 10.17 35.59
N ASP B 574 30.57 9.95 35.78
CA ASP B 574 31.42 10.99 36.34
C ASP B 574 31.51 12.19 35.40
N SER B 575 31.62 11.94 34.10
CA SER B 575 31.76 13.03 33.14
C SER B 575 30.52 13.91 33.11
N LEU B 576 29.33 13.32 33.20
CA LEU B 576 28.09 14.06 33.13
C LEU B 576 27.58 14.50 34.51
N GLY B 577 28.26 14.11 35.58
CA GLY B 577 27.86 14.52 36.91
C GLY B 577 26.54 13.96 37.38
N ILE B 578 26.26 12.70 37.05
CA ILE B 578 25.02 12.05 37.44
C ILE B 578 25.32 10.78 38.23
N GLY C 29 -14.94 -47.05 -1.28
CA GLY C 29 -15.78 -47.10 -2.47
C GLY C 29 -16.68 -48.33 -2.49
N ILE C 30 -17.13 -48.69 -3.70
CA ILE C 30 -18.01 -49.84 -3.93
C ILE C 30 -19.30 -49.66 -3.16
N TYR C 31 -20.07 -48.62 -3.48
CA TYR C 31 -21.38 -48.37 -2.90
C TYR C 31 -22.44 -48.56 -3.97
N TYR C 32 -23.37 -49.49 -3.73
CA TYR C 32 -24.38 -49.86 -4.70
C TYR C 32 -25.62 -48.98 -4.50
N THR C 33 -25.90 -48.11 -5.46
CA THR C 33 -27.10 -47.30 -5.43
C THR C 33 -28.29 -48.14 -5.89
N PRO C 34 -29.40 -48.14 -5.15
CA PRO C 34 -30.54 -48.98 -5.54
C PRO C 34 -31.06 -48.63 -6.93
N LYS C 35 -31.48 -49.67 -7.66
CA LYS C 35 -31.92 -49.48 -9.04
C LYS C 35 -33.03 -48.46 -9.16
N ILE C 36 -33.91 -48.39 -8.16
CA ILE C 36 -35.00 -47.42 -8.19
C ILE C 36 -34.45 -46.00 -8.16
N ILE C 37 -33.38 -45.77 -7.41
CA ILE C 37 -32.81 -44.42 -7.30
C ILE C 37 -32.16 -44.00 -8.62
N VAL C 38 -31.33 -44.87 -9.20
CA VAL C 38 -30.60 -44.50 -10.40
C VAL C 38 -31.54 -44.29 -11.58
N ASP C 39 -32.56 -45.14 -11.70
CA ASP C 39 -33.54 -44.96 -12.77
C ASP C 39 -34.23 -43.60 -12.65
N TYR C 40 -34.57 -43.20 -11.43
CA TYR C 40 -35.17 -41.88 -11.22
C TYR C 40 -34.21 -40.76 -11.60
N ILE C 41 -32.94 -40.90 -11.23
CA ILE C 41 -31.96 -39.87 -11.51
C ILE C 41 -31.70 -39.75 -13.01
N VAL C 42 -31.55 -40.88 -13.70
CA VAL C 42 -31.37 -40.85 -15.15
C VAL C 42 -32.61 -40.26 -15.83
N LYS C 43 -33.80 -40.64 -15.34
CA LYS C 43 -35.02 -40.07 -15.90
C LYS C 43 -35.09 -38.56 -15.68
N LYS C 44 -34.67 -38.11 -14.50
CA LYS C 44 -34.76 -36.68 -14.17
C LYS C 44 -33.92 -35.81 -15.10
N THR C 45 -32.92 -36.37 -15.77
CA THR C 45 -32.06 -35.61 -16.65
C THR C 45 -32.40 -35.77 -18.12
N LEU C 46 -32.73 -36.98 -18.58
CA LEU C 46 -32.90 -37.26 -20.00
C LEU C 46 -34.36 -37.30 -20.44
N LYS C 47 -35.31 -37.02 -19.55
CA LYS C 47 -36.72 -37.20 -19.89
C LYS C 47 -37.17 -36.26 -20.99
N ASN C 48 -36.57 -35.07 -21.09
CA ASN C 48 -37.01 -34.04 -22.02
C ASN C 48 -35.92 -33.65 -23.01
N HIS C 49 -34.99 -34.55 -23.29
CA HIS C 49 -33.95 -34.26 -24.27
C HIS C 49 -34.46 -34.52 -25.67
N ASP C 50 -34.33 -33.51 -26.53
CA ASP C 50 -34.73 -33.62 -27.94
C ASP C 50 -33.55 -34.21 -28.71
N ILE C 51 -33.60 -35.51 -28.96
CA ILE C 51 -32.50 -36.18 -29.65
C ILE C 51 -32.43 -35.76 -31.12
N ILE C 52 -33.54 -35.31 -31.71
CA ILE C 52 -33.49 -34.80 -33.07
C ILE C 52 -32.77 -33.46 -33.13
N LYS C 53 -33.04 -32.58 -32.17
CA LYS C 53 -32.42 -31.26 -32.17
C LYS C 53 -30.93 -31.35 -31.85
N ASN C 54 -30.58 -32.09 -30.80
CA ASN C 54 -29.19 -32.29 -30.39
C ASN C 54 -28.90 -33.78 -30.37
N PRO C 55 -28.42 -34.35 -31.48
CA PRO C 55 -28.09 -35.78 -31.49
C PRO C 55 -26.76 -36.12 -30.82
N TYR C 56 -26.09 -35.16 -30.20
CA TYR C 56 -24.79 -35.38 -29.57
C TYR C 56 -24.85 -34.90 -28.12
N PRO C 57 -25.60 -35.59 -27.25
CA PRO C 57 -25.59 -35.24 -25.83
C PRO C 57 -24.43 -35.92 -25.11
N ARG C 58 -23.84 -35.19 -24.17
CA ARG C 58 -22.70 -35.69 -23.41
C ARG C 58 -23.11 -35.85 -21.95
N ILE C 59 -23.25 -37.09 -21.51
CA ILE C 59 -23.67 -37.42 -20.16
C ILE C 59 -22.45 -37.93 -19.39
N LEU C 60 -22.23 -37.38 -18.20
CA LEU C 60 -21.05 -37.68 -17.41
C LEU C 60 -21.46 -38.18 -16.02
N ASP C 61 -20.80 -39.25 -15.58
CA ASP C 61 -20.85 -39.69 -14.18
C ASP C 61 -19.44 -39.54 -13.63
N ILE C 62 -19.23 -38.52 -12.81
CA ILE C 62 -17.89 -38.18 -12.32
C ILE C 62 -17.39 -39.13 -11.25
N SER C 63 -18.25 -40.01 -10.73
CA SER C 63 -17.88 -41.04 -9.77
C SER C 63 -18.53 -42.38 -10.16
N CYS C 64 -18.33 -42.75 -11.43
CA CYS C 64 -19.15 -43.79 -12.06
C CYS C 64 -19.05 -45.13 -11.34
N GLY C 65 -17.86 -45.49 -10.87
CA GLY C 65 -17.70 -46.80 -10.25
C GLY C 65 -17.83 -47.91 -11.26
N CYS C 66 -18.57 -48.96 -10.88
CA CYS C 66 -18.81 -50.07 -11.80
C CYS C 66 -19.78 -49.71 -12.92
N GLY C 67 -20.43 -48.56 -12.86
CA GLY C 67 -21.35 -48.13 -13.88
C GLY C 67 -22.81 -48.29 -13.55
N ASN C 68 -23.21 -48.10 -12.29
CA ASN C 68 -24.62 -48.22 -11.93
C ASN C 68 -25.46 -47.23 -12.70
N PHE C 69 -24.99 -45.99 -12.83
CA PHE C 69 -25.74 -44.96 -13.55
C PHE C 69 -25.50 -45.04 -15.06
N LEU C 70 -24.24 -45.23 -15.47
CA LEU C 70 -23.89 -45.13 -16.89
C LEU C 70 -24.51 -46.26 -17.70
N LEU C 71 -24.58 -47.47 -17.13
CA LEU C 71 -25.21 -48.58 -17.84
C LEU C 71 -26.68 -48.30 -18.10
N GLU C 72 -27.36 -47.68 -17.13
CA GLU C 72 -28.76 -47.29 -17.33
C GLU C 72 -28.88 -46.16 -18.36
N VAL C 73 -27.89 -45.26 -18.40
CA VAL C 73 -27.88 -44.20 -19.42
C VAL C 73 -27.80 -44.82 -20.81
N TYR C 74 -27.02 -45.89 -20.95
CA TYR C 74 -26.92 -46.57 -22.24
C TYR C 74 -28.27 -47.10 -22.70
N ASP C 75 -29.03 -47.72 -21.79
CA ASP C 75 -30.34 -48.26 -22.16
C ASP C 75 -31.30 -47.15 -22.57
N ILE C 76 -31.31 -46.04 -21.84
CA ILE C 76 -32.22 -44.95 -22.17
C ILE C 76 -31.86 -44.33 -23.52
N LEU C 77 -30.56 -44.12 -23.76
CA LEU C 77 -30.12 -43.58 -25.03
C LEU C 77 -30.43 -44.53 -26.18
N TYR C 78 -30.23 -45.83 -25.97
CA TYR C 78 -30.40 -46.80 -27.06
C TYR C 78 -31.84 -46.79 -27.57
N ASP C 79 -32.81 -46.79 -26.67
CA ASP C 79 -34.20 -46.73 -27.09
C ASP C 79 -34.56 -45.37 -27.67
N LEU C 80 -33.91 -44.31 -27.19
CA LEU C 80 -34.18 -42.97 -27.73
C LEU C 80 -33.72 -42.85 -29.17
N PHE C 81 -32.59 -43.47 -29.51
CA PHE C 81 -32.11 -43.44 -30.89
C PHE C 81 -32.96 -44.32 -31.79
N GLU C 82 -33.38 -45.49 -31.31
CA GLU C 82 -34.20 -46.38 -32.12
C GLU C 82 -35.54 -45.73 -32.45
N GLU C 83 -36.19 -45.10 -31.46
CA GLU C 83 -37.50 -44.51 -31.69
C GLU C 83 -37.45 -43.32 -32.64
N ASN C 84 -36.27 -42.74 -32.86
CA ASN C 84 -36.12 -41.58 -33.75
C ASN C 84 -35.13 -41.85 -34.88
N ILE C 85 -34.88 -43.12 -35.20
CA ILE C 85 -33.88 -43.44 -36.21
C ILE C 85 -34.34 -43.02 -37.60
N TYR C 86 -35.66 -43.02 -37.84
CA TYR C 86 -36.16 -42.63 -39.16
C TYR C 86 -36.00 -41.13 -39.38
N GLU C 87 -36.33 -40.31 -38.37
CA GLU C 87 -36.16 -38.87 -38.50
C GLU C 87 -34.70 -38.45 -38.50
N LEU C 88 -33.82 -39.26 -37.91
CA LEU C 88 -32.39 -38.95 -37.95
C LEU C 88 -31.85 -39.04 -39.36
N LYS C 89 -32.33 -40.00 -40.15
CA LYS C 89 -31.89 -40.12 -41.54
C LYS C 89 -32.42 -38.98 -42.40
N LYS C 90 -33.63 -38.50 -42.13
CA LYS C 90 -34.21 -37.44 -42.94
C LYS C 90 -33.55 -36.10 -42.67
N LYS C 91 -33.14 -35.84 -41.42
CA LYS C 91 -32.55 -34.56 -41.05
C LYS C 91 -31.04 -34.52 -41.28
N TYR C 92 -30.36 -35.66 -41.18
CA TYR C 92 -28.91 -35.71 -41.30
C TYR C 92 -28.50 -36.72 -42.35
N ASP C 93 -27.21 -37.07 -42.40
CA ASP C 93 -26.72 -38.06 -43.33
C ASP C 93 -27.46 -39.38 -43.13
N GLU C 94 -28.24 -39.78 -44.14
CA GLU C 94 -29.05 -41.00 -44.01
C GLU C 94 -28.18 -42.24 -43.86
N ASN C 95 -26.97 -42.22 -44.43
CA ASN C 95 -26.09 -43.38 -44.31
C ASN C 95 -25.47 -43.49 -42.92
N TYR C 96 -25.14 -42.35 -42.30
CA TYR C 96 -24.46 -42.38 -41.01
C TYR C 96 -25.39 -42.83 -39.89
N TRP C 97 -26.60 -42.28 -39.85
CA TRP C 97 -27.55 -42.58 -38.79
C TRP C 97 -28.27 -43.88 -39.12
N THR C 98 -27.69 -44.99 -38.67
CA THR C 98 -28.25 -46.32 -38.87
C THR C 98 -28.35 -47.04 -37.54
N VAL C 99 -29.25 -48.03 -37.49
CA VAL C 99 -29.45 -48.79 -36.26
C VAL C 99 -28.22 -49.59 -35.91
N ASP C 100 -27.50 -50.11 -36.91
CA ASP C 100 -26.30 -50.90 -36.66
C ASP C 100 -25.17 -50.09 -36.05
N ASN C 101 -25.18 -48.76 -36.23
CA ASN C 101 -24.13 -47.90 -35.71
C ASN C 101 -24.52 -47.21 -34.41
N ILE C 102 -25.67 -47.55 -33.82
CA ILE C 102 -26.10 -46.91 -32.59
C ILE C 102 -25.18 -47.29 -31.44
N HIS C 103 -24.73 -48.55 -31.40
CA HIS C 103 -23.88 -49.01 -30.31
C HIS C 103 -22.55 -48.25 -30.29
N ARG C 104 -21.94 -48.05 -31.47
CA ARG C 104 -20.67 -47.35 -31.51
C ARG C 104 -20.83 -45.85 -31.25
N HIS C 105 -21.97 -45.28 -31.67
CA HIS C 105 -22.17 -43.84 -31.50
C HIS C 105 -22.30 -43.46 -30.03
N ILE C 106 -22.99 -44.28 -29.24
CA ILE C 106 -23.20 -43.95 -27.83
C ILE C 106 -21.87 -43.93 -27.08
N LEU C 107 -21.03 -44.94 -27.31
CA LEU C 107 -19.77 -45.03 -26.59
C LEU C 107 -18.77 -43.98 -27.06
N ASN C 108 -18.79 -43.64 -28.35
CA ASN C 108 -17.79 -42.71 -28.89
C ASN C 108 -18.09 -41.27 -28.49
N TYR C 109 -19.36 -40.85 -28.52
CA TYR C 109 -19.70 -39.44 -28.43
C TYR C 109 -20.60 -39.05 -27.26
N CYS C 110 -21.25 -40.02 -26.60
CA CYS C 110 -22.32 -39.69 -25.65
C CYS C 110 -21.96 -39.96 -24.20
N ILE C 111 -21.40 -41.12 -23.89
CA ILE C 111 -21.18 -41.53 -22.51
C ILE C 111 -19.77 -41.14 -22.08
N TYR C 112 -19.67 -40.48 -20.93
CA TYR C 112 -18.40 -40.12 -20.30
C TYR C 112 -18.42 -40.59 -18.85
N GLY C 113 -17.31 -41.17 -18.41
CA GLY C 113 -17.22 -41.69 -17.06
C GLY C 113 -15.85 -41.44 -16.47
N ALA C 114 -15.82 -41.23 -15.15
CA ALA C 114 -14.58 -40.99 -14.43
C ALA C 114 -14.68 -41.62 -13.05
N ASP C 115 -13.62 -42.31 -12.65
CA ASP C 115 -13.52 -42.88 -11.31
C ASP C 115 -12.07 -43.21 -11.03
N ILE C 116 -11.70 -43.15 -9.75
CA ILE C 116 -10.29 -43.33 -9.38
C ILE C 116 -9.92 -44.80 -9.22
N ASP C 117 -10.88 -45.70 -9.09
CA ASP C 117 -10.58 -47.11 -8.93
C ASP C 117 -10.33 -47.73 -10.31
N GLU C 118 -9.11 -48.25 -10.52
CA GLU C 118 -8.77 -48.83 -11.81
C GLU C 118 -9.57 -50.09 -12.08
N LYS C 119 -9.76 -50.93 -11.06
CA LYS C 119 -10.51 -52.17 -11.25
C LYS C 119 -11.97 -51.88 -11.60
N ALA C 120 -12.57 -50.88 -10.97
CA ALA C 120 -13.96 -50.53 -11.27
C ALA C 120 -14.11 -49.99 -12.69
N ILE C 121 -13.16 -49.18 -13.14
CA ILE C 121 -13.20 -48.66 -14.51
C ILE C 121 -13.08 -49.80 -15.50
N SER C 122 -12.22 -50.78 -15.21
CA SER C 122 -12.07 -51.93 -16.09
C SER C 122 -13.36 -52.72 -16.20
N ILE C 123 -14.08 -52.90 -15.08
CA ILE C 123 -15.34 -53.64 -15.11
C ILE C 123 -16.36 -52.91 -15.97
N LEU C 124 -16.44 -51.59 -15.84
CA LEU C 124 -17.40 -50.83 -16.62
C LEU C 124 -17.08 -50.89 -18.11
N LYS C 125 -15.80 -50.86 -18.46
CA LYS C 125 -15.41 -50.95 -19.87
C LYS C 125 -15.85 -52.28 -20.48
N ASP C 126 -15.69 -53.38 -19.75
CA ASP C 126 -16.13 -54.67 -20.24
C ASP C 126 -17.66 -54.74 -20.32
N SER C 127 -18.35 -54.16 -19.34
CA SER C 127 -19.81 -54.17 -19.34
C SER C 127 -20.38 -53.36 -20.50
N LEU C 128 -19.76 -52.21 -20.80
CA LEU C 128 -20.24 -51.39 -21.91
C LEU C 128 -20.00 -52.07 -23.26
N THR C 129 -18.88 -52.80 -23.38
CA THR C 129 -18.60 -53.49 -24.63
C THR C 129 -19.60 -54.62 -24.89
N ASN C 130 -20.05 -55.29 -23.83
CA ASN C 130 -20.94 -56.44 -23.95
C ASN C 130 -22.40 -56.05 -24.15
N LYS C 131 -22.73 -54.76 -24.12
CA LYS C 131 -24.10 -54.31 -24.35
C LYS C 131 -24.51 -54.47 -25.81
N ILE C 142 -14.27 -48.83 -31.15
CA ILE C 142 -14.75 -47.54 -30.63
C ILE C 142 -14.01 -47.18 -29.36
N LYS C 143 -13.84 -45.88 -29.14
CA LYS C 143 -13.13 -45.36 -27.97
C LYS C 143 -14.15 -44.97 -26.90
N ILE C 144 -14.19 -45.73 -25.81
CA ILE C 144 -15.07 -45.42 -24.69
C ILE C 144 -14.41 -44.34 -23.85
N ASN C 145 -15.16 -43.28 -23.53
CA ASN C 145 -14.61 -42.13 -22.81
C ASN C 145 -14.66 -42.38 -21.30
N LEU C 146 -13.78 -43.28 -20.87
CA LEU C 146 -13.60 -43.60 -19.46
C LEU C 146 -12.22 -43.10 -19.02
N PHE C 147 -12.18 -42.43 -17.87
CA PHE C 147 -10.95 -41.87 -17.34
C PHE C 147 -10.73 -42.35 -15.92
N CYS C 148 -9.56 -42.91 -15.64
CA CYS C 148 -9.20 -43.34 -14.29
C CYS C 148 -8.27 -42.27 -13.71
N CYS C 149 -8.82 -41.45 -12.82
CA CYS C 149 -8.08 -40.29 -12.30
C CYS C 149 -8.86 -39.75 -11.10
N ASP C 150 -8.34 -38.66 -10.54
CA ASP C 150 -9.03 -37.91 -9.50
C ASP C 150 -9.99 -36.94 -10.18
N SER C 151 -11.29 -37.17 -10.02
CA SER C 151 -12.29 -36.36 -10.71
C SER C 151 -12.21 -34.90 -10.30
N LEU C 152 -11.74 -34.61 -9.09
CA LEU C 152 -11.62 -33.24 -8.64
C LEU C 152 -10.40 -32.53 -9.22
N LYS C 153 -9.49 -33.26 -9.87
CA LYS C 153 -8.30 -32.67 -10.47
C LYS C 153 -8.26 -32.74 -11.98
N LYS C 154 -9.04 -33.63 -12.60
CA LYS C 154 -9.00 -33.80 -14.05
C LYS C 154 -9.53 -32.55 -14.73
N LYS C 155 -8.67 -31.86 -15.47
CA LYS C 155 -9.10 -30.69 -16.22
C LYS C 155 -9.92 -31.13 -17.43
N TRP C 156 -11.13 -30.61 -17.55
CA TRP C 156 -12.03 -30.96 -18.64
C TRP C 156 -11.94 -29.92 -19.75
N ARG C 157 -11.77 -30.38 -20.99
CA ARG C 157 -11.68 -29.50 -22.12
C ARG C 157 -13.05 -29.05 -22.65
N TYR C 158 -14.13 -29.63 -22.14
CA TYR C 158 -15.47 -29.27 -22.59
C TYR C 158 -16.47 -29.54 -21.48
N LYS C 159 -17.55 -28.77 -21.46
CA LYS C 159 -18.62 -28.95 -20.49
C LYS C 159 -19.60 -30.02 -20.97
N PHE C 160 -20.52 -30.40 -20.09
CA PHE C 160 -21.38 -31.55 -20.32
C PHE C 160 -22.86 -31.15 -20.25
N ASP C 161 -23.67 -31.82 -21.08
CA ASP C 161 -25.10 -31.54 -21.10
C ASP C 161 -25.81 -32.11 -19.88
N TYR C 162 -25.39 -33.28 -19.41
CA TYR C 162 -26.06 -33.94 -18.30
C TYR C 162 -25.03 -34.59 -17.38
N ILE C 163 -25.27 -34.50 -16.08
CA ILE C 163 -24.39 -35.09 -15.07
C ILE C 163 -25.25 -35.84 -14.07
N VAL C 164 -24.92 -37.11 -13.83
CA VAL C 164 -25.61 -37.95 -12.86
C VAL C 164 -24.57 -38.70 -12.04
N GLY C 165 -24.99 -39.22 -10.90
CA GLY C 165 -24.14 -40.13 -10.16
C GLY C 165 -24.32 -39.99 -8.66
N ASN C 166 -23.53 -40.77 -7.94
CA ASN C 166 -23.51 -40.80 -6.48
C ASN C 166 -22.08 -40.61 -6.02
N PRO C 167 -21.71 -39.39 -5.62
CA PRO C 167 -20.30 -39.11 -5.28
C PRO C 167 -19.90 -39.76 -3.97
N PRO C 168 -18.60 -39.82 -3.67
CA PRO C 168 -18.17 -40.36 -2.37
C PRO C 168 -18.43 -39.38 -1.23
N TYR C 169 -18.78 -39.94 -0.07
CA TYR C 169 -18.99 -39.16 1.14
C TYR C 169 -17.87 -39.48 2.12
N ILE C 170 -16.96 -38.53 2.32
CA ILE C 170 -15.85 -38.71 3.26
C ILE C 170 -15.78 -37.48 4.16
N GLY C 171 -15.94 -37.69 5.46
CA GLY C 171 -15.93 -36.60 6.42
C GLY C 171 -14.52 -36.22 6.83
N HIS C 172 -14.46 -35.30 7.80
CA HIS C 172 -13.18 -34.69 8.18
C HIS C 172 -12.27 -35.68 8.91
N LYS C 173 -12.84 -36.70 9.56
CA LYS C 173 -12.02 -37.67 10.25
C LYS C 173 -11.37 -38.67 9.29
N LYS C 174 -12.09 -39.07 8.24
CA LYS C 174 -11.65 -40.15 7.37
C LYS C 174 -10.92 -39.67 6.12
N LEU C 175 -10.76 -38.36 5.95
CA LEU C 175 -9.99 -37.80 4.85
C LEU C 175 -8.53 -37.66 5.24
N GLU C 176 -7.63 -37.99 4.32
CA GLU C 176 -6.21 -37.82 4.56
C GLU C 176 -5.86 -36.34 4.65
N LYS C 177 -5.00 -36.00 5.61
CA LYS C 177 -4.67 -34.59 5.85
C LYS C 177 -3.96 -33.96 4.66
N LYS C 178 -3.15 -34.74 3.94
CA LYS C 178 -2.48 -34.21 2.76
C LYS C 178 -3.48 -33.79 1.70
N TYR C 179 -4.57 -34.56 1.55
CA TYR C 179 -5.57 -34.23 0.54
C TYR C 179 -6.42 -33.03 0.95
N LYS C 180 -6.65 -32.82 2.24
CA LYS C 180 -7.47 -31.69 2.68
C LYS C 180 -6.83 -30.36 2.30
N LYS C 181 -5.50 -30.27 2.42
CA LYS C 181 -4.82 -29.02 2.06
C LYS C 181 -5.04 -28.67 0.61
N PHE C 182 -5.12 -29.67 -0.27
CA PHE C 182 -5.51 -29.41 -1.66
C PHE C 182 -6.94 -28.89 -1.74
N LEU C 183 -7.86 -29.51 -0.99
CA LEU C 183 -9.25 -29.07 -1.02
C LEU C 183 -9.40 -27.66 -0.45
N LEU C 184 -8.67 -27.36 0.63
CA LEU C 184 -8.78 -26.05 1.27
C LEU C 184 -8.27 -24.91 0.39
N GLU C 185 -7.45 -25.21 -0.62
CA GLU C 185 -6.93 -24.19 -1.52
C GLU C 185 -7.76 -24.03 -2.78
N LYS C 186 -8.09 -25.15 -3.44
CA LYS C 186 -8.80 -25.09 -4.71
C LYS C 186 -10.32 -25.07 -4.56
N TYR C 187 -10.84 -25.68 -3.50
CA TYR C 187 -12.29 -25.79 -3.29
C TYR C 187 -12.75 -25.02 -2.07
N SER C 188 -12.07 -23.92 -1.75
CA SER C 188 -12.39 -23.15 -0.55
C SER C 188 -13.79 -22.55 -0.60
N GLU C 189 -14.37 -22.36 -1.79
CA GLU C 189 -15.69 -21.77 -1.88
C GLU C 189 -16.75 -22.63 -1.22
N VAL C 190 -16.54 -23.94 -1.15
CA VAL C 190 -17.49 -24.83 -0.51
C VAL C 190 -16.87 -25.67 0.60
N TYR C 191 -15.56 -25.89 0.60
CA TYR C 191 -14.92 -26.80 1.55
C TYR C 191 -14.06 -25.99 2.53
N LYS C 192 -14.39 -26.10 3.81
CA LYS C 192 -13.57 -25.54 4.88
C LYS C 192 -14.03 -26.15 6.19
N ASP C 193 -13.11 -26.18 7.16
CA ASP C 193 -13.38 -26.64 8.53
C ASP C 193 -13.89 -28.08 8.46
N LYS C 194 -15.07 -28.39 9.00
CA LYS C 194 -15.55 -29.77 9.10
C LYS C 194 -16.39 -30.18 7.89
N ALA C 195 -16.17 -29.56 6.74
CA ALA C 195 -16.94 -29.88 5.54
C ALA C 195 -16.64 -31.31 5.07
N ASP C 196 -17.42 -31.76 4.10
CA ASP C 196 -17.33 -33.12 3.58
C ASP C 196 -16.86 -33.11 2.14
N LEU C 197 -16.25 -34.23 1.72
CA LEU C 197 -15.72 -34.33 0.37
C LEU C 197 -16.81 -34.17 -0.68
N TYR C 198 -18.03 -34.64 -0.42
CA TYR C 198 -19.07 -34.51 -1.42
C TYR C 198 -19.50 -33.07 -1.64
N PHE C 199 -19.11 -32.14 -0.76
CA PHE C 199 -19.32 -30.72 -1.05
C PHE C 199 -18.56 -30.31 -2.31
N CYS C 200 -17.33 -30.80 -2.45
CA CYS C 200 -16.49 -30.44 -3.58
C CYS C 200 -17.04 -31.02 -4.89
N PHE C 201 -17.62 -32.22 -4.84
CA PHE C 201 -18.19 -32.80 -6.05
C PHE C 201 -19.37 -31.98 -6.55
N TYR C 202 -20.16 -31.40 -5.63
CA TYR C 202 -21.21 -30.48 -6.03
C TYR C 202 -20.63 -29.30 -6.81
N LYS C 203 -19.56 -28.70 -6.30
CA LYS C 203 -18.94 -27.58 -7.00
C LYS C 203 -18.38 -28.01 -8.35
N LYS C 204 -17.71 -29.16 -8.40
CA LYS C 204 -17.14 -29.62 -9.67
C LYS C 204 -18.23 -29.93 -10.69
N ILE C 205 -19.32 -30.57 -10.25
CA ILE C 205 -20.42 -30.89 -11.15
C ILE C 205 -21.05 -29.62 -11.69
N ILE C 206 -21.28 -28.62 -10.82
CA ILE C 206 -21.88 -27.36 -11.25
C ILE C 206 -20.98 -26.66 -12.26
N ASP C 207 -19.66 -26.65 -11.99
CA ASP C 207 -18.74 -25.88 -12.83
C ASP C 207 -18.63 -26.43 -14.23
N ILE C 208 -18.58 -27.76 -14.37
CA ILE C 208 -18.38 -28.40 -15.67
C ILE C 208 -19.72 -28.74 -16.35
N LEU C 209 -20.82 -28.21 -15.85
CA LEU C 209 -22.12 -28.39 -16.48
C LEU C 209 -22.33 -27.30 -17.52
N LYS C 210 -22.69 -27.71 -18.74
CA LYS C 210 -22.91 -26.76 -19.82
C LYS C 210 -24.17 -25.93 -19.54
N GLN C 211 -24.21 -24.74 -20.14
CA GLN C 211 -25.37 -23.88 -20.00
C GLN C 211 -26.61 -24.54 -20.59
N GLY C 212 -27.71 -24.52 -19.84
CA GLY C 212 -28.90 -25.24 -20.22
C GLY C 212 -28.91 -26.71 -19.84
N GLY C 213 -27.83 -27.21 -19.24
CA GLY C 213 -27.76 -28.60 -18.87
C GLY C 213 -28.50 -28.90 -17.58
N ILE C 214 -28.56 -30.19 -17.25
CA ILE C 214 -29.30 -30.68 -16.09
C ILE C 214 -28.40 -31.63 -15.31
N GLY C 215 -28.37 -31.46 -14.00
CA GLY C 215 -27.63 -32.35 -13.11
C GLY C 215 -28.54 -32.94 -12.05
N SER C 216 -28.30 -34.21 -11.72
CA SER C 216 -29.09 -34.90 -10.71
C SER C 216 -28.19 -35.89 -9.97
N VAL C 217 -28.12 -35.77 -8.65
CA VAL C 217 -27.25 -36.62 -7.84
C VAL C 217 -27.97 -37.01 -6.55
N ILE C 218 -27.50 -38.09 -5.93
CA ILE C 218 -27.91 -38.49 -4.60
C ILE C 218 -26.71 -38.34 -3.67
N THR C 219 -26.90 -37.58 -2.59
CA THR C 219 -25.85 -37.26 -1.64
C THR C 219 -26.41 -37.37 -0.23
N PRO C 220 -25.61 -37.22 0.82
CA PRO C 220 -26.20 -37.08 2.16
C PRO C 220 -27.05 -35.84 2.24
N ARG C 221 -28.07 -35.89 3.10
CA ARG C 221 -29.00 -34.78 3.25
C ARG C 221 -28.47 -33.69 4.18
N TYR C 222 -27.34 -33.92 4.86
CA TYR C 222 -26.96 -33.07 5.99
C TYR C 222 -26.60 -31.66 5.58
N PHE C 223 -26.11 -31.46 4.35
CA PHE C 223 -25.74 -30.12 3.91
C PHE C 223 -26.95 -29.18 3.84
N LEU C 224 -28.16 -29.72 3.83
CA LEU C 224 -29.36 -28.87 3.77
C LEU C 224 -29.52 -28.06 5.05
N GLU C 225 -29.03 -28.56 6.18
CA GLU C 225 -29.21 -27.91 7.47
C GLU C 225 -27.92 -27.62 8.22
N SER C 226 -26.82 -28.30 7.90
CA SER C 226 -25.64 -28.25 8.75
C SER C 226 -24.92 -26.91 8.64
N LEU C 227 -24.19 -26.57 9.70
CA LEU C 227 -23.38 -25.36 9.69
C LEU C 227 -22.30 -25.43 8.63
N SER C 228 -21.68 -26.61 8.45
CA SER C 228 -20.61 -26.75 7.47
C SER C 228 -21.08 -26.55 6.05
N GLY C 229 -22.36 -26.78 5.77
CA GLY C 229 -22.90 -26.65 4.43
C GLY C 229 -23.35 -25.26 4.06
N LYS C 230 -23.10 -24.26 4.90
CA LYS C 230 -23.58 -22.90 4.62
C LYS C 230 -22.99 -22.35 3.33
N ASP C 231 -21.69 -22.55 3.11
CA ASP C 231 -21.07 -22.09 1.87
C ASP C 231 -21.59 -22.87 0.67
N LEU C 232 -21.77 -24.18 0.82
CA LEU C 232 -22.26 -25.00 -0.29
C LEU C 232 -23.66 -24.58 -0.71
N ARG C 233 -24.55 -24.34 0.25
CA ARG C 233 -25.90 -23.91 -0.10
C ARG C 233 -25.88 -22.60 -0.87
N GLU C 234 -25.01 -21.67 -0.46
CA GLU C 234 -24.87 -20.41 -1.19
C GLU C 234 -24.37 -20.65 -2.61
N TYR C 235 -23.37 -21.54 -2.77
CA TYR C 235 -22.83 -21.82 -4.09
C TYR C 235 -23.88 -22.43 -5.01
N ILE C 236 -24.64 -23.41 -4.50
CA ILE C 236 -25.70 -24.03 -5.28
C ILE C 236 -26.78 -23.00 -5.62
N LYS C 237 -27.18 -22.21 -4.63
CA LYS C 237 -28.27 -21.26 -4.81
C LYS C 237 -27.92 -20.20 -5.86
N SER C 238 -26.64 -19.83 -5.97
CA SER C 238 -26.25 -18.71 -6.82
C SER C 238 -25.87 -19.12 -8.24
N ASN C 239 -25.64 -20.41 -8.50
CA ASN C 239 -25.11 -20.83 -9.79
C ASN C 239 -26.03 -21.75 -10.60
N VAL C 240 -27.03 -22.39 -9.97
CA VAL C 240 -27.95 -23.25 -10.69
C VAL C 240 -29.38 -22.97 -10.20
N ASN C 241 -30.34 -23.39 -11.02
CA ASN C 241 -31.74 -23.42 -10.62
C ASN C 241 -32.04 -24.80 -10.07
N VAL C 242 -32.45 -24.86 -8.80
CA VAL C 242 -32.78 -26.13 -8.17
C VAL C 242 -34.20 -26.51 -8.58
N GLN C 243 -34.34 -27.59 -9.33
CA GLN C 243 -35.65 -28.04 -9.76
C GLN C 243 -36.40 -28.76 -8.65
N GLU C 244 -35.73 -29.68 -7.96
CA GLU C 244 -36.43 -30.59 -7.07
C GLU C 244 -35.48 -31.08 -5.98
N ILE C 245 -36.03 -31.23 -4.77
CA ILE C 245 -35.32 -31.83 -3.65
C ILE C 245 -36.17 -32.97 -3.12
N VAL C 246 -35.61 -34.18 -3.12
CA VAL C 246 -36.26 -35.35 -2.55
C VAL C 246 -35.53 -35.66 -1.25
N ASP C 247 -36.18 -35.38 -0.12
CA ASP C 247 -35.58 -35.54 1.20
C ASP C 247 -36.12 -36.81 1.83
N PHE C 248 -35.27 -37.81 2.02
CA PHE C 248 -35.65 -39.07 2.64
C PHE C 248 -35.56 -39.03 4.15
N LEU C 249 -35.09 -37.92 4.73
CA LEU C 249 -34.95 -37.75 6.19
C LEU C 249 -34.13 -38.93 6.72
N GLY C 250 -34.55 -39.57 7.82
CA GLY C 250 -33.76 -40.63 8.41
C GLY C 250 -33.94 -42.00 7.80
N ALA C 251 -34.62 -42.11 6.66
CA ALA C 251 -34.86 -43.40 6.05
C ALA C 251 -33.54 -44.05 5.64
N ASN C 252 -33.57 -45.38 5.52
CA ASN C 252 -32.38 -46.17 5.22
C ASN C 252 -32.43 -46.57 3.74
N ILE C 253 -31.81 -45.74 2.90
CA ILE C 253 -31.79 -46.01 1.47
C ILE C 253 -30.73 -47.05 1.13
N PHE C 254 -29.55 -46.94 1.72
CA PHE C 254 -28.44 -47.84 1.43
C PHE C 254 -28.38 -48.91 2.53
N LYS C 255 -28.53 -50.17 2.13
CA LYS C 255 -28.57 -51.27 3.09
C LYS C 255 -27.26 -51.35 3.87
N ASN C 256 -27.39 -51.47 5.20
CA ASN C 256 -26.25 -51.61 6.11
C ASN C 256 -25.29 -50.43 6.03
N ILE C 257 -25.80 -49.26 5.66
CA ILE C 257 -25.01 -48.03 5.61
C ILE C 257 -25.70 -46.99 6.47
N GLY C 258 -24.95 -46.41 7.41
CA GLY C 258 -25.51 -45.43 8.32
C GLY C 258 -25.44 -44.02 7.79
N VAL C 259 -26.19 -43.74 6.73
CA VAL C 259 -26.25 -42.41 6.14
C VAL C 259 -27.70 -42.10 5.80
N SER C 260 -28.02 -40.81 5.76
CA SER C 260 -29.34 -40.32 5.36
C SER C 260 -29.21 -39.52 4.07
N SER C 261 -30.11 -39.78 3.13
CA SER C 261 -29.90 -39.43 1.73
C SER C 261 -30.90 -38.38 1.25
N CYS C 262 -30.52 -37.71 0.16
CA CYS C 262 -31.43 -36.83 -0.56
C CYS C 262 -31.03 -36.83 -2.03
N ILE C 263 -31.98 -36.43 -2.87
CA ILE C 263 -31.77 -36.36 -4.32
C ILE C 263 -31.98 -34.92 -4.76
N LEU C 264 -30.95 -34.34 -5.39
CA LEU C 264 -30.97 -32.95 -5.82
C LEU C 264 -30.94 -32.90 -7.34
N THR C 265 -31.92 -32.22 -7.94
CA THR C 265 -31.99 -32.03 -9.37
C THR C 265 -31.95 -30.54 -9.67
N PHE C 266 -31.06 -30.13 -10.57
CA PHE C 266 -30.81 -28.72 -10.83
C PHE C 266 -30.43 -28.53 -12.29
N ASP C 267 -30.51 -27.29 -12.74
CA ASP C 267 -30.22 -26.97 -14.14
C ASP C 267 -29.58 -25.60 -14.22
N LYS C 268 -29.00 -25.30 -15.38
CA LYS C 268 -28.48 -23.98 -15.72
C LYS C 268 -29.30 -23.34 -16.83
N LYS C 269 -30.62 -23.55 -16.81
CA LYS C 269 -31.50 -23.02 -17.83
C LYS C 269 -31.87 -21.57 -17.51
N LYS C 270 -32.74 -21.00 -18.35
CA LYS C 270 -33.24 -19.66 -18.10
C LYS C 270 -34.22 -19.67 -16.93
N THR C 271 -33.94 -18.84 -15.93
CA THR C 271 -34.76 -18.81 -14.71
C THR C 271 -36.13 -18.22 -15.02
N LYS C 272 -37.17 -19.05 -14.92
CA LYS C 272 -38.54 -18.63 -15.23
C LYS C 272 -39.36 -18.34 -13.98
N GLU C 273 -39.51 -19.33 -13.10
CA GLU C 273 -40.32 -19.17 -11.90
C GLU C 273 -39.58 -19.47 -10.60
N THR C 274 -38.50 -20.26 -10.65
CA THR C 274 -37.66 -20.53 -9.48
C THR C 274 -38.46 -21.15 -8.33
N TYR C 275 -39.43 -22.00 -8.67
CA TYR C 275 -40.20 -22.73 -7.68
C TYR C 275 -39.63 -24.14 -7.55
N ILE C 276 -39.04 -24.43 -6.40
CA ILE C 276 -38.43 -25.73 -6.13
C ILE C 276 -39.49 -26.70 -5.64
N ASP C 277 -39.54 -27.88 -6.24
CA ASP C 277 -40.41 -28.96 -5.79
C ASP C 277 -39.69 -29.73 -4.69
N VAL C 278 -40.26 -29.73 -3.49
CA VAL C 278 -39.65 -30.39 -2.34
C VAL C 278 -40.55 -31.56 -1.93
N PHE C 279 -39.97 -32.76 -1.90
CA PHE C 279 -40.65 -33.96 -1.44
C PHE C 279 -39.98 -34.41 -0.14
N LYS C 280 -40.73 -34.36 0.96
CA LYS C 280 -40.26 -34.80 2.26
C LYS C 280 -41.01 -36.07 2.64
N ILE C 281 -40.26 -37.12 2.98
CA ILE C 281 -40.90 -38.39 3.35
C ILE C 281 -41.63 -38.21 4.67
N LYS C 282 -42.77 -38.89 4.80
CA LYS C 282 -43.57 -38.80 6.01
C LYS C 282 -43.30 -39.94 6.99
N ASN C 283 -42.88 -41.11 6.50
CA ASN C 283 -42.61 -42.26 7.34
C ASN C 283 -41.19 -42.75 7.05
N GLU C 284 -40.32 -42.64 8.04
CA GLU C 284 -38.92 -43.03 7.87
C GLU C 284 -38.73 -44.55 7.87
N ASP C 285 -39.78 -45.31 8.17
CA ASP C 285 -39.68 -46.76 8.29
C ASP C 285 -39.83 -47.51 6.97
N ILE C 286 -40.10 -46.81 5.87
CA ILE C 286 -40.37 -47.50 4.62
C ILE C 286 -39.10 -48.17 4.10
N CYS C 287 -39.28 -49.29 3.41
CA CYS C 287 -38.19 -50.00 2.76
C CYS C 287 -38.17 -49.64 1.28
N ILE C 288 -37.03 -49.15 0.80
CA ILE C 288 -36.96 -48.63 -0.56
C ILE C 288 -37.11 -49.72 -1.60
N ASN C 289 -36.65 -50.95 -1.29
CA ASN C 289 -36.68 -52.02 -2.27
C ASN C 289 -38.07 -52.59 -2.49
N LYS C 290 -39.06 -52.19 -1.71
CA LYS C 290 -40.41 -52.74 -1.79
C LYS C 290 -41.27 -52.08 -2.85
N PHE C 291 -40.74 -51.10 -3.58
CA PHE C 291 -41.52 -50.34 -4.56
C PHE C 291 -40.89 -50.45 -5.94
N GLU C 292 -41.75 -50.49 -6.97
CA GLU C 292 -41.28 -50.68 -8.33
C GLU C 292 -40.66 -49.40 -8.90
N THR C 293 -41.17 -48.23 -8.51
CA THR C 293 -40.64 -46.96 -8.97
C THR C 293 -40.61 -45.97 -7.82
N LEU C 294 -39.75 -44.96 -7.94
CA LEU C 294 -39.73 -43.89 -6.94
C LEU C 294 -40.94 -42.97 -7.11
N GLU C 295 -41.42 -42.80 -8.34
CA GLU C 295 -42.61 -41.97 -8.57
C GLU C 295 -43.82 -42.51 -7.84
N GLU C 296 -43.91 -43.84 -7.70
CA GLU C 296 -45.00 -44.42 -6.92
C GLU C 296 -44.97 -43.91 -5.48
N LEU C 297 -43.77 -43.79 -4.90
CA LEU C 297 -43.64 -43.25 -3.55
C LEU C 297 -43.96 -41.75 -3.51
N LEU C 298 -43.37 -40.99 -4.44
CA LEU C 298 -43.51 -39.54 -4.41
C LEU C 298 -44.95 -39.11 -4.61
N LYS C 299 -45.68 -39.80 -5.48
CA LYS C 299 -47.07 -39.47 -5.80
C LYS C 299 -48.06 -40.14 -4.85
N SER C 300 -47.63 -40.49 -3.65
CA SER C 300 -48.47 -41.20 -2.69
C SER C 300 -48.58 -40.38 -1.40
N SER C 301 -49.34 -40.94 -0.45
CA SER C 301 -49.47 -40.32 0.87
C SER C 301 -48.18 -40.42 1.69
N LYS C 302 -47.21 -41.21 1.25
CA LYS C 302 -45.97 -41.38 2.00
C LYS C 302 -45.00 -40.22 1.85
N PHE C 303 -45.26 -39.28 0.95
CA PHE C 303 -44.42 -38.11 0.77
C PHE C 303 -45.27 -36.85 0.79
N GLU C 304 -44.78 -35.83 1.47
CA GLU C 304 -45.39 -34.50 1.44
C GLU C 304 -44.70 -33.66 0.38
N HIS C 305 -45.49 -32.87 -0.35
CA HIS C 305 -44.97 -31.96 -1.35
C HIS C 305 -45.34 -30.53 -1.01
N PHE C 306 -44.40 -29.62 -1.28
CA PHE C 306 -44.65 -28.19 -1.17
C PHE C 306 -43.61 -27.46 -2.01
N ASN C 307 -43.93 -26.23 -2.37
CA ASN C 307 -43.07 -25.43 -3.22
C ASN C 307 -42.28 -24.42 -2.40
N ILE C 308 -41.03 -24.19 -2.81
CA ILE C 308 -40.14 -23.24 -2.16
C ILE C 308 -39.62 -22.28 -3.22
N ASN C 309 -39.72 -20.98 -2.96
CA ASN C 309 -39.18 -19.97 -3.85
C ASN C 309 -37.69 -19.86 -3.63
N GLN C 310 -36.90 -20.20 -4.66
CA GLN C 310 -35.45 -20.19 -4.52
C GLN C 310 -34.91 -18.79 -4.24
N ARG C 311 -35.55 -17.76 -4.80
CA ARG C 311 -35.11 -16.40 -4.55
C ARG C 311 -35.28 -15.97 -3.10
N LEU C 312 -36.18 -16.62 -2.35
CA LEU C 312 -36.45 -16.26 -0.97
C LEU C 312 -35.60 -17.03 0.03
N LEU C 313 -34.72 -17.92 -0.43
CA LEU C 313 -33.84 -18.62 0.49
C LEU C 313 -32.78 -17.67 1.03
N SER C 314 -32.53 -17.78 2.34
CA SER C 314 -31.41 -17.08 2.97
C SER C 314 -30.20 -18.02 2.98
N ASP C 315 -29.17 -17.70 3.77
CA ASP C 315 -28.09 -18.64 3.99
C ASP C 315 -28.58 -19.94 4.62
N GLU C 316 -29.73 -19.91 5.30
CA GLU C 316 -30.37 -21.11 5.83
C GLU C 316 -31.59 -21.45 4.96
N TRP C 317 -31.72 -22.73 4.63
CA TRP C 317 -32.81 -23.22 3.78
C TRP C 317 -33.90 -23.80 4.68
N ILE C 318 -34.96 -23.03 4.89
CA ILE C 318 -36.11 -23.47 5.69
C ILE C 318 -37.07 -24.13 4.71
N LEU C 319 -36.94 -25.45 4.54
CA LEU C 319 -37.77 -26.20 3.61
C LEU C 319 -38.96 -26.79 4.37
N VAL C 320 -39.96 -25.95 4.61
CA VAL C 320 -41.16 -26.34 5.34
C VAL C 320 -42.37 -25.79 4.60
N ASN C 321 -43.54 -26.33 4.93
CA ASN C 321 -44.78 -25.88 4.32
C ASN C 321 -45.20 -24.53 4.89
N LYS C 322 -46.33 -24.02 4.38
CA LYS C 322 -46.78 -22.69 4.78
C LYS C 322 -47.14 -22.63 6.26
N ASP C 323 -47.77 -23.68 6.79
CA ASP C 323 -48.16 -23.69 8.19
C ASP C 323 -46.94 -23.62 9.11
N ASP C 324 -45.91 -24.40 8.80
CA ASP C 324 -44.70 -24.38 9.63
C ASP C 324 -43.97 -23.05 9.50
N GLU C 325 -43.96 -22.46 8.30
CA GLU C 325 -43.31 -21.17 8.12
C GLU C 325 -43.97 -20.09 8.96
N THR C 326 -45.30 -20.06 8.97
CA THR C 326 -46.02 -19.11 9.81
C THR C 326 -45.78 -19.39 11.28
N PHE C 327 -45.79 -20.66 11.68
CA PHE C 327 -45.52 -21.03 13.07
C PHE C 327 -44.12 -20.61 13.48
N TYR C 328 -43.13 -20.91 12.63
CA TYR C 328 -41.74 -20.58 12.96
C TYR C 328 -41.53 -19.08 13.04
N ASN C 329 -42.02 -18.33 12.05
CA ASN C 329 -41.82 -16.88 12.04
C ASN C 329 -42.52 -16.21 13.20
N LYS C 330 -43.68 -16.71 13.61
CA LYS C 330 -44.41 -16.11 14.73
C LYS C 330 -43.60 -16.19 16.02
N ILE C 331 -42.96 -17.32 16.27
CA ILE C 331 -42.14 -17.47 17.48
C ILE C 331 -40.91 -16.59 17.41
N GLN C 332 -40.29 -16.49 16.23
CA GLN C 332 -39.07 -15.70 16.10
C GLN C 332 -39.31 -14.23 16.42
N GLU C 333 -40.39 -13.66 15.88
CA GLU C 333 -40.70 -12.26 16.16
C GLU C 333 -41.08 -12.05 17.62
N LYS C 334 -41.84 -12.97 18.20
CA LYS C 334 -42.38 -12.75 19.54
C LYS C 334 -41.30 -12.78 20.61
N CYS C 335 -40.25 -13.57 20.41
CA CYS C 335 -39.23 -13.77 21.43
C CYS C 335 -38.15 -12.69 21.32
N LYS C 336 -37.84 -12.05 22.46
CA LYS C 336 -36.85 -11.00 22.49
C LYS C 336 -35.44 -11.52 22.80
N TYR C 337 -35.32 -12.72 23.36
CA TYR C 337 -34.04 -13.27 23.76
C TYR C 337 -33.76 -14.56 23.00
N SER C 338 -32.49 -14.93 22.96
CA SER C 338 -32.05 -16.25 22.54
C SER C 338 -31.29 -16.89 23.69
N LEU C 339 -31.12 -18.22 23.61
CA LEU C 339 -30.35 -18.91 24.64
C LEU C 339 -28.91 -18.43 24.67
N GLU C 340 -28.35 -18.11 23.51
CA GLU C 340 -26.99 -17.60 23.46
C GLU C 340 -26.85 -16.29 24.22
N ASP C 341 -27.90 -15.47 24.22
CA ASP C 341 -27.87 -14.20 24.94
C ASP C 341 -27.74 -14.40 26.44
N ILE C 342 -28.44 -15.40 26.99
CA ILE C 342 -28.63 -15.50 28.44
C ILE C 342 -27.81 -16.61 29.07
N ALA C 343 -27.15 -17.46 28.29
CA ALA C 343 -26.53 -18.65 28.84
C ALA C 343 -25.11 -18.83 28.28
N ILE C 344 -24.30 -19.56 29.04
CA ILE C 344 -22.96 -19.95 28.64
C ILE C 344 -23.00 -21.43 28.26
N SER C 345 -22.72 -21.73 27.00
CA SER C 345 -22.76 -23.10 26.49
C SER C 345 -21.35 -23.69 26.45
N PHE C 346 -21.27 -25.01 26.65
CA PHE C 346 -19.98 -25.69 26.54
C PHE C 346 -20.20 -27.17 26.28
N GLN C 347 -19.28 -27.76 25.51
CA GLN C 347 -19.24 -29.18 25.24
C GLN C 347 -18.64 -29.93 26.42
N GLY C 348 -18.92 -31.24 26.48
CA GLY C 348 -18.47 -32.06 27.58
C GLY C 348 -16.99 -32.40 27.51
N ILE C 349 -16.57 -33.22 28.49
CA ILE C 349 -15.19 -33.69 28.53
C ILE C 349 -14.90 -34.57 27.33
N ILE C 350 -13.74 -34.36 26.72
CA ILE C 350 -13.24 -35.25 25.68
C ILE C 350 -11.92 -35.82 26.21
N THR C 351 -11.96 -37.05 26.72
CA THR C 351 -10.78 -37.62 27.34
C THR C 351 -9.74 -38.04 26.29
N GLY C 352 -10.21 -38.46 25.11
CA GLY C 352 -9.35 -39.01 24.09
C GLY C 352 -9.23 -40.52 24.12
N CYS C 353 -9.52 -41.14 25.27
CA CYS C 353 -9.60 -42.59 25.36
C CYS C 353 -10.45 -42.90 26.60
N ASP C 354 -11.74 -43.17 26.39
CA ASP C 354 -12.65 -43.33 27.52
C ASP C 354 -12.28 -44.54 28.37
N LYS C 355 -11.83 -45.63 27.75
CA LYS C 355 -11.49 -46.84 28.49
C LYS C 355 -10.36 -46.61 29.48
N ALA C 356 -9.57 -45.55 29.31
CA ALA C 356 -8.49 -45.25 30.24
C ALA C 356 -8.95 -44.48 31.47
N PHE C 357 -10.06 -43.73 31.38
CA PHE C 357 -10.46 -42.81 32.42
C PHE C 357 -11.82 -43.09 33.03
N ILE C 358 -12.67 -43.88 32.39
CA ILE C 358 -14.06 -44.08 32.81
C ILE C 358 -14.20 -45.49 33.36
N LEU C 359 -14.74 -45.59 34.57
CA LEU C 359 -14.97 -46.87 35.22
C LEU C 359 -16.39 -46.92 35.74
N SER C 360 -16.96 -48.13 35.74
CA SER C 360 -18.24 -48.34 36.40
C SER C 360 -18.09 -48.08 37.90
N LYS C 361 -19.11 -47.47 38.50
CA LYS C 361 -18.98 -47.07 39.90
C LYS C 361 -18.90 -48.27 40.84
N ASP C 362 -19.19 -49.47 40.36
CA ASP C 362 -19.01 -50.69 41.13
C ASP C 362 -17.68 -51.38 40.86
N ASP C 363 -16.83 -50.81 39.98
CA ASP C 363 -15.57 -51.44 39.65
C ASP C 363 -14.63 -51.43 40.85
N VAL C 364 -13.98 -52.57 41.11
CA VAL C 364 -13.12 -52.70 42.28
C VAL C 364 -11.87 -51.84 42.14
N LYS C 365 -11.43 -51.57 40.91
CA LYS C 365 -10.24 -50.76 40.71
C LYS C 365 -10.41 -49.32 41.15
N LEU C 366 -11.64 -48.88 41.42
CA LEU C 366 -11.85 -47.57 42.02
C LEU C 366 -11.29 -47.47 43.43
N ASN C 367 -10.95 -48.60 44.06
CA ASN C 367 -10.26 -48.57 45.35
C ASN C 367 -8.86 -47.98 45.22
N LEU C 368 -8.30 -47.94 44.01
CA LEU C 368 -6.98 -47.37 43.79
C LEU C 368 -7.01 -45.87 43.59
N VAL C 369 -8.19 -45.26 43.49
CA VAL C 369 -8.33 -43.85 43.12
C VAL C 369 -8.89 -43.09 44.31
N ASP C 370 -8.16 -42.07 44.76
CA ASP C 370 -8.66 -41.18 45.80
C ASP C 370 -9.94 -40.51 45.32
N ASP C 371 -10.90 -40.36 46.22
CA ASP C 371 -12.21 -39.83 45.86
C ASP C 371 -12.14 -38.40 45.33
N LYS C 372 -11.10 -37.65 45.69
CA LYS C 372 -10.99 -36.28 45.21
C LYS C 372 -10.81 -36.21 43.70
N PHE C 373 -10.31 -37.28 43.08
CA PHE C 373 -10.13 -37.34 41.63
C PHE C 373 -11.37 -37.81 40.88
N LEU C 374 -12.36 -38.36 41.58
CA LEU C 374 -13.48 -39.03 40.93
C LEU C 374 -14.65 -38.07 40.72
N LYS C 375 -15.23 -38.10 39.53
CA LYS C 375 -16.39 -37.31 39.18
C LYS C 375 -17.50 -38.23 38.69
N CYS C 376 -18.74 -37.78 38.86
CA CYS C 376 -19.87 -38.51 38.31
C CYS C 376 -19.92 -38.34 36.80
N TRP C 377 -20.20 -39.43 36.09
CA TRP C 377 -20.11 -39.48 34.63
C TRP C 377 -21.41 -40.04 34.08
N ILE C 378 -22.14 -39.21 33.32
CA ILE C 378 -23.40 -39.63 32.71
C ILE C 378 -23.22 -39.71 31.20
N LYS C 379 -24.14 -40.44 30.57
CA LYS C 379 -24.19 -40.59 29.12
C LYS C 379 -25.49 -39.97 28.60
N SER C 380 -25.62 -39.94 27.27
CA SER C 380 -26.83 -39.41 26.66
C SER C 380 -28.07 -40.20 27.06
N LYS C 381 -27.90 -41.47 27.47
CA LYS C 381 -29.03 -42.27 27.97
C LYS C 381 -29.70 -41.59 29.16
N ASN C 382 -28.91 -41.00 30.05
CA ASN C 382 -29.37 -40.61 31.37
C ASN C 382 -30.22 -39.35 31.36
N ILE C 383 -30.23 -38.60 30.28
CA ILE C 383 -30.97 -37.34 30.23
C ILE C 383 -32.43 -37.64 29.90
N ASN C 384 -33.33 -37.24 30.78
CA ASN C 384 -34.76 -37.21 30.52
C ASN C 384 -35.22 -35.76 30.51
N LYS C 385 -36.50 -35.56 30.22
CA LYS C 385 -37.11 -34.26 30.42
C LYS C 385 -37.07 -33.91 31.91
N TYR C 386 -36.49 -32.75 32.21
CA TYR C 386 -36.44 -32.09 33.52
C TYR C 386 -35.45 -32.68 34.53
N ILE C 387 -34.97 -33.91 34.34
CA ILE C 387 -34.13 -34.55 35.36
C ILE C 387 -33.18 -35.56 34.71
N VAL C 388 -32.12 -35.87 35.43
CA VAL C 388 -31.06 -36.78 34.98
C VAL C 388 -31.12 -38.05 35.81
N ASP C 389 -30.98 -39.20 35.15
CA ASP C 389 -30.83 -40.46 35.88
C ASP C 389 -29.55 -40.44 36.70
N LYS C 390 -29.56 -41.21 37.79
CA LYS C 390 -28.35 -41.36 38.60
C LYS C 390 -27.22 -41.95 37.77
N SER C 391 -26.02 -41.41 37.95
CA SER C 391 -24.88 -41.86 37.17
C SER C 391 -24.45 -43.26 37.56
N GLU C 392 -23.99 -44.02 36.58
CA GLU C 392 -23.49 -45.37 36.78
C GLU C 392 -21.99 -45.49 36.60
N TYR C 393 -21.32 -44.44 36.13
CA TYR C 393 -19.89 -44.47 35.85
C TYR C 393 -19.19 -43.37 36.64
N ARG C 394 -17.87 -43.44 36.65
CA ARG C 394 -17.03 -42.44 37.31
C ARG C 394 -15.92 -42.01 36.36
N LEU C 395 -15.56 -40.73 36.44
CA LEU C 395 -14.47 -40.17 35.64
C LEU C 395 -13.28 -39.92 36.54
N ILE C 396 -12.11 -40.41 36.12
CA ILE C 396 -10.86 -40.09 36.78
C ILE C 396 -10.38 -38.77 36.17
N TYR C 397 -10.54 -37.67 36.90
CA TYR C 397 -10.10 -36.38 36.40
C TYR C 397 -8.59 -36.29 36.61
N SER C 398 -7.86 -36.96 35.70
CA SER C 398 -6.42 -37.16 35.85
C SER C 398 -5.61 -35.88 35.76
N ASN C 399 -6.21 -34.77 35.29
CA ASN C 399 -5.48 -33.51 35.25
C ASN C 399 -5.11 -33.01 36.64
N ASP C 400 -5.80 -33.48 37.68
CA ASP C 400 -5.49 -33.06 39.04
C ASP C 400 -4.36 -33.86 39.67
N ILE C 401 -3.79 -34.82 38.95
CA ILE C 401 -2.57 -35.49 39.37
C ILE C 401 -1.39 -34.66 38.86
N ASP C 402 -0.54 -34.19 39.79
CA ASP C 402 0.45 -33.19 39.45
C ASP C 402 1.53 -33.76 38.51
N ASN C 403 2.23 -34.80 38.96
CA ASN C 403 3.28 -35.41 38.17
C ASN C 403 3.11 -36.93 38.20
N GLU C 404 4.01 -37.64 37.50
CA GLU C 404 3.90 -39.08 37.39
C GLU C 404 4.28 -39.80 38.68
N ASN C 405 5.03 -39.17 39.57
CA ASN C 405 5.58 -39.85 40.72
C ASN C 405 4.72 -39.77 41.97
N THR C 406 3.74 -38.86 42.02
CA THR C 406 2.96 -38.67 43.22
C THR C 406 1.89 -39.75 43.41
N ASN C 407 1.22 -40.15 42.33
CA ASN C 407 0.09 -41.10 42.38
C ASN C 407 0.30 -42.23 41.38
N LYS C 408 1.49 -42.86 41.44
CA LYS C 408 1.89 -43.84 40.44
C LYS C 408 0.86 -44.96 40.25
N ARG C 409 0.19 -45.38 41.33
CA ARG C 409 -0.67 -46.55 41.26
C ARG C 409 -1.80 -46.35 40.26
N ILE C 410 -2.41 -45.16 40.24
CA ILE C 410 -3.48 -44.89 39.29
C ILE C 410 -2.96 -44.95 37.87
N LEU C 411 -1.80 -44.34 37.61
CA LEU C 411 -1.24 -44.35 36.27
C LEU C 411 -0.82 -45.74 35.85
N ASP C 412 -0.26 -46.53 36.77
CA ASP C 412 0.28 -47.83 36.39
C ASP C 412 -0.82 -48.86 36.13
N GLU C 413 -1.88 -48.84 36.93
CA GLU C 413 -2.85 -49.94 36.90
C GLU C 413 -4.14 -49.61 36.15
N ILE C 414 -4.43 -48.34 35.89
CA ILE C 414 -5.69 -48.01 35.23
C ILE C 414 -5.43 -47.24 33.94
N ILE C 415 -4.86 -46.04 34.06
CA ILE C 415 -4.68 -45.19 32.88
C ILE C 415 -3.63 -45.78 31.94
N GLY C 416 -2.53 -46.30 32.49
CA GLY C 416 -1.42 -46.77 31.69
C GLY C 416 -1.71 -48.00 30.86
N LEU C 417 -2.86 -48.66 31.07
CA LEU C 417 -3.23 -49.78 30.23
C LEU C 417 -3.47 -49.36 28.78
N TYR C 418 -3.65 -48.06 28.53
CA TYR C 418 -3.84 -47.54 27.18
C TYR C 418 -2.81 -46.45 26.88
N LYS C 419 -1.61 -46.58 27.45
CA LYS C 419 -0.62 -45.51 27.33
C LYS C 419 -0.21 -45.28 25.88
N THR C 420 -0.03 -46.35 25.12
CA THR C 420 0.34 -46.19 23.71
C THR C 420 -0.75 -45.46 22.94
N LYS C 421 -2.01 -45.79 23.20
CA LYS C 421 -3.12 -45.06 22.56
C LYS C 421 -3.13 -43.61 23.01
N LEU C 422 -2.90 -43.36 24.30
CA LEU C 422 -2.90 -42.00 24.83
C LEU C 422 -1.75 -41.18 24.25
N GLU C 423 -0.58 -41.80 24.09
CA GLU C 423 0.58 -41.08 23.56
C GLU C 423 0.40 -40.69 22.11
N ASN C 424 -0.54 -41.32 21.39
CA ASN C 424 -0.77 -41.01 19.99
C ASN C 424 -1.71 -39.83 19.78
N ARG C 425 -2.32 -39.31 20.85
CA ARG C 425 -3.17 -38.14 20.73
C ARG C 425 -2.34 -36.93 20.31
N ARG C 426 -2.98 -36.01 19.58
CA ARG C 426 -2.25 -34.92 18.94
C ARG C 426 -1.53 -34.05 19.96
N GLU C 427 -2.22 -33.67 21.04
CA GLU C 427 -1.60 -32.78 22.02
C GLU C 427 -0.51 -33.47 22.83
N CYS C 428 -0.51 -34.81 22.88
CA CYS C 428 0.59 -35.51 23.51
C CYS C 428 1.81 -35.55 22.60
N LYS C 429 1.60 -35.69 21.29
CA LYS C 429 2.73 -35.74 20.37
C LYS C 429 3.41 -34.38 20.24
N SER C 430 2.66 -33.29 20.37
CA SER C 430 3.25 -31.96 20.38
C SER C 430 3.87 -31.59 21.73
N GLY C 431 3.66 -32.41 22.75
CA GLY C 431 4.30 -32.20 24.04
C GLY C 431 3.62 -31.23 24.97
N ILE C 432 2.45 -30.70 24.62
CA ILE C 432 1.75 -29.78 25.52
C ILE C 432 0.80 -30.50 26.47
N ARG C 433 0.61 -31.80 26.31
CA ARG C 433 -0.28 -32.58 27.15
C ARG C 433 0.44 -33.84 27.59
N LYS C 434 0.42 -34.11 28.89
CA LYS C 434 1.03 -35.34 29.40
C LYS C 434 0.22 -36.55 28.94
N TRP C 435 0.89 -37.71 28.88
CA TRP C 435 0.25 -38.90 28.34
C TRP C 435 -0.95 -39.33 29.17
N TYR C 436 -0.93 -39.06 30.48
CA TYR C 436 -2.00 -39.51 31.37
C TYR C 436 -3.09 -38.46 31.56
N GLU C 437 -2.94 -37.27 31.02
CA GLU C 437 -3.93 -36.22 31.21
C GLU C 437 -5.08 -36.37 30.23
N LEU C 438 -6.25 -35.84 30.61
CA LEU C 438 -7.37 -35.78 29.69
C LEU C 438 -7.02 -34.88 28.51
N GLN C 439 -7.46 -35.28 27.31
CA GLN C 439 -7.11 -34.51 26.13
C GLN C 439 -7.75 -33.13 26.17
N TRP C 440 -9.04 -33.05 26.44
CA TRP C 440 -9.75 -31.77 26.61
C TRP C 440 -10.51 -31.83 27.93
N GLY C 441 -9.86 -31.41 29.01
CA GLY C 441 -10.44 -31.51 30.34
C GLY C 441 -11.39 -30.39 30.71
N ARG C 442 -11.49 -29.35 29.88
CA ARG C 442 -12.41 -28.23 30.08
C ARG C 442 -12.10 -27.57 31.42
N GLU C 443 -13.12 -26.98 32.04
CA GLU C 443 -13.00 -26.34 33.36
C GLU C 443 -13.94 -27.02 34.33
N LYS C 444 -13.40 -27.49 35.45
CA LYS C 444 -14.23 -28.18 36.44
C LYS C 444 -15.32 -27.26 36.99
N LEU C 445 -15.00 -25.98 37.19
CA LEU C 445 -15.96 -25.04 37.73
C LEU C 445 -17.20 -24.91 36.86
N PHE C 446 -17.11 -25.25 35.57
CA PHE C 446 -18.30 -25.22 34.73
C PHE C 446 -19.23 -26.39 35.00
N PHE C 447 -18.68 -27.59 35.19
CA PHE C 447 -19.51 -28.77 35.43
C PHE C 447 -20.03 -28.81 36.85
N GLU C 448 -19.23 -28.38 37.82
CA GLU C 448 -19.57 -28.53 39.25
C GLU C 448 -20.42 -27.36 39.72
N ARG C 449 -21.62 -27.27 39.13
CA ARG C 449 -22.56 -26.22 39.48
C ARG C 449 -23.94 -26.64 38.97
N LYS C 450 -24.97 -25.91 39.41
CA LYS C 450 -26.30 -26.11 38.88
C LYS C 450 -26.32 -25.72 37.41
N LYS C 451 -26.85 -26.60 36.56
CA LYS C 451 -26.80 -26.37 35.12
C LYS C 451 -27.85 -27.24 34.43
N ILE C 452 -28.06 -26.97 33.15
CA ILE C 452 -28.98 -27.71 32.30
C ILE C 452 -28.17 -28.55 31.33
N MET C 453 -28.54 -29.83 31.19
CA MET C 453 -27.85 -30.73 30.28
C MET C 453 -28.86 -31.35 29.33
N TYR C 454 -28.38 -31.72 28.13
CA TYR C 454 -29.24 -32.31 27.11
C TYR C 454 -28.40 -33.21 26.21
N PRO C 455 -28.97 -34.29 25.70
CA PRO C 455 -28.19 -35.19 24.84
C PRO C 455 -27.88 -34.57 23.50
N TYR C 456 -26.72 -34.96 22.94
CA TYR C 456 -26.29 -34.37 21.68
C TYR C 456 -27.07 -34.91 20.49
N LYS C 457 -27.71 -36.06 20.65
CA LYS C 457 -28.51 -36.69 19.61
C LYS C 457 -29.73 -37.33 20.28
N SER C 458 -30.92 -37.00 19.80
CA SER C 458 -32.14 -37.44 20.46
C SER C 458 -33.31 -37.35 19.49
N ASN C 459 -34.42 -37.98 19.87
CA ASN C 459 -35.66 -37.92 19.12
C ASN C 459 -36.53 -36.73 19.50
N GLU C 460 -36.27 -36.08 20.63
CA GLU C 460 -37.14 -35.03 21.14
C GLU C 460 -36.33 -34.13 22.06
N ASN C 461 -36.90 -32.97 22.36
CA ASN C 461 -36.28 -32.06 23.32
C ASN C 461 -36.22 -32.73 24.69
N ARG C 462 -35.00 -32.91 25.20
CA ARG C 462 -34.76 -33.51 26.51
C ARG C 462 -33.78 -32.60 27.25
N PHE C 463 -34.32 -31.59 27.93
CA PHE C 463 -33.52 -30.64 28.69
C PHE C 463 -33.75 -30.88 30.18
N ALA C 464 -32.67 -31.18 30.90
CA ALA C 464 -32.76 -31.58 32.30
C ALA C 464 -31.90 -30.67 33.17
N ILE C 465 -32.39 -30.37 34.36
CA ILE C 465 -31.59 -29.68 35.36
C ILE C 465 -30.70 -30.70 36.06
N ASP C 466 -29.41 -30.41 36.14
CA ASP C 466 -28.46 -31.25 36.87
C ASP C 466 -28.22 -30.65 38.24
N TYR C 467 -28.48 -31.44 39.29
CA TYR C 467 -28.24 -31.04 40.67
C TYR C 467 -27.01 -31.70 41.28
N ASP C 468 -26.35 -32.62 40.57
CA ASP C 468 -25.37 -33.52 41.18
C ASP C 468 -23.96 -33.35 40.62
N ASN C 469 -23.67 -32.20 40.00
CA ASN C 469 -22.33 -31.93 39.47
C ASN C 469 -21.87 -33.03 38.52
N ASN C 470 -22.74 -33.38 37.57
CA ASN C 470 -22.45 -34.47 36.66
C ASN C 470 -21.48 -34.02 35.57
N PHE C 471 -20.47 -34.85 35.30
CA PHE C 471 -19.61 -34.70 34.14
C PHE C 471 -20.11 -35.61 33.02
N SER C 472 -19.71 -35.29 31.80
CA SER C 472 -20.14 -36.08 30.65
C SER C 472 -19.13 -35.93 29.53
N SER C 473 -19.21 -36.82 28.56
CA SER C 473 -18.44 -36.70 27.34
C SER C 473 -19.13 -35.71 26.40
N ALA C 474 -18.70 -35.69 25.14
CA ALA C 474 -19.30 -34.79 24.16
C ALA C 474 -20.68 -35.24 23.70
N ASP C 475 -21.16 -36.39 24.15
CA ASP C 475 -22.51 -36.84 23.84
C ASP C 475 -23.57 -36.13 24.67
N VAL C 476 -23.17 -35.30 25.64
CA VAL C 476 -24.09 -34.50 26.43
C VAL C 476 -23.57 -33.08 26.47
N TYR C 477 -24.40 -32.11 26.10
CA TYR C 477 -24.05 -30.69 26.18
C TYR C 477 -24.65 -30.08 27.43
N SER C 478 -24.05 -28.97 27.87
CA SER C 478 -24.46 -28.29 29.08
C SER C 478 -24.48 -26.79 28.83
N PHE C 479 -25.32 -26.08 29.60
CA PHE C 479 -25.21 -24.64 29.69
C PHE C 479 -25.70 -24.19 31.06
N PHE C 480 -25.24 -23.01 31.48
CA PHE C 480 -25.71 -22.37 32.70
C PHE C 480 -26.05 -20.90 32.38
N ILE C 481 -26.94 -20.35 33.20
CA ILE C 481 -27.44 -18.99 32.97
C ILE C 481 -26.39 -17.98 33.41
N LYS C 482 -26.23 -16.92 32.61
CA LYS C 482 -25.32 -15.84 32.96
C LYS C 482 -25.78 -15.16 34.25
N GLU C 483 -24.81 -14.67 35.03
CA GLU C 483 -25.11 -14.06 36.31
C GLU C 483 -26.03 -12.85 36.16
N GLU C 484 -25.88 -12.09 35.06
CA GLU C 484 -26.70 -10.91 34.88
C GLU C 484 -28.13 -11.24 34.49
N TYR C 485 -28.40 -12.46 34.03
CA TYR C 485 -29.74 -12.86 33.63
C TYR C 485 -30.43 -13.74 34.67
N LEU C 486 -29.81 -13.96 35.83
CA LEU C 486 -30.42 -14.84 36.82
C LEU C 486 -31.70 -14.26 37.40
N ASP C 487 -31.83 -12.93 37.43
CA ASP C 487 -33.04 -12.32 37.94
C ASP C 487 -34.17 -12.26 36.90
N LYS C 488 -33.88 -12.59 35.64
CA LYS C 488 -34.90 -12.64 34.60
C LYS C 488 -35.32 -14.06 34.25
N PHE C 489 -34.40 -15.01 34.28
CA PHE C 489 -34.67 -16.39 33.89
C PHE C 489 -34.15 -17.34 34.96
N SER C 490 -34.88 -18.43 35.16
CA SER C 490 -34.51 -19.48 36.09
C SER C 490 -34.36 -20.80 35.35
N TYR C 491 -33.63 -21.73 35.97
CA TYR C 491 -33.47 -23.05 35.36
C TYR C 491 -34.79 -23.80 35.28
N GLU C 492 -35.67 -23.60 36.27
CA GLU C 492 -36.98 -24.26 36.25
C GLU C 492 -37.84 -23.74 35.11
N TYR C 493 -37.83 -22.43 34.88
CA TYR C 493 -38.58 -21.87 33.76
C TYR C 493 -38.04 -22.37 32.44
N LEU C 494 -36.72 -22.40 32.28
CA LEU C 494 -36.12 -22.75 31.00
C LEU C 494 -36.43 -24.19 30.61
N VAL C 495 -36.29 -25.13 31.55
CA VAL C 495 -36.63 -26.52 31.22
C VAL C 495 -38.12 -26.66 30.99
N GLY C 496 -38.93 -25.79 31.59
CA GLY C 496 -40.36 -25.83 31.34
C GLY C 496 -40.70 -25.56 29.88
N ILE C 497 -40.14 -24.48 29.33
CA ILE C 497 -40.50 -24.14 27.96
C ILE C 497 -39.70 -24.97 26.96
N LEU C 498 -38.45 -25.33 27.29
CA LEU C 498 -37.62 -26.07 26.34
C LEU C 498 -38.14 -27.49 26.13
N ASN C 499 -38.81 -28.06 27.12
CA ASN C 499 -39.36 -29.41 27.01
C ASN C 499 -40.81 -29.44 26.52
N SER C 500 -41.38 -28.29 26.21
CA SER C 500 -42.79 -28.22 25.85
C SER C 500 -43.02 -28.72 24.43
N SER C 501 -44.28 -29.03 24.14
CA SER C 501 -44.64 -29.47 22.79
C SER C 501 -44.39 -28.36 21.78
N VAL C 502 -44.62 -27.10 22.16
CA VAL C 502 -44.37 -25.98 21.27
C VAL C 502 -42.90 -25.95 20.85
N TYR C 503 -42.00 -26.01 21.82
CA TYR C 503 -40.58 -25.87 21.52
C TYR C 503 -39.99 -27.13 20.89
N ASP C 504 -40.57 -28.30 21.15
CA ASP C 504 -40.14 -29.49 20.46
C ASP C 504 -40.39 -29.38 18.96
N LYS C 505 -41.58 -28.92 18.58
CA LYS C 505 -41.88 -28.68 17.18
C LYS C 505 -41.08 -27.51 16.63
N TYR C 506 -40.91 -26.46 17.44
CA TYR C 506 -40.20 -25.27 16.99
C TYR C 506 -38.74 -25.57 16.66
N PHE C 507 -38.07 -26.36 17.51
CA PHE C 507 -36.67 -26.69 17.24
C PHE C 507 -36.53 -27.57 16.00
N LYS C 508 -37.42 -28.56 15.85
CA LYS C 508 -37.29 -29.51 14.75
C LYS C 508 -37.56 -28.91 13.38
N ILE C 509 -38.08 -27.68 13.32
CA ILE C 509 -38.28 -27.03 12.03
C ILE C 509 -36.94 -26.82 11.32
N THR C 510 -35.90 -26.46 12.08
CA THR C 510 -34.59 -26.21 11.51
C THR C 510 -33.53 -27.19 11.98
N ALA C 511 -33.88 -28.14 12.84
CA ALA C 511 -32.90 -29.07 13.38
C ALA C 511 -32.32 -29.96 12.28
N LYS C 512 -31.12 -30.45 12.52
CA LYS C 512 -30.38 -31.29 11.59
C LYS C 512 -30.80 -32.75 11.79
N LYS C 513 -31.50 -33.30 10.80
CA LYS C 513 -31.96 -34.69 10.87
C LYS C 513 -30.80 -35.63 10.52
N MET C 514 -30.42 -36.47 11.48
CA MET C 514 -29.22 -37.32 11.35
C MET C 514 -29.55 -38.72 10.88
N SER C 515 -30.39 -39.43 11.62
CA SER C 515 -30.79 -40.79 11.28
C SER C 515 -32.23 -40.97 11.73
N LYS C 516 -32.75 -42.18 11.55
CA LYS C 516 -34.13 -42.46 11.94
C LYS C 516 -34.34 -42.12 13.40
N ASN C 517 -35.28 -41.20 13.64
CA ASN C 517 -35.67 -40.78 14.99
C ASN C 517 -34.53 -40.11 15.77
N ILE C 518 -33.56 -39.53 15.07
CA ILE C 518 -32.44 -38.86 15.73
C ILE C 518 -32.20 -37.51 15.08
N TYR C 519 -32.29 -36.44 15.88
CA TYR C 519 -31.87 -35.10 15.49
C TYR C 519 -30.59 -34.73 16.22
N ASP C 520 -29.78 -33.87 15.60
CA ASP C 520 -28.64 -33.29 16.30
C ASP C 520 -29.12 -32.21 17.27
N TYR C 521 -28.76 -32.34 18.53
CA TYR C 521 -28.96 -31.29 19.52
C TYR C 521 -27.56 -30.76 19.87
N TYR C 522 -27.09 -29.83 19.05
CA TYR C 522 -25.78 -29.20 19.18
C TYR C 522 -25.95 -27.71 19.44
N PRO C 523 -24.99 -27.09 20.12
CA PRO C 523 -25.12 -25.65 20.42
C PRO C 523 -25.28 -24.78 19.19
N ASN C 524 -24.71 -25.18 18.05
CA ASN C 524 -24.80 -24.32 16.86
C ASN C 524 -26.24 -24.10 16.42
N LYS C 525 -27.17 -24.96 16.84
CA LYS C 525 -28.59 -24.67 16.68
C LYS C 525 -29.35 -24.51 17.99
N VAL C 526 -28.96 -25.23 19.05
CA VAL C 526 -29.67 -25.13 20.33
C VAL C 526 -29.52 -23.72 20.90
N MET C 527 -28.33 -23.14 20.81
CA MET C 527 -28.13 -21.80 21.36
C MET C 527 -28.84 -20.72 20.56
N LYS C 528 -29.38 -21.05 19.39
CA LYS C 528 -30.18 -20.10 18.61
C LYS C 528 -31.66 -20.18 18.95
N ILE C 529 -32.07 -21.11 19.83
CA ILE C 529 -33.46 -21.18 20.26
C ILE C 529 -33.83 -19.88 20.96
N ARG C 530 -34.95 -19.29 20.58
CA ARG C 530 -35.36 -17.99 21.08
C ARG C 530 -36.35 -18.14 22.23
N ILE C 531 -36.23 -17.25 23.21
CA ILE C 531 -36.91 -17.37 24.51
C ILE C 531 -37.71 -16.10 24.75
N PHE C 532 -38.83 -16.25 25.46
CA PHE C 532 -39.70 -15.13 25.80
C PHE C 532 -39.83 -15.01 27.31
N ARG C 533 -40.43 -13.90 27.74
CA ARG C 533 -40.64 -13.63 29.16
C ARG C 533 -41.78 -12.63 29.28
N ASP C 534 -42.91 -13.05 29.83
CA ASP C 534 -44.09 -12.20 29.92
C ASP C 534 -44.88 -12.59 31.18
N ASN C 535 -46.16 -12.20 31.23
CA ASN C 535 -46.96 -12.37 32.42
C ASN C 535 -47.22 -13.84 32.77
N ASN C 536 -47.03 -14.76 31.83
CA ASN C 536 -47.21 -16.18 32.12
C ASN C 536 -46.00 -16.82 32.77
N TYR C 537 -44.95 -16.04 33.06
CA TYR C 537 -43.68 -16.60 33.55
C TYR C 537 -43.89 -17.35 34.86
N GLU C 538 -44.62 -16.75 35.80
CA GLU C 538 -44.71 -17.32 37.14
C GLU C 538 -45.43 -18.67 37.14
N GLU C 539 -46.51 -18.79 36.37
CA GLU C 539 -47.25 -20.04 36.37
C GLU C 539 -46.54 -21.12 35.55
N ILE C 540 -45.87 -20.73 34.46
CA ILE C 540 -45.06 -21.68 33.72
C ILE C 540 -43.95 -22.24 34.61
N GLU C 541 -43.27 -21.35 35.33
CA GLU C 541 -42.23 -21.79 36.26
C GLU C 541 -42.83 -22.66 37.36
N ASN C 542 -43.99 -22.26 37.90
CA ASN C 542 -44.64 -23.03 38.95
C ASN C 542 -45.01 -24.43 38.47
N LEU C 543 -45.56 -24.53 37.26
CA LEU C 543 -45.90 -25.84 36.71
C LEU C 543 -44.66 -26.70 36.51
N SER C 544 -43.57 -26.08 36.06
CA SER C 544 -42.32 -26.81 35.89
C SER C 544 -41.81 -27.35 37.24
N LYS C 545 -41.89 -26.53 38.29
CA LYS C 545 -41.45 -26.97 39.61
C LYS C 545 -42.32 -28.14 40.11
N GLN C 546 -43.63 -28.08 39.85
CA GLN C 546 -44.49 -29.20 40.23
C GLN C 546 -44.11 -30.46 39.47
N ILE C 547 -43.81 -30.35 38.17
CA ILE C 547 -43.44 -31.51 37.38
C ILE C 547 -42.15 -32.13 37.91
N ILE C 548 -41.16 -31.29 38.22
CA ILE C 548 -39.89 -31.79 38.75
C ILE C 548 -40.12 -32.52 40.07
N SER C 549 -40.97 -31.97 40.93
CA SER C 549 -41.24 -32.60 42.22
C SER C 549 -41.82 -33.99 42.05
N ILE C 550 -42.78 -34.15 41.13
CA ILE C 550 -43.38 -35.47 40.90
C ILE C 550 -42.34 -36.44 40.32
N LEU C 551 -41.53 -35.97 39.37
CA LEU C 551 -40.56 -36.86 38.74
C LEU C 551 -39.49 -37.32 39.73
N LEU C 552 -39.23 -36.54 40.78
CA LEU C 552 -38.24 -36.90 41.78
C LEU C 552 -38.84 -37.68 42.95
N ASN C 553 -40.16 -37.82 43.01
CA ASN C 553 -40.79 -38.48 44.15
C ASN C 553 -40.77 -40.00 43.98
N LYS C 554 -41.04 -40.69 45.10
CA LYS C 554 -40.97 -42.15 45.09
C LYS C 554 -42.03 -42.75 44.18
N SER C 555 -43.27 -42.26 44.26
CA SER C 555 -44.38 -42.76 43.46
C SER C 555 -44.77 -41.68 42.44
N ILE C 556 -44.57 -41.97 41.17
CA ILE C 556 -44.76 -41.01 40.09
C ILE C 556 -46.10 -41.30 39.41
N ASP C 557 -46.95 -40.28 39.37
CA ASP C 557 -48.20 -40.35 38.62
C ASP C 557 -47.94 -39.76 37.23
N LYS C 558 -47.80 -40.63 36.24
CA LYS C 558 -47.52 -40.17 34.88
C LYS C 558 -48.65 -39.32 34.34
N GLY C 559 -49.89 -39.69 34.65
CA GLY C 559 -51.02 -38.90 34.20
C GLY C 559 -51.10 -37.53 34.86
N LYS C 560 -50.57 -37.41 36.08
CA LYS C 560 -50.55 -36.11 36.73
C LYS C 560 -49.55 -35.17 36.07
N VAL C 561 -48.39 -35.71 35.67
CA VAL C 561 -47.42 -34.90 34.94
C VAL C 561 -48.00 -34.42 33.61
N GLU C 562 -48.68 -35.32 32.89
CA GLU C 562 -49.20 -34.98 31.57
C GLU C 562 -50.16 -33.79 31.64
N LYS C 563 -51.08 -33.82 32.60
CA LYS C 563 -52.01 -32.71 32.77
C LYS C 563 -51.28 -31.40 33.07
N LEU C 564 -50.25 -31.47 33.92
CA LEU C 564 -49.45 -30.28 34.21
C LEU C 564 -48.73 -29.78 32.97
N GLN C 565 -48.17 -30.70 32.18
CA GLN C 565 -47.47 -30.30 30.95
C GLN C 565 -48.42 -29.65 29.96
N ILE C 566 -49.64 -30.17 29.86
CA ILE C 566 -50.62 -29.60 28.93
C ILE C 566 -50.99 -28.17 29.34
N LYS C 567 -51.21 -27.95 30.63
CA LYS C 567 -51.49 -26.59 31.11
C LYS C 567 -50.34 -25.66 30.76
N MET C 568 -49.11 -26.12 30.91
CA MET C 568 -47.96 -25.29 30.56
C MET C 568 -47.92 -25.01 29.05
N ASP C 569 -48.21 -26.03 28.23
CA ASP C 569 -48.22 -25.83 26.79
C ASP C 569 -49.26 -24.79 26.38
N ASN C 570 -50.43 -24.81 27.01
CA ASN C 570 -51.46 -23.82 26.69
C ASN C 570 -50.99 -22.40 27.02
N LEU C 571 -50.31 -22.23 28.15
CA LEU C 571 -49.80 -20.90 28.49
C LEU C 571 -48.75 -20.43 27.48
N ILE C 572 -47.87 -21.34 27.06
CA ILE C 572 -46.83 -20.98 26.08
C ILE C 572 -47.47 -20.58 24.75
N MET C 573 -48.48 -21.32 24.30
CA MET C 573 -49.18 -20.96 23.07
C MET C 573 -49.88 -19.61 23.21
N ASP C 574 -50.49 -19.36 24.36
CA ASP C 574 -51.09 -18.05 24.62
C ASP C 574 -50.03 -16.95 24.58
N SER C 575 -48.86 -17.22 25.15
CA SER C 575 -47.78 -16.23 25.15
C SER C 575 -47.29 -15.92 23.75
N LEU C 576 -47.15 -16.94 22.91
CA LEU C 576 -46.60 -16.77 21.57
C LEU C 576 -47.68 -16.55 20.51
N GLY C 577 -48.94 -16.49 20.89
CA GLY C 577 -50.01 -16.31 19.93
C GLY C 577 -50.17 -17.47 18.96
N ILE C 578 -50.04 -18.70 19.46
CA ILE C 578 -50.17 -19.87 18.61
C ILE C 578 -51.56 -20.47 18.75
#